data_1VRK
# 
_entry.id   1VRK 
# 
_audit_conform.dict_name       mmcif_pdbx.dic 
_audit_conform.dict_version    5.397 
_audit_conform.dict_location   http://mmcif.pdb.org/dictionaries/ascii/mmcif_pdbx.dic 
# 
loop_
_database_2.database_id 
_database_2.database_code 
_database_2.pdbx_database_accession 
_database_2.pdbx_DOI 
PDB   1VRK         pdb_00001vrk 10.2210/pdb1vrk/pdb 
WWPDB D_1000177105 ?            ?                   
# 
loop_
_pdbx_audit_revision_history.ordinal 
_pdbx_audit_revision_history.data_content_type 
_pdbx_audit_revision_history.major_revision 
_pdbx_audit_revision_history.minor_revision 
_pdbx_audit_revision_history.revision_date 
1 'Structure model' 1 0 1999-04-27 
2 'Structure model' 1 1 2008-03-24 
3 'Structure model' 1 2 2011-07-13 
4 'Structure model' 1 3 2023-08-09 
5 'Structure model' 1 4 2024-10-30 
# 
_pdbx_audit_revision_details.ordinal             1 
_pdbx_audit_revision_details.revision_ordinal    1 
_pdbx_audit_revision_details.data_content_type   'Structure model' 
_pdbx_audit_revision_details.provider            repository 
_pdbx_audit_revision_details.type                'Initial release' 
_pdbx_audit_revision_details.description         ? 
_pdbx_audit_revision_details.details             ? 
# 
loop_
_pdbx_audit_revision_group.ordinal 
_pdbx_audit_revision_group.revision_ordinal 
_pdbx_audit_revision_group.data_content_type 
_pdbx_audit_revision_group.group 
1 2 'Structure model' 'Version format compliance' 
2 3 'Structure model' 'Version format compliance' 
3 4 'Structure model' 'Database references'       
4 4 'Structure model' 'Derived calculations'      
5 4 'Structure model' Other                       
6 4 'Structure model' 'Refinement description'    
7 5 'Structure model' 'Data collection'           
8 5 'Structure model' 'Structure summary'         
# 
loop_
_pdbx_audit_revision_category.ordinal 
_pdbx_audit_revision_category.revision_ordinal 
_pdbx_audit_revision_category.data_content_type 
_pdbx_audit_revision_category.category 
1  4 'Structure model' database_2                    
2  4 'Structure model' pdbx_database_status          
3  4 'Structure model' pdbx_initial_refinement_model 
4  4 'Structure model' pdbx_struct_conn_angle        
5  4 'Structure model' struct_conn                   
6  4 'Structure model' struct_site                   
7  5 'Structure model' chem_comp_atom                
8  5 'Structure model' chem_comp_bond                
9  5 'Structure model' pdbx_entry_details            
10 5 'Structure model' pdbx_modification_feature     
# 
loop_
_pdbx_audit_revision_item.ordinal 
_pdbx_audit_revision_item.revision_ordinal 
_pdbx_audit_revision_item.data_content_type 
_pdbx_audit_revision_item.item 
1  4 'Structure model' '_database_2.pdbx_DOI'                         
2  4 'Structure model' '_database_2.pdbx_database_accession'          
3  4 'Structure model' '_pdbx_database_status.process_site'           
4  4 'Structure model' '_pdbx_struct_conn_angle.ptnr1_auth_comp_id'   
5  4 'Structure model' '_pdbx_struct_conn_angle.ptnr1_auth_seq_id'    
6  4 'Structure model' '_pdbx_struct_conn_angle.ptnr1_label_asym_id'  
7  4 'Structure model' '_pdbx_struct_conn_angle.ptnr1_label_atom_id'  
8  4 'Structure model' '_pdbx_struct_conn_angle.ptnr1_label_comp_id'  
9  4 'Structure model' '_pdbx_struct_conn_angle.ptnr1_label_seq_id'   
10 4 'Structure model' '_pdbx_struct_conn_angle.ptnr3_auth_comp_id'   
11 4 'Structure model' '_pdbx_struct_conn_angle.ptnr3_auth_seq_id'    
12 4 'Structure model' '_pdbx_struct_conn_angle.ptnr3_label_asym_id'  
13 4 'Structure model' '_pdbx_struct_conn_angle.ptnr3_label_atom_id'  
14 4 'Structure model' '_pdbx_struct_conn_angle.ptnr3_label_comp_id'  
15 4 'Structure model' '_pdbx_struct_conn_angle.ptnr3_label_seq_id'   
16 4 'Structure model' '_pdbx_struct_conn_angle.value'                
17 4 'Structure model' '_struct_conn.pdbx_dist_value'                 
18 4 'Structure model' '_struct_conn.pdbx_leaving_atom_flag'          
19 4 'Structure model' '_struct_conn.ptnr1_auth_comp_id'              
20 4 'Structure model' '_struct_conn.ptnr1_auth_seq_id'               
21 4 'Structure model' '_struct_conn.ptnr1_label_asym_id'             
22 4 'Structure model' '_struct_conn.ptnr1_label_atom_id'             
23 4 'Structure model' '_struct_conn.ptnr1_label_comp_id'             
24 4 'Structure model' '_struct_conn.ptnr1_label_seq_id'              
25 4 'Structure model' '_struct_conn.ptnr2_auth_comp_id'              
26 4 'Structure model' '_struct_conn.ptnr2_auth_seq_id'               
27 4 'Structure model' '_struct_conn.ptnr2_label_asym_id'             
28 4 'Structure model' '_struct_conn.ptnr2_label_atom_id'             
29 4 'Structure model' '_struct_conn.ptnr2_label_comp_id'             
30 4 'Structure model' '_struct_conn.ptnr2_label_seq_id'              
31 4 'Structure model' '_struct_site.pdbx_auth_asym_id'               
32 4 'Structure model' '_struct_site.pdbx_auth_comp_id'               
33 4 'Structure model' '_struct_site.pdbx_auth_seq_id'                
34 5 'Structure model' '_pdbx_entry_details.has_protein_modification' 
# 
_pdbx_database_status.status_code                     REL 
_pdbx_database_status.entry_id                        1VRK 
_pdbx_database_status.recvd_initial_deposition_date   1997-09-24 
_pdbx_database_status.deposit_site                    ? 
_pdbx_database_status.process_site                    BNL 
_pdbx_database_status.status_code_sf                  REL 
_pdbx_database_status.status_code_mr                  ? 
_pdbx_database_status.SG_entry                        ? 
_pdbx_database_status.pdb_format_compatible           Y 
_pdbx_database_status.status_code_cs                  ? 
_pdbx_database_status.status_code_nmr_data            ? 
_pdbx_database_status.methods_development_category    ? 
# 
loop_
_audit_author.name 
_audit_author.pdbx_ordinal 
'Weigand, S.'    1 
'Anderson, W.F.' 2 
# 
loop_
_citation.id 
_citation.title 
_citation.journal_abbrev 
_citation.journal_volume 
_citation.page_first 
_citation.page_last 
_citation.year 
_citation.journal_id_ASTM 
_citation.country 
_citation.journal_id_ISSN 
_citation.journal_id_CSD 
_citation.book_publisher 
_citation.pdbx_database_id_PubMed 
_citation.pdbx_database_id_DOI 
primary 
;Analysis of the functional coupling between calmodulin's calcium binding and peptide recognition properties.
;
Biochemistry 38  3936 3947 1999 BICHAW US 0006-2960 0033 ? 10194305 10.1021/bi9821263 
1       'Target Enzyme Recognition by Calmodulin: 2.4 A Structure of a Calmodulin-Peptide Complex'                     Science 257 
1251 ?    1992 SCIEAS US 0036-8075 0038 ? ?        ?                 
# 
loop_
_citation_author.citation_id 
_citation_author.name 
_citation_author.ordinal 
_citation_author.identifier_ORCID 
primary 'Mirzoeva, S.'    1 ? 
primary 'Weigand, S.'     2 ? 
primary 'Lukas, T.J.'     3 ? 
primary 'Shuvalova, L.'   4 ? 
primary 'Anderson, W.F.'  5 ? 
primary 'Watterson, D.M.' 6 ? 
1       'Meador, W.E.'    7 ? 
1       'Means, A.R.'     8 ? 
1       'Quiocho, F.A.'   9 ? 
# 
loop_
_entity.id 
_entity.type 
_entity.src_method 
_entity.pdbx_description 
_entity.formula_weight 
_entity.pdbx_number_of_molecules 
_entity.pdbx_ec 
_entity.pdbx_mutation 
_entity.pdbx_fragment 
_entity.details 
1 polymer     man CALMODULIN    16642.338 1   ?         E84K ? ?                        
2 polymer     man RS20          2327.696  1   2.7.1.117 ?    ? 'TRP 4 IS NE-FORMYLATED' 
3 non-polymer syn 'CALCIUM ION' 40.078    4   ?         ?    ? ?                        
4 non-polymer syn 'ACETATE ION' 59.044    1   ?         ?    ? ?                        
5 water       nat water         18.015    141 ?         ?    ? ?                        
# 
loop_
_entity_poly.entity_id 
_entity_poly.type 
_entity_poly.nstd_linkage 
_entity_poly.nstd_monomer 
_entity_poly.pdbx_seq_one_letter_code 
_entity_poly.pdbx_seq_one_letter_code_can 
_entity_poly.pdbx_strand_id 
_entity_poly.pdbx_target_identifier 
1 'polypeptide(L)' no no  
;ADQLTDEQIAEFKEAFSLFDKDGDGTITTKELGTVMRSLGQNPTEAELQDMINEVDADGNGTIDFPEFLNLMARKMKDTD
SEEKLKEAFRVFDKDGNGFISAAELRHVMTNLGEKLTDEEVDEMIREADVDGDGQVNYEEFVQVMMAK
;
;ADQLTDEQIAEFKEAFSLFDKDGDGTITTKELGTVMRSLGQNPTEAELQDMINEVDADGNGTIDFPEFLNLMARKMKDTD
SEEKLKEAFRVFDKDGNGFISAAELRHVMTNLGEKLTDEEVDEMIREADVDGDGQVNYEEFVQVMMAK
;
A ? 
2 'polypeptide(L)' no yes 'RRK(TRF)QKTGHAVRAIGRLSSS(NH2)' RRKWQKTGHAVRAIGRLSSSX B ? 
# 
loop_
_pdbx_entity_nonpoly.entity_id 
_pdbx_entity_nonpoly.name 
_pdbx_entity_nonpoly.comp_id 
3 'CALCIUM ION' CA  
4 'ACETATE ION' ACT 
5 water         HOH 
# 
loop_
_entity_poly_seq.entity_id 
_entity_poly_seq.num 
_entity_poly_seq.mon_id 
_entity_poly_seq.hetero 
1 1   ALA n 
1 2   ASP n 
1 3   GLN n 
1 4   LEU n 
1 5   THR n 
1 6   ASP n 
1 7   GLU n 
1 8   GLN n 
1 9   ILE n 
1 10  ALA n 
1 11  GLU n 
1 12  PHE n 
1 13  LYS n 
1 14  GLU n 
1 15  ALA n 
1 16  PHE n 
1 17  SER n 
1 18  LEU n 
1 19  PHE n 
1 20  ASP n 
1 21  LYS n 
1 22  ASP n 
1 23  GLY n 
1 24  ASP n 
1 25  GLY n 
1 26  THR n 
1 27  ILE n 
1 28  THR n 
1 29  THR n 
1 30  LYS n 
1 31  GLU n 
1 32  LEU n 
1 33  GLY n 
1 34  THR n 
1 35  VAL n 
1 36  MET n 
1 37  ARG n 
1 38  SER n 
1 39  LEU n 
1 40  GLY n 
1 41  GLN n 
1 42  ASN n 
1 43  PRO n 
1 44  THR n 
1 45  GLU n 
1 46  ALA n 
1 47  GLU n 
1 48  LEU n 
1 49  GLN n 
1 50  ASP n 
1 51  MET n 
1 52  ILE n 
1 53  ASN n 
1 54  GLU n 
1 55  VAL n 
1 56  ASP n 
1 57  ALA n 
1 58  ASP n 
1 59  GLY n 
1 60  ASN n 
1 61  GLY n 
1 62  THR n 
1 63  ILE n 
1 64  ASP n 
1 65  PHE n 
1 66  PRO n 
1 67  GLU n 
1 68  PHE n 
1 69  LEU n 
1 70  ASN n 
1 71  LEU n 
1 72  MET n 
1 73  ALA n 
1 74  ARG n 
1 75  LYS n 
1 76  MET n 
1 77  LYS n 
1 78  ASP n 
1 79  THR n 
1 80  ASP n 
1 81  SER n 
1 82  GLU n 
1 83  GLU n 
1 84  LYS n 
1 85  LEU n 
1 86  LYS n 
1 87  GLU n 
1 88  ALA n 
1 89  PHE n 
1 90  ARG n 
1 91  VAL n 
1 92  PHE n 
1 93  ASP n 
1 94  LYS n 
1 95  ASP n 
1 96  GLY n 
1 97  ASN n 
1 98  GLY n 
1 99  PHE n 
1 100 ILE n 
1 101 SER n 
1 102 ALA n 
1 103 ALA n 
1 104 GLU n 
1 105 LEU n 
1 106 ARG n 
1 107 HIS n 
1 108 VAL n 
1 109 MET n 
1 110 THR n 
1 111 ASN n 
1 112 LEU n 
1 113 GLY n 
1 114 GLU n 
1 115 LYS n 
1 116 LEU n 
1 117 THR n 
1 118 ASP n 
1 119 GLU n 
1 120 GLU n 
1 121 VAL n 
1 122 ASP n 
1 123 GLU n 
1 124 MET n 
1 125 ILE n 
1 126 ARG n 
1 127 GLU n 
1 128 ALA n 
1 129 ASP n 
1 130 VAL n 
1 131 ASP n 
1 132 GLY n 
1 133 ASP n 
1 134 GLY n 
1 135 GLN n 
1 136 VAL n 
1 137 ASN n 
1 138 TYR n 
1 139 GLU n 
1 140 GLU n 
1 141 PHE n 
1 142 VAL n 
1 143 GLN n 
1 144 VAL n 
1 145 MET n 
1 146 MET n 
1 147 ALA n 
1 148 LYS n 
2 1   ARG n 
2 2   ARG n 
2 3   LYS n 
2 4   TRF n 
2 5   GLN n 
2 6   LYS n 
2 7   THR n 
2 8   GLY n 
2 9   HIS n 
2 10  ALA n 
2 11  VAL n 
2 12  ARG n 
2 13  ALA n 
2 14  ILE n 
2 15  GLY n 
2 16  ARG n 
2 17  LEU n 
2 18  SER n 
2 19  SER n 
2 20  SER n 
2 21  NH2 n 
# 
_entity_src_gen.entity_id                          1 
_entity_src_gen.pdbx_src_id                        1 
_entity_src_gen.pdbx_alt_source_flag               sample 
_entity_src_gen.pdbx_seq_type                      ? 
_entity_src_gen.pdbx_beg_seq_num                   ? 
_entity_src_gen.pdbx_end_seq_num                   ? 
_entity_src_gen.gene_src_common_name               ? 
_entity_src_gen.gene_src_genus                     ? 
_entity_src_gen.pdbx_gene_src_gene                 ? 
_entity_src_gen.gene_src_species                   ? 
_entity_src_gen.gene_src_strain                    ? 
_entity_src_gen.gene_src_tissue                    ? 
_entity_src_gen.gene_src_tissue_fraction           ? 
_entity_src_gen.gene_src_details                   ? 
_entity_src_gen.pdbx_gene_src_fragment             ? 
_entity_src_gen.pdbx_gene_src_scientific_name      'synthetic construct' 
_entity_src_gen.pdbx_gene_src_ncbi_taxonomy_id     32630 
_entity_src_gen.pdbx_gene_src_variant              ? 
_entity_src_gen.pdbx_gene_src_cell_line            ? 
_entity_src_gen.pdbx_gene_src_atcc                 ? 
_entity_src_gen.pdbx_gene_src_organ                ? 
_entity_src_gen.pdbx_gene_src_organelle            ? 
_entity_src_gen.pdbx_gene_src_cell                 ? 
_entity_src_gen.pdbx_gene_src_cellular_location    ? 
_entity_src_gen.host_org_common_name               ? 
_entity_src_gen.pdbx_host_org_scientific_name      'Escherichia coli' 
_entity_src_gen.pdbx_host_org_ncbi_taxonomy_id     562 
_entity_src_gen.host_org_genus                     Escherichia 
_entity_src_gen.pdbx_host_org_gene                 ? 
_entity_src_gen.pdbx_host_org_organ                ? 
_entity_src_gen.host_org_species                   ? 
_entity_src_gen.pdbx_host_org_tissue               ? 
_entity_src_gen.pdbx_host_org_tissue_fraction      ? 
_entity_src_gen.pdbx_host_org_strain               UT481 
_entity_src_gen.pdbx_host_org_variant              ? 
_entity_src_gen.pdbx_host_org_cell_line            ? 
_entity_src_gen.pdbx_host_org_atcc                 ? 
_entity_src_gen.pdbx_host_org_culture_collection   ? 
_entity_src_gen.pdbx_host_org_cell                 ? 
_entity_src_gen.pdbx_host_org_organelle            ? 
_entity_src_gen.pdbx_host_org_cellular_location    ? 
_entity_src_gen.pdbx_host_org_vector_type          ? 
_entity_src_gen.pdbx_host_org_vector               ? 
_entity_src_gen.host_org_details                   ? 
_entity_src_gen.expression_system_id               ? 
_entity_src_gen.plasmid_name                       PVUCH-1 
_entity_src_gen.plasmid_details                    ? 
_entity_src_gen.pdbx_description                   'CONSENSUS SEQUENCE FROM A NUMBER OF SOURCES;' 
# 
loop_
_chem_comp.id 
_chem_comp.type 
_chem_comp.mon_nstd_flag 
_chem_comp.name 
_chem_comp.pdbx_synonyms 
_chem_comp.formula 
_chem_comp.formula_weight 
ACT non-polymer         . 'ACETATE ION'        ? 'C2 H3 O2 -1'    59.044  
ALA 'L-peptide linking' y ALANINE              ? 'C3 H7 N O2'     89.093  
ARG 'L-peptide linking' y ARGININE             ? 'C6 H15 N4 O2 1' 175.209 
ASN 'L-peptide linking' y ASPARAGINE           ? 'C4 H8 N2 O3'    132.118 
ASP 'L-peptide linking' y 'ASPARTIC ACID'      ? 'C4 H7 N O4'     133.103 
CA  non-polymer         . 'CALCIUM ION'        ? 'Ca 2'           40.078  
GLN 'L-peptide linking' y GLUTAMINE            ? 'C5 H10 N2 O3'   146.144 
GLU 'L-peptide linking' y 'GLUTAMIC ACID'      ? 'C5 H9 N O4'     147.129 
GLY 'peptide linking'   y GLYCINE              ? 'C2 H5 N O2'     75.067  
HIS 'L-peptide linking' y HISTIDINE            ? 'C6 H10 N3 O2 1' 156.162 
HOH non-polymer         . WATER                ? 'H2 O'           18.015  
ILE 'L-peptide linking' y ISOLEUCINE           ? 'C6 H13 N O2'    131.173 
LEU 'L-peptide linking' y LEUCINE              ? 'C6 H13 N O2'    131.173 
LYS 'L-peptide linking' y LYSINE               ? 'C6 H15 N2 O2 1' 147.195 
MET 'L-peptide linking' y METHIONINE           ? 'C5 H11 N O2 S'  149.211 
NH2 non-polymer         . 'AMINO GROUP'        ? 'H2 N'           16.023  
PHE 'L-peptide linking' y PHENYLALANINE        ? 'C9 H11 N O2'    165.189 
PRO 'L-peptide linking' y PROLINE              ? 'C5 H9 N O2'     115.130 
SER 'L-peptide linking' y SERINE               ? 'C3 H7 N O3'     105.093 
THR 'L-peptide linking' y THREONINE            ? 'C4 H9 N O3'     119.119 
TRF 'L-peptide linking' n N1-FORMYL-TRYPTOPHAN ? 'C12 H12 N2 O3'  232.235 
TYR 'L-peptide linking' y TYROSINE             ? 'C9 H11 N O3'    181.189 
VAL 'L-peptide linking' y VALINE               ? 'C5 H11 N O2'    117.146 
# 
loop_
_pdbx_poly_seq_scheme.asym_id 
_pdbx_poly_seq_scheme.entity_id 
_pdbx_poly_seq_scheme.seq_id 
_pdbx_poly_seq_scheme.mon_id 
_pdbx_poly_seq_scheme.ndb_seq_num 
_pdbx_poly_seq_scheme.pdb_seq_num 
_pdbx_poly_seq_scheme.auth_seq_num 
_pdbx_poly_seq_scheme.pdb_mon_id 
_pdbx_poly_seq_scheme.auth_mon_id 
_pdbx_poly_seq_scheme.pdb_strand_id 
_pdbx_poly_seq_scheme.pdb_ins_code 
_pdbx_poly_seq_scheme.hetero 
A 1 1   ALA 1   1   1   ALA ALA A . n 
A 1 2   ASP 2   2   2   ASP ASP A . n 
A 1 3   GLN 3   3   3   GLN GLN A . n 
A 1 4   LEU 4   4   4   LEU LEU A . n 
A 1 5   THR 5   5   5   THR THR A . n 
A 1 6   ASP 6   6   6   ASP ASP A . n 
A 1 7   GLU 7   7   7   GLU GLU A . n 
A 1 8   GLN 8   8   8   GLN GLN A . n 
A 1 9   ILE 9   9   9   ILE ILE A . n 
A 1 10  ALA 10  10  10  ALA ALA A . n 
A 1 11  GLU 11  11  11  GLU GLU A . n 
A 1 12  PHE 12  12  12  PHE PHE A . n 
A 1 13  LYS 13  13  13  LYS LYS A . n 
A 1 14  GLU 14  14  14  GLU GLU A . n 
A 1 15  ALA 15  15  15  ALA ALA A . n 
A 1 16  PHE 16  16  16  PHE PHE A . n 
A 1 17  SER 17  17  17  SER SER A . n 
A 1 18  LEU 18  18  18  LEU LEU A . n 
A 1 19  PHE 19  19  19  PHE PHE A . n 
A 1 20  ASP 20  20  20  ASP ASP A . n 
A 1 21  LYS 21  21  21  LYS LYS A . n 
A 1 22  ASP 22  22  22  ASP ASP A . n 
A 1 23  GLY 23  23  23  GLY GLY A . n 
A 1 24  ASP 24  24  24  ASP ASP A . n 
A 1 25  GLY 25  25  25  GLY GLY A . n 
A 1 26  THR 26  26  26  THR THR A . n 
A 1 27  ILE 27  27  27  ILE ILE A . n 
A 1 28  THR 28  28  28  THR THR A . n 
A 1 29  THR 29  29  29  THR THR A . n 
A 1 30  LYS 30  30  30  LYS LYS A . n 
A 1 31  GLU 31  31  31  GLU GLU A . n 
A 1 32  LEU 32  32  32  LEU LEU A . n 
A 1 33  GLY 33  33  33  GLY GLY A . n 
A 1 34  THR 34  34  34  THR THR A . n 
A 1 35  VAL 35  35  35  VAL VAL A . n 
A 1 36  MET 36  36  36  MET MET A . n 
A 1 37  ARG 37  37  37  ARG ARG A . n 
A 1 38  SER 38  38  38  SER SER A . n 
A 1 39  LEU 39  39  39  LEU LEU A . n 
A 1 40  GLY 40  40  40  GLY GLY A . n 
A 1 41  GLN 41  41  41  GLN GLN A . n 
A 1 42  ASN 42  42  42  ASN ASN A . n 
A 1 43  PRO 43  43  43  PRO PRO A . n 
A 1 44  THR 44  44  44  THR THR A . n 
A 1 45  GLU 45  45  45  GLU GLU A . n 
A 1 46  ALA 46  46  46  ALA ALA A . n 
A 1 47  GLU 47  47  47  GLU GLU A . n 
A 1 48  LEU 48  48  48  LEU LEU A . n 
A 1 49  GLN 49  49  49  GLN GLN A . n 
A 1 50  ASP 50  50  50  ASP ASP A . n 
A 1 51  MET 51  51  51  MET MET A . n 
A 1 52  ILE 52  52  52  ILE ILE A . n 
A 1 53  ASN 53  53  53  ASN ASN A . n 
A 1 54  GLU 54  54  54  GLU GLU A . n 
A 1 55  VAL 55  55  55  VAL VAL A . n 
A 1 56  ASP 56  56  56  ASP ASP A . n 
A 1 57  ALA 57  57  57  ALA ALA A . n 
A 1 58  ASP 58  58  58  ASP ASP A . n 
A 1 59  GLY 59  59  59  GLY GLY A . n 
A 1 60  ASN 60  60  60  ASN ASN A . n 
A 1 61  GLY 61  61  61  GLY GLY A . n 
A 1 62  THR 62  62  62  THR THR A . n 
A 1 63  ILE 63  63  63  ILE ILE A . n 
A 1 64  ASP 64  64  64  ASP ASP A . n 
A 1 65  PHE 65  65  65  PHE PHE A . n 
A 1 66  PRO 66  66  66  PRO PRO A . n 
A 1 67  GLU 67  67  67  GLU GLU A . n 
A 1 68  PHE 68  68  68  PHE PHE A . n 
A 1 69  LEU 69  69  69  LEU LEU A . n 
A 1 70  ASN 70  70  70  ASN ASN A . n 
A 1 71  LEU 71  71  71  LEU LEU A . n 
A 1 72  MET 72  72  72  MET MET A . n 
A 1 73  ALA 73  73  73  ALA ALA A . n 
A 1 74  ARG 74  74  74  ARG ARG A . n 
A 1 75  LYS 75  75  75  LYS LYS A . n 
A 1 76  MET 76  76  76  MET MET A . n 
A 1 77  LYS 77  77  77  LYS LYS A . n 
A 1 78  ASP 78  78  78  ASP ASP A . n 
A 1 79  THR 79  79  79  THR THR A . n 
A 1 80  ASP 80  80  80  ASP ASP A . n 
A 1 81  SER 81  81  81  SER SER A . n 
A 1 82  GLU 82  82  82  GLU GLU A . n 
A 1 83  GLU 83  83  83  GLU GLU A . n 
A 1 84  LYS 84  84  84  LYS LYS A . n 
A 1 85  LEU 85  85  85  LEU LEU A . n 
A 1 86  LYS 86  86  86  LYS LYS A . n 
A 1 87  GLU 87  87  87  GLU GLU A . n 
A 1 88  ALA 88  88  88  ALA ALA A . n 
A 1 89  PHE 89  89  89  PHE PHE A . n 
A 1 90  ARG 90  90  90  ARG ARG A . n 
A 1 91  VAL 91  91  91  VAL VAL A . n 
A 1 92  PHE 92  92  92  PHE PHE A . n 
A 1 93  ASP 93  93  93  ASP ASP A . n 
A 1 94  LYS 94  94  94  LYS LYS A . n 
A 1 95  ASP 95  95  95  ASP ASP A . n 
A 1 96  GLY 96  96  96  GLY GLY A . n 
A 1 97  ASN 97  97  97  ASN ASN A . n 
A 1 98  GLY 98  98  98  GLY GLY A . n 
A 1 99  PHE 99  99  99  PHE PHE A . n 
A 1 100 ILE 100 100 100 ILE ILE A . n 
A 1 101 SER 101 101 101 SER SER A . n 
A 1 102 ALA 102 102 102 ALA ALA A . n 
A 1 103 ALA 103 103 103 ALA ALA A . n 
A 1 104 GLU 104 104 104 GLU GLU A . n 
A 1 105 LEU 105 105 105 LEU LEU A . n 
A 1 106 ARG 106 106 106 ARG ARG A . n 
A 1 107 HIS 107 107 107 HIS HIS A . n 
A 1 108 VAL 108 108 108 VAL VAL A . n 
A 1 109 MET 109 109 109 MET MET A . n 
A 1 110 THR 110 110 110 THR THR A . n 
A 1 111 ASN 111 111 111 ASN ASN A . n 
A 1 112 LEU 112 112 112 LEU LEU A . n 
A 1 113 GLY 113 113 113 GLY GLY A . n 
A 1 114 GLU 114 114 114 GLU GLU A . n 
A 1 115 LYS 115 115 115 LYS LYS A . n 
A 1 116 LEU 116 116 116 LEU LEU A . n 
A 1 117 THR 117 117 117 THR THR A . n 
A 1 118 ASP 118 118 118 ASP ASP A . n 
A 1 119 GLU 119 119 119 GLU GLU A . n 
A 1 120 GLU 120 120 120 GLU GLU A . n 
A 1 121 VAL 121 121 121 VAL VAL A . n 
A 1 122 ASP 122 122 122 ASP ASP A . n 
A 1 123 GLU 123 123 123 GLU GLU A . n 
A 1 124 MET 124 124 124 MET MET A . n 
A 1 125 ILE 125 125 125 ILE ILE A . n 
A 1 126 ARG 126 126 126 ARG ARG A . n 
A 1 127 GLU 127 127 127 GLU GLU A . n 
A 1 128 ALA 128 128 128 ALA ALA A . n 
A 1 129 ASP 129 129 129 ASP ASP A . n 
A 1 130 VAL 130 130 130 VAL VAL A . n 
A 1 131 ASP 131 131 131 ASP ASP A . n 
A 1 132 GLY 132 132 132 GLY GLY A . n 
A 1 133 ASP 133 133 133 ASP ASP A . n 
A 1 134 GLY 134 134 134 GLY GLY A . n 
A 1 135 GLN 135 135 135 GLN GLN A . n 
A 1 136 VAL 136 136 136 VAL VAL A . n 
A 1 137 ASN 137 137 137 ASN ASN A . n 
A 1 138 TYR 138 138 138 TYR TYR A . n 
A 1 139 GLU 139 139 139 GLU GLU A . n 
A 1 140 GLU 140 140 140 GLU GLU A . n 
A 1 141 PHE 141 141 141 PHE PHE A . n 
A 1 142 VAL 142 142 142 VAL VAL A . n 
A 1 143 GLN 143 143 143 GLN GLN A . n 
A 1 144 VAL 144 144 144 VAL VAL A . n 
A 1 145 MET 145 145 145 MET MET A . n 
A 1 146 MET 146 146 146 MET MET A . n 
A 1 147 ALA 147 147 147 ALA ALA A . n 
A 1 148 LYS 148 148 148 LYS LYS A . n 
B 2 1   ARG 1   1   1   ARG ARG B . n 
B 2 2   ARG 2   2   2   ARG ARG B . n 
B 2 3   LYS 3   3   3   LYS LYS B . n 
B 2 4   TRF 4   4   4   TRF TRF B . n 
B 2 5   GLN 5   5   5   GLN GLN B . n 
B 2 6   LYS 6   6   6   LYS LYS B . n 
B 2 7   THR 7   7   7   THR THR B . n 
B 2 8   GLY 8   8   8   GLY GLY B . n 
B 2 9   HIS 9   9   9   HIS HIS B . n 
B 2 10  ALA 10  10  10  ALA ALA B . n 
B 2 11  VAL 11  11  11  VAL VAL B . n 
B 2 12  ARG 12  12  12  ARG ARG B . n 
B 2 13  ALA 13  13  13  ALA ALA B . n 
B 2 14  ILE 14  14  14  ILE ILE B . n 
B 2 15  GLY 15  15  15  GLY GLY B . n 
B 2 16  ARG 16  16  16  ARG ARG B . n 
B 2 17  LEU 17  17  17  LEU LEU B . n 
B 2 18  SER 18  18  18  SER SER B . n 
B 2 19  SER 19  19  19  SER SER B . n 
B 2 20  SER 20  20  20  SER SER B . n 
B 2 21  NH2 21  21  21  NH2 NH2 B . n 
# 
loop_
_pdbx_nonpoly_scheme.asym_id 
_pdbx_nonpoly_scheme.entity_id 
_pdbx_nonpoly_scheme.mon_id 
_pdbx_nonpoly_scheme.ndb_seq_num 
_pdbx_nonpoly_scheme.pdb_seq_num 
_pdbx_nonpoly_scheme.auth_seq_num 
_pdbx_nonpoly_scheme.pdb_mon_id 
_pdbx_nonpoly_scheme.auth_mon_id 
_pdbx_nonpoly_scheme.pdb_strand_id 
_pdbx_nonpoly_scheme.pdb_ins_code 
C 3 CA  1   151 151 CA  CA  A . 
D 3 CA  1   152 152 CA  CA  A . 
E 3 CA  1   153 153 CA  CA  A . 
F 3 CA  1   154 154 CA  CA  A . 
G 4 ACT 1   601 601 ACT ACT B . 
H 5 HOH 1   201 201 HOH HOH A . 
H 5 HOH 2   202 202 HOH HOH A . 
H 5 HOH 3   203 203 HOH HOH A . 
H 5 HOH 4   204 204 HOH HOH A . 
H 5 HOH 5   209 217 HOH HOH A . 
H 5 HOH 6   210 219 HOH HOH A . 
H 5 HOH 7   213 225 HOH HOH A . 
H 5 HOH 8   214 230 HOH HOH A . 
H 5 HOH 9   217 231 HOH HOH A . 
H 5 HOH 10  219 232 HOH HOH A . 
H 5 HOH 11  225 233 HOH HOH A . 
H 5 HOH 12  230 234 HOH HOH A . 
H 5 HOH 13  231 237 HOH HOH A . 
H 5 HOH 14  232 238 HOH HOH A . 
H 5 HOH 15  233 240 HOH HOH A . 
H 5 HOH 16  234 241 HOH HOH A . 
H 5 HOH 17  237 242 HOH HOH A . 
H 5 HOH 18  238 246 HOH HOH A . 
H 5 HOH 19  240 248 HOH HOH A . 
H 5 HOH 20  241 249 HOH HOH A . 
H 5 HOH 21  242 258 HOH HOH A . 
H 5 HOH 22  246 262 HOH HOH A . 
H 5 HOH 23  248 264 HOH HOH A . 
H 5 HOH 24  249 265 HOH HOH A . 
H 5 HOH 25  258 266 HOH HOH A . 
H 5 HOH 26  262 269 HOH HOH A . 
H 5 HOH 27  264 270 HOH HOH A . 
H 5 HOH 28  265 272 HOH HOH A . 
H 5 HOH 29  266 273 HOH HOH A . 
H 5 HOH 30  269 275 HOH HOH A . 
H 5 HOH 31  270 276 HOH HOH A . 
H 5 HOH 32  272 281 HOH HOH A . 
H 5 HOH 33  273 283 HOH HOH A . 
H 5 HOH 34  275 288 HOH HOH A . 
H 5 HOH 35  276 290 HOH HOH A . 
H 5 HOH 36  281 293 HOH HOH A . 
H 5 HOH 37  283 297 HOH HOH A . 
H 5 HOH 38  288 298 HOH HOH A . 
H 5 HOH 39  290 309 HOH HOH A . 
H 5 HOH 40  293 310 HOH HOH A . 
H 5 HOH 41  297 312 HOH HOH A . 
H 5 HOH 42  298 321 HOH HOH A . 
H 5 HOH 43  309 322 HOH HOH A . 
H 5 HOH 44  310 323 HOH HOH A . 
H 5 HOH 45  312 326 HOH HOH A . 
H 5 HOH 46  321 329 HOH HOH A . 
H 5 HOH 47  322 330 HOH HOH A . 
H 5 HOH 48  323 401 HOH HOH A . 
H 5 HOH 49  326 402 HOH HOH A . 
H 5 HOH 50  329 403 HOH HOH A . 
H 5 HOH 51  330 404 HOH HOH A . 
H 5 HOH 52  401 406 HOH HOH A . 
H 5 HOH 53  402 407 HOH HOH A . 
H 5 HOH 54  403 408 HOH HOH A . 
H 5 HOH 55  404 409 HOH HOH A . 
H 5 HOH 56  406 410 HOH HOH A . 
H 5 HOH 57  407 413 HOH HOH A . 
H 5 HOH 58  408 416 HOH HOH A . 
H 5 HOH 59  418 422 HOH HOH A . 
H 5 HOH 60  419 423 HOH HOH A . 
H 5 HOH 61  420 424 HOH HOH A . 
H 5 HOH 62  421 425 HOH HOH A . 
H 5 HOH 63  422 426 HOH HOH A . 
H 5 HOH 64  424 428 HOH HOH A . 
H 5 HOH 65  426 430 HOH HOH A . 
H 5 HOH 66  427 431 HOH HOH A . 
H 5 HOH 67  428 432 HOH HOH A . 
H 5 HOH 68  429 433 HOH HOH A . 
H 5 HOH 69  430 434 HOH HOH A . 
H 5 HOH 70  431 436 HOH HOH A . 
H 5 HOH 71  432 437 HOH HOH A . 
H 5 HOH 72  433 438 HOH HOH A . 
H 5 HOH 73  434 439 HOH HOH A . 
H 5 HOH 74  436 440 HOH HOH A . 
H 5 HOH 75  437 441 HOH HOH A . 
H 5 HOH 76  438 442 HOH HOH A . 
H 5 HOH 77  439 443 HOH HOH A . 
H 5 HOH 78  440 444 HOH HOH A . 
H 5 HOH 79  441 445 HOH HOH A . 
H 5 HOH 80  442 446 HOH HOH A . 
H 5 HOH 81  443 447 HOH HOH A . 
H 5 HOH 82  444 448 HOH HOH A . 
H 5 HOH 83  445 449 HOH HOH A . 
H 5 HOH 84  449 453 HOH HOH A . 
H 5 HOH 85  450 454 HOH HOH A . 
H 5 HOH 86  451 457 HOH HOH A . 
H 5 HOH 87  452 461 HOH HOH A . 
H 5 HOH 88  453 462 HOH HOH A . 
H 5 HOH 89  454 463 HOH HOH A . 
H 5 HOH 90  457 464 HOH HOH A . 
H 5 HOH 91  461 465 HOH HOH A . 
H 5 HOH 92  462 466 HOH HOH A . 
H 5 HOH 93  464 468 HOH HOH A . 
H 5 HOH 94  465 469 HOH HOH A . 
H 5 HOH 95  466 470 HOH HOH A . 
H 5 HOH 96  467 471 HOH HOH A . 
H 5 HOH 97  468 473 HOH HOH A . 
H 5 HOH 98  469 474 HOH HOH A . 
H 5 HOH 99  470 475 HOH HOH A . 
H 5 HOH 100 471 476 HOH HOH A . 
H 5 HOH 101 473 477 HOH HOH A . 
H 5 HOH 102 474 478 HOH HOH A . 
H 5 HOH 103 475 479 HOH HOH A . 
H 5 HOH 104 476 480 HOH HOH A . 
H 5 HOH 105 477 481 HOH HOH A . 
H 5 HOH 106 478 482 HOH HOH A . 
H 5 HOH 107 479 484 HOH HOH A . 
H 5 HOH 108 480 485 HOH HOH A . 
H 5 HOH 109 481 486 HOH HOH A . 
H 5 HOH 110 482 487 HOH HOH A . 
H 5 HOH 111 484 491 HOH HOH A . 
H 5 HOH 112 485 492 HOH HOH A . 
H 5 HOH 113 486 493 HOH HOH A . 
H 5 HOH 114 487 494 HOH HOH A . 
H 5 HOH 115 491 495 HOH HOH A . 
H 5 HOH 116 492 496 HOH HOH A . 
H 5 HOH 117 493 497 HOH HOH A . 
H 5 HOH 118 494 498 HOH HOH A . 
H 5 HOH 119 495 499 HOH HOH A . 
H 5 HOH 120 497 501 HOH HOH A . 
H 5 HOH 121 499 503 HOH HOH A . 
H 5 HOH 122 500 504 HOH HOH A . 
H 5 HOH 123 501 505 HOH HOH A . 
H 5 HOH 124 502 506 HOH HOH A . 
H 5 HOH 125 503 209 HOH HOH A . 
H 5 HOH 126 504 210 HOH HOH A . 
H 5 HOH 127 505 213 HOH HOH A . 
H 5 HOH 128 506 214 HOH HOH A . 
I 5 HOH 1   409 417 HOH HOH B . 
I 5 HOH 2   410 418 HOH HOH B . 
I 5 HOH 3   413 419 HOH HOH B . 
I 5 HOH 4   416 420 HOH HOH B . 
I 5 HOH 5   417 421 HOH HOH B . 
I 5 HOH 6   423 427 HOH HOH B . 
I 5 HOH 7   425 429 HOH HOH B . 
I 5 HOH 8   446 450 HOH HOH B . 
I 5 HOH 9   447 451 HOH HOH B . 
I 5 HOH 10  448 452 HOH HOH B . 
I 5 HOH 11  463 467 HOH HOH B . 
I 5 HOH 12  496 500 HOH HOH B . 
I 5 HOH 13  498 502 HOH HOH B . 
# 
loop_
_software.name 
_software.classification 
_software.version 
_software.citation_id 
_software.pdbx_ordinal 
X-PLOR 'model building' 3.851 ? 1 
X-PLOR refinement       3.851 ? 2 
SDMS   'data reduction' .     ? 3 
SDMS   'data scaling'   .     ? 4 
X-PLOR phasing          3.851 ? 5 
# 
_cell.entry_id           1VRK 
_cell.length_a           61.209 
_cell.length_b           40.560 
_cell.length_c           32.774 
_cell.angle_alpha        90.00 
_cell.angle_beta         91.70 
_cell.angle_gamma        90.00 
_cell.Z_PDB              2 
_cell.pdbx_unique_axis   ? 
# 
_symmetry.entry_id                         1VRK 
_symmetry.space_group_name_H-M             'P 1 21 1' 
_symmetry.pdbx_full_space_group_name_H-M   ? 
_symmetry.cell_setting                     ? 
_symmetry.Int_Tables_number                4 
# 
_exptl.entry_id          1VRK 
_exptl.method            'X-RAY DIFFRACTION' 
_exptl.crystals_number   2 
# 
_exptl_crystal.id                    1 
_exptl_crystal.density_meas          ? 
_exptl_crystal.density_Matthews      2.1 
_exptl_crystal.density_percent_sol   43 
_exptl_crystal.description           ? 
# 
_exptl_crystal_grow.crystal_id      1 
_exptl_crystal_grow.method          ? 
_exptl_crystal_grow.temp            ? 
_exptl_crystal_grow.temp_details    ? 
_exptl_crystal_grow.pH              4.6 
_exptl_crystal_grow.pdbx_pH_range   ? 
_exptl_crystal_grow.pdbx_details    'pH 4.6' 
# 
_diffrn.id                     1 
_diffrn.ambient_temp           293 
_diffrn.ambient_temp_details   ? 
_diffrn.crystal_id             1 
# 
_diffrn_detector.diffrn_id              1 
_diffrn_detector.detector               'AREA DETECTOR' 
_diffrn_detector.type                   'XUONG-HAMLIN MULTIWIRE' 
_diffrn_detector.pdbx_collection_date   1993-04 
_diffrn_detector.details                COLLIMATOR 
# 
_diffrn_radiation.diffrn_id                        1 
_diffrn_radiation.wavelength_id                    1 
_diffrn_radiation.pdbx_monochromatic_or_laue_m_l   M 
_diffrn_radiation.monochromator                    'GRAPHITE(002)' 
_diffrn_radiation.pdbx_diffrn_protocol             ? 
_diffrn_radiation.pdbx_scattering_type             x-ray 
# 
_diffrn_radiation_wavelength.id           1 
_diffrn_radiation_wavelength.wavelength   1.5418 
_diffrn_radiation_wavelength.wt           1.0 
# 
_diffrn_source.diffrn_id                   1 
_diffrn_source.source                      'ROTATING ANODE' 
_diffrn_source.type                        'RIGAKU RUH2R' 
_diffrn_source.pdbx_synchrotron_site       ? 
_diffrn_source.pdbx_synchrotron_beamline   ? 
_diffrn_source.pdbx_wavelength             1.5418 
_diffrn_source.pdbx_wavelength_list        ? 
# 
_reflns.entry_id                     1VRK 
_reflns.observed_criterion_sigma_I   0 
_reflns.observed_criterion_sigma_F   ? 
_reflns.d_resolution_low             18.2 
_reflns.d_resolution_high            1.9 
_reflns.number_obs                   11190 
_reflns.number_all                   ? 
_reflns.percent_possible_obs         88 
_reflns.pdbx_Rmerge_I_obs            0.0649000 
_reflns.pdbx_Rsym_value              ? 
_reflns.pdbx_netI_over_sigmaI        15 
_reflns.B_iso_Wilson_estimate        7.6 
_reflns.pdbx_redundancy              3.2 
_reflns.pdbx_diffrn_id               1 
_reflns.pdbx_ordinal                 1 
# 
_reflns_shell.d_res_high             1.90 
_reflns_shell.d_res_low              2.05 
_reflns_shell.percent_possible_all   65 
_reflns_shell.Rmerge_I_obs           0.2370000 
_reflns_shell.pdbx_Rsym_value        ? 
_reflns_shell.meanI_over_sigI_obs    2 
_reflns_shell.pdbx_redundancy        1.9 
_reflns_shell.pdbx_diffrn_id         ? 
_reflns_shell.pdbx_ordinal           1 
# 
_refine.entry_id                                 1VRK 
_refine.ls_number_reflns_obs                     10032 
_refine.ls_number_reflns_all                     ? 
_refine.pdbx_ls_sigma_I                          ? 
_refine.pdbx_ls_sigma_F                          2.0 
_refine.pdbx_data_cutoff_high_absF               10000000.00 
_refine.pdbx_data_cutoff_low_absF                0.00100 
_refine.pdbx_data_cutoff_high_rms_absF           ? 
_refine.ls_d_res_low                             30.00 
_refine.ls_d_res_high                            1.90 
_refine.ls_percent_reflns_obs                    78.0 
_refine.ls_R_factor_obs                          0.1710000 
_refine.ls_R_factor_all                          ? 
_refine.ls_R_factor_R_work                       0.1710000 
_refine.ls_R_factor_R_free                       0.2420000 
_refine.ls_R_factor_R_free_error                 0.008 
_refine.ls_R_factor_R_free_error_details         ? 
_refine.ls_percent_reflns_R_free                 10.3 
_refine.ls_number_reflns_R_free                  1029 
_refine.ls_number_parameters                     ? 
_refine.ls_number_restraints                     ? 
_refine.occupancy_min                            ? 
_refine.occupancy_max                            ? 
_refine.B_iso_mean                               30.7 
_refine.aniso_B[1][1]                            ? 
_refine.aniso_B[2][2]                            ? 
_refine.aniso_B[3][3]                            ? 
_refine.aniso_B[1][2]                            ? 
_refine.aniso_B[1][3]                            ? 
_refine.aniso_B[2][3]                            ? 
_refine.solvent_model_details                    ? 
_refine.solvent_model_param_ksol                 ? 
_refine.solvent_model_param_bsol                 ? 
_refine.pdbx_ls_cross_valid_method               THROUGHOUT 
_refine.details                                  'BULK SOLVENT MODEL USED' 
_refine.pdbx_starting_model                      'PDB ENTRY 1CDL: SECOND COMPLEX (SEGID B AND F) OF THE ASYMMETRIC UNIT' 
_refine.pdbx_method_to_determine_struct          'MOLECULAR REPLACEMENT' 
_refine.pdbx_isotropic_thermal_model             RESTRAINED 
_refine.pdbx_stereochemistry_target_values       ? 
_refine.pdbx_stereochem_target_val_spec_case     ? 
_refine.pdbx_R_Free_selection_details            RANDOM 
_refine.pdbx_overall_ESU_R                       ? 
_refine.pdbx_overall_ESU_R_Free                  ? 
_refine.overall_SU_ML                            ? 
_refine.overall_SU_B                             ? 
_refine.pdbx_refine_id                           'X-RAY DIFFRACTION' 
_refine.pdbx_diffrn_id                           1 
_refine.pdbx_TLS_residual_ADP_flag               ? 
_refine.correlation_coeff_Fo_to_Fc               ? 
_refine.correlation_coeff_Fo_to_Fc_free          ? 
_refine.pdbx_solvent_vdw_probe_radii             ? 
_refine.pdbx_solvent_ion_probe_radii             ? 
_refine.pdbx_solvent_shrinkage_radii             ? 
_refine.pdbx_overall_phase_error                 ? 
_refine.overall_SU_R_Cruickshank_DPI             ? 
_refine.pdbx_overall_SU_R_free_Cruickshank_DPI   ? 
_refine.pdbx_overall_SU_R_Blow_DPI               ? 
_refine.pdbx_overall_SU_R_free_Blow_DPI          ? 
# 
_refine_analyze.entry_id                        1VRK 
_refine_analyze.Luzzati_coordinate_error_obs    0.19 
_refine_analyze.Luzzati_sigma_a_obs             0.22 
_refine_analyze.Luzzati_d_res_low_obs           5.00 
_refine_analyze.Luzzati_coordinate_error_free   0.25 
_refine_analyze.Luzzati_sigma_a_free            0.24 
_refine_analyze.Luzzati_d_res_low_free          ? 
_refine_analyze.number_disordered_residues      ? 
_refine_analyze.occupancy_sum_hydrogen          ? 
_refine_analyze.occupancy_sum_non_hydrogen      ? 
_refine_analyze.pdbx_refine_id                  'X-RAY DIFFRACTION' 
# 
_refine_hist.pdbx_refine_id                   'X-RAY DIFFRACTION' 
_refine_hist.cycle_id                         LAST 
_refine_hist.pdbx_number_atoms_protein        1343 
_refine_hist.pdbx_number_atoms_nucleic_acid   0 
_refine_hist.pdbx_number_atoms_ligand         8 
_refine_hist.number_atoms_solvent             141 
_refine_hist.number_atoms_total               1492 
_refine_hist.d_res_high                       1.90 
_refine_hist.d_res_low                        30.00 
# 
loop_
_refine_ls_restr.type 
_refine_ls_restr.dev_ideal 
_refine_ls_restr.dev_ideal_target 
_refine_ls_restr.weight 
_refine_ls_restr.number 
_refine_ls_restr.pdbx_refine_id 
_refine_ls_restr.pdbx_restraint_function 
x_bond_d                0.006 ?    ? ? 'X-RAY DIFFRACTION' ? 
x_bond_d_na             ?     ?    ? ? 'X-RAY DIFFRACTION' ? 
x_bond_d_prot           ?     ?    ? ? 'X-RAY DIFFRACTION' ? 
x_angle_d               ?     ?    ? ? 'X-RAY DIFFRACTION' ? 
x_angle_d_na            ?     ?    ? ? 'X-RAY DIFFRACTION' ? 
x_angle_d_prot          ?     ?    ? ? 'X-RAY DIFFRACTION' ? 
x_angle_deg             1.0   ?    ? ? 'X-RAY DIFFRACTION' ? 
x_angle_deg_na          ?     ?    ? ? 'X-RAY DIFFRACTION' ? 
x_angle_deg_prot        ?     ?    ? ? 'X-RAY DIFFRACTION' ? 
x_dihedral_angle_d      21.3  ?    ? ? 'X-RAY DIFFRACTION' ? 
x_dihedral_angle_d_na   ?     ?    ? ? 'X-RAY DIFFRACTION' ? 
x_dihedral_angle_d_prot ?     ?    ? ? 'X-RAY DIFFRACTION' ? 
x_improper_angle_d      1.13  ?    ? ? 'X-RAY DIFFRACTION' ? 
x_improper_angle_d_na   ?     ?    ? ? 'X-RAY DIFFRACTION' ? 
x_improper_angle_d_prot ?     ?    ? ? 'X-RAY DIFFRACTION' ? 
x_mcbond_it             3.98  1.50 ? ? 'X-RAY DIFFRACTION' ? 
x_mcangle_it            5.56  2.00 ? ? 'X-RAY DIFFRACTION' ? 
x_scbond_it             6.90  2.00 ? ? 'X-RAY DIFFRACTION' ? 
x_scangle_it            9.64  2.50 ? ? 'X-RAY DIFFRACTION' ? 
# 
_refine_ls_shell.pdbx_total_number_of_bins_used   6 
_refine_ls_shell.d_res_high                       1.90 
_refine_ls_shell.d_res_low                        2.02 
_refine_ls_shell.number_reflns_R_work             805 
_refine_ls_shell.R_factor_R_work                  0.2560000 
_refine_ls_shell.percent_reflns_obs               41.9 
_refine_ls_shell.R_factor_R_free                  0.3230000 
_refine_ls_shell.R_factor_R_free_error            0.035 
_refine_ls_shell.percent_reflns_R_free            9.7 
_refine_ls_shell.number_reflns_R_free             86 
_refine_ls_shell.pdbx_refine_id                   'X-RAY DIFFRACTION' 
_refine_ls_shell.number_reflns_all                ? 
_refine_ls_shell.R_factor_all                     ? 
# 
loop_
_pdbx_xplor_file.serial_no 
_pdbx_xplor_file.param_file 
_pdbx_xplor_file.topol_file 
_pdbx_xplor_file.pdbx_refine_id 
1 PARHCSDX.PRO       TOPHCSDX.PRO    'X-RAY DIFFRACTION' 
2 PARAMETER.ELEMENTS CALCIUM.TOP     'X-RAY DIFFRACTION' 
3 WAT_ACT_FOR.PAR    WAT_ACT_FOR.TOP 'X-RAY DIFFRACTION' 
# 
_struct.entry_id                  1VRK 
_struct.title                     'THE 1.9 ANGSTROM STRUCTURE OF E84K-CALMODULIN RS20 PEPTIDE COMPLEX' 
_struct.pdbx_model_details        ? 
_struct.pdbx_CASP_flag            ? 
_struct.pdbx_model_type_details   ? 
# 
_struct_keywords.entry_id        1VRK 
_struct_keywords.pdbx_keywords   'COMPLEX(CALCIUM-BINDING PROTEIN/PEPTIDE)' 
_struct_keywords.text            
;CALMODULIN, CALCIUM BINDING, HELIX-LOOP-HELIX, SIGNALLING, COMPLEX(CALCIUM-BINDING PROTEIN-PEPTIDE), COMPLEX(CALCIUM-BINDING PROTEIN-PEPTIDE) complex
;
# 
loop_
_struct_asym.id 
_struct_asym.pdbx_blank_PDB_chainid_flag 
_struct_asym.pdbx_modified 
_struct_asym.entity_id 
_struct_asym.details 
A N N 1 ? 
B N N 2 ? 
C N N 3 ? 
D N N 3 ? 
E N N 3 ? 
F N N 3 ? 
G N N 4 ? 
H N N 5 ? 
I N N 5 ? 
# 
loop_
_struct_ref.id 
_struct_ref.db_name 
_struct_ref.db_code 
_struct_ref.entity_id 
_struct_ref.pdbx_db_accession 
_struct_ref.pdbx_align_begin 
_struct_ref.pdbx_seq_one_letter_code 
_struct_ref.pdbx_db_isoform 
1 GB  AAC61858 1 3561059 1 
;MADQLTDEQIAEFKEAFSLFDKDGDGTITTKELGTVMRSLGQNPTEAELQDMINEVDADGNGTIDFPEFLNLMARKMKDT
DSEEKLKEAFRVFDKDGNGFISAAELRHVMTNLGEKLTDEEVDEMIREADVDGDGQVNYEEFVQVMMAK
;
? 
2 PDB 1VRK     2 1VRK    ? ? ? 
# 
loop_
_struct_ref_seq.align_id 
_struct_ref_seq.ref_id 
_struct_ref_seq.pdbx_PDB_id_code 
_struct_ref_seq.pdbx_strand_id 
_struct_ref_seq.seq_align_beg 
_struct_ref_seq.pdbx_seq_align_beg_ins_code 
_struct_ref_seq.seq_align_end 
_struct_ref_seq.pdbx_seq_align_end_ins_code 
_struct_ref_seq.pdbx_db_accession 
_struct_ref_seq.db_align_beg 
_struct_ref_seq.pdbx_db_align_beg_ins_code 
_struct_ref_seq.db_align_end 
_struct_ref_seq.pdbx_db_align_end_ins_code 
_struct_ref_seq.pdbx_auth_seq_align_beg 
_struct_ref_seq.pdbx_auth_seq_align_end 
1 1 1VRK A 1 ? 148 ? 3561059 2 ? 149 ? 1 148 
2 2 1VRK B 1 ? 21  ? 1VRK    1 ? 21  ? 1 21  
# 
_pdbx_struct_assembly.id                   1 
_pdbx_struct_assembly.details              author_and_software_defined_assembly 
_pdbx_struct_assembly.method_details       PISA 
_pdbx_struct_assembly.oligomeric_details   dimeric 
_pdbx_struct_assembly.oligomeric_count     2 
# 
loop_
_pdbx_struct_assembly_prop.biol_id 
_pdbx_struct_assembly_prop.type 
_pdbx_struct_assembly_prop.value 
_pdbx_struct_assembly_prop.details 
1 'ABSA (A^2)' 3730 ? 
1 MORE         -75  ? 
1 'SSA (A^2)'  8780 ? 
# 
_pdbx_struct_assembly_gen.assembly_id       1 
_pdbx_struct_assembly_gen.oper_expression   1 
_pdbx_struct_assembly_gen.asym_id_list      A,B,C,D,E,F,G,H,I 
# 
_pdbx_struct_oper_list.id                   1 
_pdbx_struct_oper_list.type                 'identity operation' 
_pdbx_struct_oper_list.name                 1_555 
_pdbx_struct_oper_list.symmetry_operation   x,y,z 
_pdbx_struct_oper_list.matrix[1][1]         1.0000000000 
_pdbx_struct_oper_list.matrix[1][2]         0.0000000000 
_pdbx_struct_oper_list.matrix[1][3]         0.0000000000 
_pdbx_struct_oper_list.vector[1]            0.0000000000 
_pdbx_struct_oper_list.matrix[2][1]         0.0000000000 
_pdbx_struct_oper_list.matrix[2][2]         1.0000000000 
_pdbx_struct_oper_list.matrix[2][3]         0.0000000000 
_pdbx_struct_oper_list.vector[2]            0.0000000000 
_pdbx_struct_oper_list.matrix[3][1]         0.0000000000 
_pdbx_struct_oper_list.matrix[3][2]         0.0000000000 
_pdbx_struct_oper_list.matrix[3][3]         1.0000000000 
_pdbx_struct_oper_list.vector[3]            0.0000000000 
# 
_struct_biol.id   1 
# 
loop_
_struct_conf.conf_type_id 
_struct_conf.id 
_struct_conf.pdbx_PDB_helix_id 
_struct_conf.beg_label_comp_id 
_struct_conf.beg_label_asym_id 
_struct_conf.beg_label_seq_id 
_struct_conf.pdbx_beg_PDB_ins_code 
_struct_conf.end_label_comp_id 
_struct_conf.end_label_asym_id 
_struct_conf.end_label_seq_id 
_struct_conf.pdbx_end_PDB_ins_code 
_struct_conf.beg_auth_comp_id 
_struct_conf.beg_auth_asym_id 
_struct_conf.beg_auth_seq_id 
_struct_conf.end_auth_comp_id 
_struct_conf.end_auth_asym_id 
_struct_conf.end_auth_seq_id 
_struct_conf.pdbx_PDB_helix_class 
_struct_conf.details 
_struct_conf.pdbx_PDB_helix_length 
HELX_P HELX_P1 1 ASP A 6   ? PHE A 19  ? ASP A 6   PHE A 19  1 ? 14 
HELX_P HELX_P2 2 THR A 29  ? SER A 38  ? THR A 29  SER A 38  1 ? 10 
HELX_P HELX_P3 3 GLU A 45  ? VAL A 55  ? GLU A 45  VAL A 55  1 ? 11 
HELX_P HELX_P4 4 PHE A 65  ? ALA A 73  ? PHE A 65  ALA A 73  1 ? 9  
HELX_P HELX_P5 5 ASP A 78  ? PHE A 92  ? ASP A 78  PHE A 92  1 ? 15 
HELX_P HELX_P6 6 ALA A 102 ? ASN A 111 ? ALA A 102 ASN A 111 1 ? 10 
HELX_P HELX_P7 7 ASP A 118 ? ALA A 128 ? ASP A 118 ALA A 128 1 ? 11 
HELX_P HELX_P8 8 TYR A 138 ? MET A 145 ? TYR A 138 MET A 145 1 ? 8  
HELX_P HELX_P9 9 LYS B 3   ? SER B 18  ? LYS B 3   SER B 18  5 ? 16 
# 
_struct_conf_type.id          HELX_P 
_struct_conf_type.criteria    ? 
_struct_conf_type.reference   ? 
# 
loop_
_struct_conn.id 
_struct_conn.conn_type_id 
_struct_conn.pdbx_leaving_atom_flag 
_struct_conn.pdbx_PDB_id 
_struct_conn.ptnr1_label_asym_id 
_struct_conn.ptnr1_label_comp_id 
_struct_conn.ptnr1_label_seq_id 
_struct_conn.ptnr1_label_atom_id 
_struct_conn.pdbx_ptnr1_label_alt_id 
_struct_conn.pdbx_ptnr1_PDB_ins_code 
_struct_conn.pdbx_ptnr1_standard_comp_id 
_struct_conn.ptnr1_symmetry 
_struct_conn.ptnr2_label_asym_id 
_struct_conn.ptnr2_label_comp_id 
_struct_conn.ptnr2_label_seq_id 
_struct_conn.ptnr2_label_atom_id 
_struct_conn.pdbx_ptnr2_label_alt_id 
_struct_conn.pdbx_ptnr2_PDB_ins_code 
_struct_conn.ptnr1_auth_asym_id 
_struct_conn.ptnr1_auth_comp_id 
_struct_conn.ptnr1_auth_seq_id 
_struct_conn.ptnr2_auth_asym_id 
_struct_conn.ptnr2_auth_comp_id 
_struct_conn.ptnr2_auth_seq_id 
_struct_conn.ptnr2_symmetry 
_struct_conn.pdbx_ptnr3_label_atom_id 
_struct_conn.pdbx_ptnr3_label_seq_id 
_struct_conn.pdbx_ptnr3_label_comp_id 
_struct_conn.pdbx_ptnr3_label_asym_id 
_struct_conn.pdbx_ptnr3_label_alt_id 
_struct_conn.pdbx_ptnr3_PDB_ins_code 
_struct_conn.details 
_struct_conn.pdbx_dist_value 
_struct_conn.pdbx_value_order 
_struct_conn.pdbx_role 
covale1  covale both ? B LYS 3   C   ? ? ? 1_555 B TRF 4  N  ? ? B LYS 3   B TRF 4   1_555 ? ? ? ? ? ? ? 1.334 ? ? 
covale2  covale both ? B TRF 4   C   ? ? ? 1_555 B GLN 5  N  ? ? B TRF 4   B GLN 5   1_555 ? ? ? ? ? ? ? 1.332 ? ? 
covale3  covale both ? B SER 20  C   ? ? ? 1_555 B NH2 21 N  ? ? B SER 20  B NH2 21  1_555 ? ? ? ? ? ? ? 1.252 ? ? 
metalc1  metalc ?    ? A ASP 20  OD1 ? ? ? 1_555 C CA  .  CA ? ? A ASP 20  A CA  151 1_555 ? ? ? ? ? ? ? 2.412 ? ? 
metalc2  metalc ?    ? A ASP 22  OD1 ? ? ? 1_555 C CA  .  CA ? ? A ASP 22  A CA  151 1_555 ? ? ? ? ? ? ? 2.476 ? ? 
metalc3  metalc ?    ? A ASP 24  OD1 ? ? ? 1_555 C CA  .  CA ? ? A ASP 24  A CA  151 1_555 ? ? ? ? ? ? ? 2.569 ? ? 
metalc4  metalc ?    ? A THR 26  O   ? ? ? 1_555 C CA  .  CA ? ? A THR 26  A CA  151 1_555 ? ? ? ? ? ? ? 2.326 ? ? 
metalc5  metalc ?    ? A GLU 31  OE2 ? ? ? 1_555 C CA  .  CA ? ? A GLU 31  A CA  151 1_555 ? ? ? ? ? ? ? 2.501 ? ? 
metalc6  metalc ?    ? A GLU 31  OE1 ? ? ? 1_555 C CA  .  CA ? ? A GLU 31  A CA  151 1_555 ? ? ? ? ? ? ? 2.504 ? ? 
metalc7  metalc ?    ? A ASP 56  OD1 ? ? ? 1_555 D CA  .  CA ? ? A ASP 56  A CA  152 1_555 ? ? ? ? ? ? ? 2.397 ? ? 
metalc8  metalc ?    ? A ASP 58  OD1 ? ? ? 1_555 D CA  .  CA ? ? A ASP 58  A CA  152 1_555 ? ? ? ? ? ? ? 2.406 ? ? 
metalc9  metalc ?    ? A ASN 60  OD1 ? ? ? 1_555 D CA  .  CA ? ? A ASN 60  A CA  152 1_555 ? ? ? ? ? ? ? 2.445 ? ? 
metalc10 metalc ?    ? A THR 62  O   ? ? ? 1_555 D CA  .  CA ? ? A THR 62  A CA  152 1_555 ? ? ? ? ? ? ? 2.422 ? ? 
metalc11 metalc ?    ? A GLU 67  OE1 ? ? ? 1_555 D CA  .  CA ? ? A GLU 67  A CA  152 1_555 ? ? ? ? ? ? ? 2.584 ? ? 
metalc12 metalc ?    ? A GLU 67  OE2 ? ? ? 1_555 D CA  .  CA ? ? A GLU 67  A CA  152 1_555 ? ? ? ? ? ? ? 2.592 ? ? 
metalc13 metalc ?    ? A ASP 93  OD1 ? ? ? 1_555 E CA  .  CA ? ? A ASP 93  A CA  153 1_555 ? ? ? ? ? ? ? 2.669 ? ? 
metalc14 metalc ?    ? A ASP 95  OD1 ? ? ? 1_555 E CA  .  CA ? ? A ASP 95  A CA  153 1_555 ? ? ? ? ? ? ? 2.490 ? ? 
metalc15 metalc ?    ? A ASN 97  OD1 ? ? ? 1_555 E CA  .  CA ? ? A ASN 97  A CA  153 1_555 ? ? ? ? ? ? ? 2.436 ? ? 
metalc16 metalc ?    ? A PHE 99  O   ? ? ? 1_555 E CA  .  CA ? ? A PHE 99  A CA  153 1_555 ? ? ? ? ? ? ? 2.363 ? ? 
metalc17 metalc ?    ? A GLU 104 OE1 ? ? ? 1_555 E CA  .  CA ? ? A GLU 104 A CA  153 1_555 ? ? ? ? ? ? ? 2.594 ? ? 
metalc18 metalc ?    ? A GLU 104 OE2 ? ? ? 1_555 E CA  .  CA ? ? A GLU 104 A CA  153 1_555 ? ? ? ? ? ? ? 2.693 ? ? 
metalc19 metalc ?    ? A ASP 129 OD1 ? ? ? 1_555 F CA  .  CA ? ? A ASP 129 A CA  154 1_555 ? ? ? ? ? ? ? 2.522 ? ? 
metalc20 metalc ?    ? A ASP 131 OD1 ? ? ? 1_555 F CA  .  CA ? ? A ASP 131 A CA  154 1_555 ? ? ? ? ? ? ? 2.599 ? ? 
metalc21 metalc ?    ? A ASP 133 OD1 ? ? ? 1_555 F CA  .  CA ? ? A ASP 133 A CA  154 1_555 ? ? ? ? ? ? ? 2.555 ? ? 
metalc22 metalc ?    ? A GLN 135 O   ? ? ? 1_555 F CA  .  CA ? ? A GLN 135 A CA  154 1_555 ? ? ? ? ? ? ? 2.482 ? ? 
metalc23 metalc ?    ? A GLU 140 OE2 ? ? ? 1_555 F CA  .  CA ? ? A GLU 140 A CA  154 1_555 ? ? ? ? ? ? ? 2.685 ? ? 
metalc24 metalc ?    ? A GLU 140 OE1 ? ? ? 1_555 F CA  .  CA ? ? A GLU 140 A CA  154 1_555 ? ? ? ? ? ? ? 2.598 ? ? 
metalc25 metalc ?    ? C CA  .   CA  ? ? ? 1_555 H HOH .  O  ? ? A CA  151 A HOH 201 1_555 ? ? ? ? ? ? ? 2.338 ? ? 
metalc26 metalc ?    ? D CA  .   CA  ? ? ? 1_555 H HOH .  O  ? ? A CA  152 A HOH 202 1_555 ? ? ? ? ? ? ? 2.454 ? ? 
metalc27 metalc ?    ? E CA  .   CA  ? ? ? 1_555 H HOH .  O  ? ? A CA  153 A HOH 203 1_555 ? ? ? ? ? ? ? 2.668 ? ? 
metalc28 metalc ?    ? F CA  .   CA  ? ? ? 1_555 H HOH .  O  ? ? A CA  154 A HOH 204 1_555 ? ? ? ? ? ? ? 2.579 ? ? 
# 
loop_
_struct_conn_type.id 
_struct_conn_type.criteria 
_struct_conn_type.reference 
covale ? ? 
metalc ? ? 
# 
loop_
_pdbx_struct_conn_angle.id 
_pdbx_struct_conn_angle.ptnr1_label_atom_id 
_pdbx_struct_conn_angle.ptnr1_label_alt_id 
_pdbx_struct_conn_angle.ptnr1_label_asym_id 
_pdbx_struct_conn_angle.ptnr1_label_comp_id 
_pdbx_struct_conn_angle.ptnr1_label_seq_id 
_pdbx_struct_conn_angle.ptnr1_auth_atom_id 
_pdbx_struct_conn_angle.ptnr1_auth_asym_id 
_pdbx_struct_conn_angle.ptnr1_auth_comp_id 
_pdbx_struct_conn_angle.ptnr1_auth_seq_id 
_pdbx_struct_conn_angle.ptnr1_PDB_ins_code 
_pdbx_struct_conn_angle.ptnr1_symmetry 
_pdbx_struct_conn_angle.ptnr2_label_atom_id 
_pdbx_struct_conn_angle.ptnr2_label_alt_id 
_pdbx_struct_conn_angle.ptnr2_label_asym_id 
_pdbx_struct_conn_angle.ptnr2_label_comp_id 
_pdbx_struct_conn_angle.ptnr2_label_seq_id 
_pdbx_struct_conn_angle.ptnr2_auth_atom_id 
_pdbx_struct_conn_angle.ptnr2_auth_asym_id 
_pdbx_struct_conn_angle.ptnr2_auth_comp_id 
_pdbx_struct_conn_angle.ptnr2_auth_seq_id 
_pdbx_struct_conn_angle.ptnr2_PDB_ins_code 
_pdbx_struct_conn_angle.ptnr2_symmetry 
_pdbx_struct_conn_angle.ptnr3_label_atom_id 
_pdbx_struct_conn_angle.ptnr3_label_alt_id 
_pdbx_struct_conn_angle.ptnr3_label_asym_id 
_pdbx_struct_conn_angle.ptnr3_label_comp_id 
_pdbx_struct_conn_angle.ptnr3_label_seq_id 
_pdbx_struct_conn_angle.ptnr3_auth_atom_id 
_pdbx_struct_conn_angle.ptnr3_auth_asym_id 
_pdbx_struct_conn_angle.ptnr3_auth_comp_id 
_pdbx_struct_conn_angle.ptnr3_auth_seq_id 
_pdbx_struct_conn_angle.ptnr3_PDB_ins_code 
_pdbx_struct_conn_angle.ptnr3_symmetry 
_pdbx_struct_conn_angle.value 
_pdbx_struct_conn_angle.value_esd 
1  OD1 ? A ASP 20  ? A ASP 20  ? 1_555 CA ? C CA . ? A CA 151 ? 1_555 OD1 ? A ASP 22  ? A ASP 22  ? 1_555 74.9  ? 
2  OD1 ? A ASP 20  ? A ASP 20  ? 1_555 CA ? C CA . ? A CA 151 ? 1_555 OD1 ? A ASP 24  ? A ASP 24  ? 1_555 82.3  ? 
3  OD1 ? A ASP 22  ? A ASP 22  ? 1_555 CA ? C CA . ? A CA 151 ? 1_555 OD1 ? A ASP 24  ? A ASP 24  ? 1_555 80.5  ? 
4  OD1 ? A ASP 20  ? A ASP 20  ? 1_555 CA ? C CA . ? A CA 151 ? 1_555 O   ? A THR 26  ? A THR 26  ? 1_555 90.3  ? 
5  OD1 ? A ASP 22  ? A ASP 22  ? 1_555 CA ? C CA . ? A CA 151 ? 1_555 O   ? A THR 26  ? A THR 26  ? 1_555 155.7 ? 
6  OD1 ? A ASP 24  ? A ASP 24  ? 1_555 CA ? C CA . ? A CA 151 ? 1_555 O   ? A THR 26  ? A THR 26  ? 1_555 78.4  ? 
7  OD1 ? A ASP 20  ? A ASP 20  ? 1_555 CA ? C CA . ? A CA 151 ? 1_555 OE2 ? A GLU 31  ? A GLU 31  ? 1_555 91.5  ? 
8  OD1 ? A ASP 22  ? A ASP 22  ? 1_555 CA ? C CA . ? A CA 151 ? 1_555 OE2 ? A GLU 31  ? A GLU 31  ? 1_555 77.4  ? 
9  OD1 ? A ASP 24  ? A ASP 24  ? 1_555 CA ? C CA . ? A CA 151 ? 1_555 OE2 ? A GLU 31  ? A GLU 31  ? 1_555 157.9 ? 
10 O   ? A THR 26  ? A THR 26  ? 1_555 CA ? C CA . ? A CA 151 ? 1_555 OE2 ? A GLU 31  ? A GLU 31  ? 1_555 123.1 ? 
11 OD1 ? A ASP 20  ? A ASP 20  ? 1_555 CA ? C CA . ? A CA 151 ? 1_555 OE1 ? A GLU 31  ? A GLU 31  ? 1_555 113.6 ? 
12 OD1 ? A ASP 22  ? A ASP 22  ? 1_555 CA ? C CA . ? A CA 151 ? 1_555 OE1 ? A GLU 31  ? A GLU 31  ? 1_555 128.0 ? 
13 OD1 ? A ASP 24  ? A ASP 24  ? 1_555 CA ? C CA . ? A CA 151 ? 1_555 OE1 ? A GLU 31  ? A GLU 31  ? 1_555 149.2 ? 
14 O   ? A THR 26  ? A THR 26  ? 1_555 CA ? C CA . ? A CA 151 ? 1_555 OE1 ? A GLU 31  ? A GLU 31  ? 1_555 75.4  ? 
15 OE2 ? A GLU 31  ? A GLU 31  ? 1_555 CA ? C CA . ? A CA 151 ? 1_555 OE1 ? A GLU 31  ? A GLU 31  ? 1_555 52.2  ? 
16 OD1 ? A ASP 20  ? A ASP 20  ? 1_555 CA ? C CA . ? A CA 151 ? 1_555 O   ? H HOH .   ? A HOH 201 ? 1_555 159.1 ? 
17 OD1 ? A ASP 22  ? A ASP 22  ? 1_555 CA ? C CA . ? A CA 151 ? 1_555 O   ? H HOH .   ? A HOH 201 ? 1_555 87.7  ? 
18 OD1 ? A ASP 24  ? A ASP 24  ? 1_555 CA ? C CA . ? A CA 151 ? 1_555 O   ? H HOH .   ? A HOH 201 ? 1_555 83.6  ? 
19 O   ? A THR 26  ? A THR 26  ? 1_555 CA ? C CA . ? A CA 151 ? 1_555 O   ? H HOH .   ? A HOH 201 ? 1_555 101.8 ? 
20 OE2 ? A GLU 31  ? A GLU 31  ? 1_555 CA ? C CA . ? A CA 151 ? 1_555 O   ? H HOH .   ? A HOH 201 ? 1_555 95.9  ? 
21 OE1 ? A GLU 31  ? A GLU 31  ? 1_555 CA ? C CA . ? A CA 151 ? 1_555 O   ? H HOH .   ? A HOH 201 ? 1_555 86.1  ? 
22 OD1 ? A ASP 56  ? A ASP 56  ? 1_555 CA ? D CA . ? A CA 152 ? 1_555 OD1 ? A ASP 58  ? A ASP 58  ? 1_555 79.5  ? 
23 OD1 ? A ASP 56  ? A ASP 56  ? 1_555 CA ? D CA . ? A CA 152 ? 1_555 OD1 ? A ASN 60  ? A ASN 60  ? 1_555 84.3  ? 
24 OD1 ? A ASP 58  ? A ASP 58  ? 1_555 CA ? D CA . ? A CA 152 ? 1_555 OD1 ? A ASN 60  ? A ASN 60  ? 1_555 78.4  ? 
25 OD1 ? A ASP 56  ? A ASP 56  ? 1_555 CA ? D CA . ? A CA 152 ? 1_555 O   ? A THR 62  ? A THR 62  ? 1_555 83.6  ? 
26 OD1 ? A ASP 58  ? A ASP 58  ? 1_555 CA ? D CA . ? A CA 152 ? 1_555 O   ? A THR 62  ? A THR 62  ? 1_555 150.4 ? 
27 OD1 ? A ASN 60  ? A ASN 60  ? 1_555 CA ? D CA . ? A CA 152 ? 1_555 O   ? A THR 62  ? A THR 62  ? 1_555 76.0  ? 
28 OD1 ? A ASP 56  ? A ASP 56  ? 1_555 CA ? D CA . ? A CA 152 ? 1_555 OE1 ? A GLU 67  ? A GLU 67  ? 1_555 104.7 ? 
29 OD1 ? A ASP 58  ? A ASP 58  ? 1_555 CA ? D CA . ? A CA 152 ? 1_555 OE1 ? A GLU 67  ? A GLU 67  ? 1_555 129.6 ? 
30 OD1 ? A ASN 60  ? A ASN 60  ? 1_555 CA ? D CA . ? A CA 152 ? 1_555 OE1 ? A GLU 67  ? A GLU 67  ? 1_555 151.4 ? 
31 O   ? A THR 62  ? A THR 62  ? 1_555 CA ? D CA . ? A CA 152 ? 1_555 OE1 ? A GLU 67  ? A GLU 67  ? 1_555 78.1  ? 
32 OD1 ? A ASP 56  ? A ASP 56  ? 1_555 CA ? D CA . ? A CA 152 ? 1_555 OE2 ? A GLU 67  ? A GLU 67  ? 1_555 90.5  ? 
33 OD1 ? A ASP 58  ? A ASP 58  ? 1_555 CA ? D CA . ? A CA 152 ? 1_555 OE2 ? A GLU 67  ? A GLU 67  ? 1_555 80.0  ? 
34 OD1 ? A ASN 60  ? A ASN 60  ? 1_555 CA ? D CA . ? A CA 152 ? 1_555 OE2 ? A GLU 67  ? A GLU 67  ? 1_555 158.3 ? 
35 O   ? A THR 62  ? A THR 62  ? 1_555 CA ? D CA . ? A CA 152 ? 1_555 OE2 ? A GLU 67  ? A GLU 67  ? 1_555 124.4 ? 
36 OE1 ? A GLU 67  ? A GLU 67  ? 1_555 CA ? D CA . ? A CA 152 ? 1_555 OE2 ? A GLU 67  ? A GLU 67  ? 1_555 50.1  ? 
37 OD1 ? A ASP 56  ? A ASP 56  ? 1_555 CA ? D CA . ? A CA 152 ? 1_555 O   ? H HOH .   ? A HOH 202 ? 1_555 168.1 ? 
38 OD1 ? A ASP 58  ? A ASP 58  ? 1_555 CA ? D CA . ? A CA 152 ? 1_555 O   ? H HOH .   ? A HOH 202 ? 1_555 95.0  ? 
39 OD1 ? A ASN 60  ? A ASN 60  ? 1_555 CA ? D CA . ? A CA 152 ? 1_555 O   ? H HOH .   ? A HOH 202 ? 1_555 84.3  ? 
40 O   ? A THR 62  ? A THR 62  ? 1_555 CA ? D CA . ? A CA 152 ? 1_555 O   ? H HOH .   ? A HOH 202 ? 1_555 96.8  ? 
41 OE1 ? A GLU 67  ? A GLU 67  ? 1_555 CA ? D CA . ? A CA 152 ? 1_555 O   ? H HOH .   ? A HOH 202 ? 1_555 87.0  ? 
42 OE2 ? A GLU 67  ? A GLU 67  ? 1_555 CA ? D CA . ? A CA 152 ? 1_555 O   ? H HOH .   ? A HOH 202 ? 1_555 99.0  ? 
43 OD1 ? A ASP 93  ? A ASP 93  ? 1_555 CA ? E CA . ? A CA 153 ? 1_555 OD1 ? A ASP 95  ? A ASP 95  ? 1_555 79.7  ? 
44 OD1 ? A ASP 93  ? A ASP 93  ? 1_555 CA ? E CA . ? A CA 153 ? 1_555 OD1 ? A ASN 97  ? A ASN 97  ? 1_555 88.9  ? 
45 OD1 ? A ASP 95  ? A ASP 95  ? 1_555 CA ? E CA . ? A CA 153 ? 1_555 OD1 ? A ASN 97  ? A ASN 97  ? 1_555 76.7  ? 
46 OD1 ? A ASP 93  ? A ASP 93  ? 1_555 CA ? E CA . ? A CA 153 ? 1_555 O   ? A PHE 99  ? A PHE 99  ? 1_555 70.4  ? 
47 OD1 ? A ASP 95  ? A ASP 95  ? 1_555 CA ? E CA . ? A CA 153 ? 1_555 O   ? A PHE 99  ? A PHE 99  ? 1_555 145.4 ? 
48 OD1 ? A ASN 97  ? A ASN 97  ? 1_555 CA ? E CA . ? A CA 153 ? 1_555 O   ? A PHE 99  ? A PHE 99  ? 1_555 85.4  ? 
49 OD1 ? A ASP 93  ? A ASP 93  ? 1_555 CA ? E CA . ? A CA 153 ? 1_555 OE1 ? A GLU 104 ? A GLU 104 ? 1_555 98.4  ? 
50 OD1 ? A ASP 95  ? A ASP 95  ? 1_555 CA ? E CA . ? A CA 153 ? 1_555 OE1 ? A GLU 104 ? A GLU 104 ? 1_555 126.9 ? 
51 OD1 ? A ASN 97  ? A ASN 97  ? 1_555 CA ? E CA . ? A CA 153 ? 1_555 OE1 ? A GLU 104 ? A GLU 104 ? 1_555 156.0 ? 
52 O   ? A PHE 99  ? A PHE 99  ? 1_555 CA ? E CA . ? A CA 153 ? 1_555 OE1 ? A GLU 104 ? A GLU 104 ? 1_555 75.8  ? 
53 OD1 ? A ASP 93  ? A ASP 93  ? 1_555 CA ? E CA . ? A CA 153 ? 1_555 OE2 ? A GLU 104 ? A GLU 104 ? 1_555 90.9  ? 
54 OD1 ? A ASP 95  ? A ASP 95  ? 1_555 CA ? E CA . ? A CA 153 ? 1_555 OE2 ? A GLU 104 ? A GLU 104 ? 1_555 77.8  ? 
55 OD1 ? A ASN 97  ? A ASN 97  ? 1_555 CA ? E CA . ? A CA 153 ? 1_555 OE2 ? A GLU 104 ? A GLU 104 ? 1_555 154.1 ? 
56 O   ? A PHE 99  ? A PHE 99  ? 1_555 CA ? E CA . ? A CA 153 ? 1_555 OE2 ? A GLU 104 ? A GLU 104 ? 1_555 118.7 ? 
57 OE1 ? A GLU 104 ? A GLU 104 ? 1_555 CA ? E CA . ? A CA 153 ? 1_555 OE2 ? A GLU 104 ? A GLU 104 ? 1_555 49.1  ? 
58 OD1 ? A ASP 93  ? A ASP 93  ? 1_555 CA ? E CA . ? A CA 153 ? 1_555 O   ? H HOH .   ? A HOH 203 ? 1_555 166.9 ? 
59 OD1 ? A ASP 95  ? A ASP 95  ? 1_555 CA ? E CA . ? A CA 153 ? 1_555 O   ? H HOH .   ? A HOH 203 ? 1_555 100.6 ? 
60 OD1 ? A ASN 97  ? A ASN 97  ? 1_555 CA ? E CA . ? A CA 153 ? 1_555 O   ? H HOH .   ? A HOH 203 ? 1_555 78.6  ? 
61 O   ? A PHE 99  ? A PHE 99  ? 1_555 CA ? E CA . ? A CA 153 ? 1_555 O   ? H HOH .   ? A HOH 203 ? 1_555 104.7 ? 
62 OE1 ? A GLU 104 ? A GLU 104 ? 1_555 CA ? E CA . ? A CA 153 ? 1_555 O   ? H HOH .   ? A HOH 203 ? 1_555 91.8  ? 
63 OE2 ? A GLU 104 ? A GLU 104 ? 1_555 CA ? E CA . ? A CA 153 ? 1_555 O   ? H HOH .   ? A HOH 203 ? 1_555 101.9 ? 
64 OD1 ? A ASP 129 ? A ASP 129 ? 1_555 CA ? F CA . ? A CA 154 ? 1_555 OD1 ? A ASP 131 ? A ASP 131 ? 1_555 82.2  ? 
65 OD1 ? A ASP 129 ? A ASP 129 ? 1_555 CA ? F CA . ? A CA 154 ? 1_555 OD1 ? A ASP 133 ? A ASP 133 ? 1_555 79.0  ? 
66 OD1 ? A ASP 131 ? A ASP 131 ? 1_555 CA ? F CA . ? A CA 154 ? 1_555 OD1 ? A ASP 133 ? A ASP 133 ? 1_555 73.8  ? 
67 OD1 ? A ASP 129 ? A ASP 129 ? 1_555 CA ? F CA . ? A CA 154 ? 1_555 O   ? A GLN 135 ? A GLN 135 ? 1_555 74.8  ? 
68 OD1 ? A ASP 131 ? A ASP 131 ? 1_555 CA ? F CA . ? A CA 154 ? 1_555 O   ? A GLN 135 ? A GLN 135 ? 1_555 144.7 ? 
69 OD1 ? A ASP 133 ? A ASP 133 ? 1_555 CA ? F CA . ? A CA 154 ? 1_555 O   ? A GLN 135 ? A GLN 135 ? 1_555 75.7  ? 
70 OD1 ? A ASP 129 ? A ASP 129 ? 1_555 CA ? F CA . ? A CA 154 ? 1_555 OE2 ? A GLU 140 ? A GLU 140 ? 1_555 94.7  ? 
71 OD1 ? A ASP 131 ? A ASP 131 ? 1_555 CA ? F CA . ? A CA 154 ? 1_555 OE2 ? A GLU 140 ? A GLU 140 ? 1_555 87.6  ? 
72 OD1 ? A ASP 133 ? A ASP 133 ? 1_555 CA ? F CA . ? A CA 154 ? 1_555 OE2 ? A GLU 140 ? A GLU 140 ? 1_555 161.0 ? 
73 O   ? A GLN 135 ? A GLN 135 ? 1_555 CA ? F CA . ? A CA 154 ? 1_555 OE2 ? A GLU 140 ? A GLU 140 ? 1_555 120.2 ? 
74 OD1 ? A ASP 129 ? A ASP 129 ? 1_555 CA ? F CA . ? A CA 154 ? 1_555 OE1 ? A GLU 140 ? A GLU 140 ? 1_555 122.2 ? 
75 OD1 ? A ASP 131 ? A ASP 131 ? 1_555 CA ? F CA . ? A CA 154 ? 1_555 OE1 ? A GLU 140 ? A GLU 140 ? 1_555 128.1 ? 
76 OD1 ? A ASP 133 ? A ASP 133 ? 1_555 CA ? F CA . ? A CA 154 ? 1_555 OE1 ? A GLU 140 ? A GLU 140 ? 1_555 148.4 ? 
77 O   ? A GLN 135 ? A GLN 135 ? 1_555 CA ? F CA . ? A CA 154 ? 1_555 OE1 ? A GLU 140 ? A GLU 140 ? 1_555 87.1  ? 
78 OE2 ? A GLU 140 ? A GLU 140 ? 1_555 CA ? F CA . ? A CA 154 ? 1_555 OE1 ? A GLU 140 ? A GLU 140 ? 1_555 49.1  ? 
79 OD1 ? A ASP 129 ? A ASP 129 ? 1_555 CA ? F CA . ? A CA 154 ? 1_555 O   ? H HOH .   ? A HOH 204 ? 1_555 156.4 ? 
80 OD1 ? A ASP 131 ? A ASP 131 ? 1_555 CA ? F CA . ? A CA 154 ? 1_555 O   ? H HOH .   ? A HOH 204 ? 1_555 90.9  ? 
81 OD1 ? A ASP 133 ? A ASP 133 ? 1_555 CA ? F CA . ? A CA 154 ? 1_555 O   ? H HOH .   ? A HOH 204 ? 1_555 77.5  ? 
82 O   ? A GLN 135 ? A GLN 135 ? 1_555 CA ? F CA . ? A CA 154 ? 1_555 O   ? H HOH .   ? A HOH 204 ? 1_555 99.6  ? 
83 OE2 ? A GLU 140 ? A GLU 140 ? 1_555 CA ? F CA . ? A CA 154 ? 1_555 O   ? H HOH .   ? A HOH 204 ? 1_555 107.6 ? 
84 OE1 ? A GLU 140 ? A GLU 140 ? 1_555 CA ? F CA . ? A CA 154 ? 1_555 O   ? H HOH .   ? A HOH 204 ? 1_555 79.6  ? 
# 
loop_
_pdbx_modification_feature.ordinal 
_pdbx_modification_feature.label_comp_id 
_pdbx_modification_feature.label_asym_id 
_pdbx_modification_feature.label_seq_id 
_pdbx_modification_feature.label_alt_id 
_pdbx_modification_feature.modified_residue_label_comp_id 
_pdbx_modification_feature.modified_residue_label_asym_id 
_pdbx_modification_feature.modified_residue_label_seq_id 
_pdbx_modification_feature.modified_residue_label_alt_id 
_pdbx_modification_feature.auth_comp_id 
_pdbx_modification_feature.auth_asym_id 
_pdbx_modification_feature.auth_seq_id 
_pdbx_modification_feature.PDB_ins_code 
_pdbx_modification_feature.symmetry 
_pdbx_modification_feature.modified_residue_auth_comp_id 
_pdbx_modification_feature.modified_residue_auth_asym_id 
_pdbx_modification_feature.modified_residue_auth_seq_id 
_pdbx_modification_feature.modified_residue_PDB_ins_code 
_pdbx_modification_feature.modified_residue_symmetry 
_pdbx_modification_feature.comp_id_linking_atom 
_pdbx_modification_feature.modified_residue_id_linking_atom 
_pdbx_modification_feature.modified_residue_id 
_pdbx_modification_feature.ref_pcm_id 
_pdbx_modification_feature.ref_comp_id 
_pdbx_modification_feature.type 
_pdbx_modification_feature.category 
1 TRF B 4  ? .   . .  . TRF B 4  ? 1_555 .   . .  . .     . . TRP 1 TRF Formylation 'Named protein modification' 
2 NH2 B 21 ? SER B 20 ? NH2 B 21 ? 1_555 SER B 20 ? 1_555 . . SER 6 NH2 None        'Terminal amidation'         
# 
_struct_sheet.id               A 
_struct_sheet.type             ? 
_struct_sheet.number_strands   2 
_struct_sheet.details          ? 
# 
_struct_sheet_order.sheet_id     A 
_struct_sheet_order.range_id_1   1 
_struct_sheet_order.range_id_2   2 
_struct_sheet_order.offset       ? 
_struct_sheet_order.sense        anti-parallel 
# 
loop_
_struct_sheet_range.sheet_id 
_struct_sheet_range.id 
_struct_sheet_range.beg_label_comp_id 
_struct_sheet_range.beg_label_asym_id 
_struct_sheet_range.beg_label_seq_id 
_struct_sheet_range.pdbx_beg_PDB_ins_code 
_struct_sheet_range.end_label_comp_id 
_struct_sheet_range.end_label_asym_id 
_struct_sheet_range.end_label_seq_id 
_struct_sheet_range.pdbx_end_PDB_ins_code 
_struct_sheet_range.beg_auth_comp_id 
_struct_sheet_range.beg_auth_asym_id 
_struct_sheet_range.beg_auth_seq_id 
_struct_sheet_range.end_auth_comp_id 
_struct_sheet_range.end_auth_asym_id 
_struct_sheet_range.end_auth_seq_id 
A 1 THR A 26 ? ILE A 27 ? THR A 26 ILE A 27 
A 2 ILE A 63 ? ASP A 64 ? ILE A 63 ASP A 64 
# 
_pdbx_struct_sheet_hbond.sheet_id                A 
_pdbx_struct_sheet_hbond.range_id_1              1 
_pdbx_struct_sheet_hbond.range_id_2              2 
_pdbx_struct_sheet_hbond.range_1_label_atom_id   N 
_pdbx_struct_sheet_hbond.range_1_label_comp_id   ILE 
_pdbx_struct_sheet_hbond.range_1_label_asym_id   A 
_pdbx_struct_sheet_hbond.range_1_label_seq_id    27 
_pdbx_struct_sheet_hbond.range_1_PDB_ins_code    ? 
_pdbx_struct_sheet_hbond.range_1_auth_atom_id    N 
_pdbx_struct_sheet_hbond.range_1_auth_comp_id    ILE 
_pdbx_struct_sheet_hbond.range_1_auth_asym_id    A 
_pdbx_struct_sheet_hbond.range_1_auth_seq_id     27 
_pdbx_struct_sheet_hbond.range_2_label_atom_id   O 
_pdbx_struct_sheet_hbond.range_2_label_comp_id   ILE 
_pdbx_struct_sheet_hbond.range_2_label_asym_id   A 
_pdbx_struct_sheet_hbond.range_2_label_seq_id    63 
_pdbx_struct_sheet_hbond.range_2_PDB_ins_code    ? 
_pdbx_struct_sheet_hbond.range_2_auth_atom_id    O 
_pdbx_struct_sheet_hbond.range_2_auth_comp_id    ILE 
_pdbx_struct_sheet_hbond.range_2_auth_asym_id    A 
_pdbx_struct_sheet_hbond.range_2_auth_seq_id     63 
# 
loop_
_struct_site.id 
_struct_site.pdbx_evidence_code 
_struct_site.pdbx_auth_asym_id 
_struct_site.pdbx_auth_comp_id 
_struct_site.pdbx_auth_seq_id 
_struct_site.pdbx_auth_ins_code 
_struct_site.pdbx_num_residues 
_struct_site.details 
CA1 Unknown  ? ?   ?   ? 14 'CALCIUM BINDING SITE ONE.'          
CA2 Unknown  ? ?   ?   ? 14 'CALCIUM BINDING SITE TWO.'          
CA3 Unknown  ? ?   ?   ? 14 'CALCIUM BINDING SITE THREE.'        
CA4 Unknown  ? ?   ?   ? 14 'CALCIUM BINDING SITE FOUR.'         
AC1 Software A CA  151 ? 6  'BINDING SITE FOR RESIDUE CA A 151'  
AC2 Software A CA  152 ? 6  'BINDING SITE FOR RESIDUE CA A 152'  
AC3 Software A CA  153 ? 6  'BINDING SITE FOR RESIDUE CA A 153'  
AC4 Software A CA  154 ? 6  'BINDING SITE FOR RESIDUE CA A 154'  
AC5 Software B ACT 601 ? 6  'BINDING SITE FOR RESIDUE ACT B 601' 
# 
loop_
_struct_site_gen.id 
_struct_site_gen.site_id 
_struct_site_gen.pdbx_num_res 
_struct_site_gen.label_comp_id 
_struct_site_gen.label_asym_id 
_struct_site_gen.label_seq_id 
_struct_site_gen.pdbx_auth_ins_code 
_struct_site_gen.auth_comp_id 
_struct_site_gen.auth_asym_id 
_struct_site_gen.auth_seq_id 
_struct_site_gen.label_atom_id 
_struct_site_gen.label_alt_id 
_struct_site_gen.symmetry 
_struct_site_gen.details 
1  CA1 14 ASP A 20  ? ASP A 20  . ? 1_555 ? 
2  CA1 14 LYS A 21  ? LYS A 21  . ? 1_555 ? 
3  CA1 14 ASP A 22  ? ASP A 22  . ? 1_555 ? 
4  CA1 14 GLY A 23  ? GLY A 23  . ? 1_555 ? 
5  CA1 14 ASP A 24  ? ASP A 24  . ? 1_555 ? 
6  CA1 14 GLY A 25  ? GLY A 25  . ? 1_555 ? 
7  CA1 14 THR A 26  ? THR A 26  . ? 1_555 ? 
8  CA1 14 ILE A 27  ? ILE A 27  . ? 1_555 ? 
9  CA1 14 THR A 28  ? THR A 28  . ? 1_555 ? 
10 CA1 14 THR A 29  ? THR A 29  . ? 1_555 ? 
11 CA1 14 LYS A 30  ? LYS A 30  . ? 1_555 ? 
12 CA1 14 GLU A 31  ? GLU A 31  . ? 1_555 ? 
13 CA1 14 CA  C .   ? CA  A 151 . ? 1_555 ? 
14 CA1 14 HOH H .   ? HOH A 201 . ? 1_555 ? 
15 CA2 14 ASP A 56  ? ASP A 56  . ? 1_555 ? 
16 CA2 14 ALA A 57  ? ALA A 57  . ? 1_555 ? 
17 CA2 14 ASP A 58  ? ASP A 58  . ? 1_555 ? 
18 CA2 14 GLY A 59  ? GLY A 59  . ? 1_555 ? 
19 CA2 14 ASN A 60  ? ASN A 60  . ? 1_555 ? 
20 CA2 14 GLY A 61  ? GLY A 61  . ? 1_555 ? 
21 CA2 14 THR A 62  ? THR A 62  . ? 1_555 ? 
22 CA2 14 ILE A 63  ? ILE A 63  . ? 1_555 ? 
23 CA2 14 ASP A 64  ? ASP A 64  . ? 1_555 ? 
24 CA2 14 PHE A 65  ? PHE A 65  . ? 1_555 ? 
25 CA2 14 PRO A 66  ? PRO A 66  . ? 1_555 ? 
26 CA2 14 GLU A 67  ? GLU A 67  . ? 1_555 ? 
27 CA2 14 CA  D .   ? CA  A 152 . ? 1_555 ? 
28 CA2 14 HOH H .   ? HOH A 202 . ? 1_555 ? 
29 CA3 14 ASP A 93  ? ASP A 93  . ? 1_555 ? 
30 CA3 14 LYS A 94  ? LYS A 94  . ? 1_555 ? 
31 CA3 14 ASP A 95  ? ASP A 95  . ? 1_555 ? 
32 CA3 14 GLY A 96  ? GLY A 96  . ? 1_555 ? 
33 CA3 14 ASN A 97  ? ASN A 97  . ? 1_555 ? 
34 CA3 14 GLY A 98  ? GLY A 98  . ? 1_555 ? 
35 CA3 14 PHE A 99  ? PHE A 99  . ? 1_555 ? 
36 CA3 14 ILE A 100 ? ILE A 100 . ? 1_555 ? 
37 CA3 14 SER A 101 ? SER A 101 . ? 1_555 ? 
38 CA3 14 ALA A 102 ? ALA A 102 . ? 1_555 ? 
39 CA3 14 ALA A 103 ? ALA A 103 . ? 1_555 ? 
40 CA3 14 GLU A 104 ? GLU A 104 . ? 1_555 ? 
41 CA3 14 CA  E .   ? CA  A 153 . ? 1_555 ? 
42 CA3 14 HOH H .   ? HOH A 203 . ? 1_555 ? 
43 CA4 14 ASP A 129 ? ASP A 129 . ? 1_555 ? 
44 CA4 14 VAL A 130 ? VAL A 130 . ? 1_555 ? 
45 CA4 14 ASP A 131 ? ASP A 131 . ? 1_555 ? 
46 CA4 14 GLY A 132 ? GLY A 132 . ? 1_555 ? 
47 CA4 14 ASP A 133 ? ASP A 133 . ? 1_555 ? 
48 CA4 14 GLY A 134 ? GLY A 134 . ? 1_555 ? 
49 CA4 14 GLN A 135 ? GLN A 135 . ? 1_555 ? 
50 CA4 14 VAL A 136 ? VAL A 136 . ? 1_555 ? 
51 CA4 14 ASN A 137 ? ASN A 137 . ? 1_555 ? 
52 CA4 14 TYR A 138 ? TYR A 138 . ? 1_555 ? 
53 CA4 14 GLU A 139 ? GLU A 139 . ? 1_555 ? 
54 CA4 14 GLU A 140 ? GLU A 140 . ? 1_555 ? 
55 CA4 14 CA  F .   ? CA  A 154 . ? 1_555 ? 
56 CA4 14 HOH H .   ? HOH A 204 . ? 1_555 ? 
57 AC1 6  ASP A 20  ? ASP A 20  . ? 1_555 ? 
58 AC1 6  ASP A 22  ? ASP A 22  . ? 1_555 ? 
59 AC1 6  ASP A 24  ? ASP A 24  . ? 1_555 ? 
60 AC1 6  THR A 26  ? THR A 26  . ? 1_555 ? 
61 AC1 6  GLU A 31  ? GLU A 31  . ? 1_555 ? 
62 AC1 6  HOH H .   ? HOH A 201 . ? 1_555 ? 
63 AC2 6  ASP A 56  ? ASP A 56  . ? 1_555 ? 
64 AC2 6  ASP A 58  ? ASP A 58  . ? 1_555 ? 
65 AC2 6  ASN A 60  ? ASN A 60  . ? 1_555 ? 
66 AC2 6  THR A 62  ? THR A 62  . ? 1_555 ? 
67 AC2 6  GLU A 67  ? GLU A 67  . ? 1_555 ? 
68 AC2 6  HOH H .   ? HOH A 202 . ? 1_555 ? 
69 AC3 6  ASP A 93  ? ASP A 93  . ? 1_555 ? 
70 AC3 6  ASP A 95  ? ASP A 95  . ? 1_555 ? 
71 AC3 6  ASN A 97  ? ASN A 97  . ? 1_555 ? 
72 AC3 6  PHE A 99  ? PHE A 99  . ? 1_555 ? 
73 AC3 6  GLU A 104 ? GLU A 104 . ? 1_555 ? 
74 AC3 6  HOH H .   ? HOH A 203 . ? 1_555 ? 
75 AC4 6  ASP A 129 ? ASP A 129 . ? 1_555 ? 
76 AC4 6  ASP A 131 ? ASP A 131 . ? 1_555 ? 
77 AC4 6  ASP A 133 ? ASP A 133 . ? 1_555 ? 
78 AC4 6  GLN A 135 ? GLN A 135 . ? 1_555 ? 
79 AC4 6  GLU A 140 ? GLU A 140 . ? 1_555 ? 
80 AC4 6  HOH H .   ? HOH A 204 . ? 1_555 ? 
81 AC5 6  LYS A 84  ? LYS A 84  . ? 1_555 ? 
82 AC5 6  LEU A 85  ? LEU A 85  . ? 1_555 ? 
83 AC5 6  ARG B 12  ? ARG B 12  . ? 1_555 ? 
84 AC5 6  ARG B 16  ? ARG B 16  . ? 1_555 ? 
85 AC5 6  HOH I .   ? HOH B 417 . ? 1_555 ? 
86 AC5 6  HOH I .   ? HOH B 423 . ? 1_555 ? 
# 
_pdbx_entry_details.entry_id                   1VRK 
_pdbx_entry_details.compound_details           
;THE ENHANCEMENT OF CALMODULIN'S CALCIUM BINDING BY
SMOOTH MUSCLE/NONMUSCLE MYOSIN LIGHT CHAIN KINASE
OR THE RS20 PEPTIDE ANALOG (CHAIN B) IS DIMINISHED
BY THE MUTATION OF GLUTAMATE-84 TO LYSINE (E84K).

THE PRESENCE OR ABSENCE OF THE FORMYL BLOCKING GROUP ON
TRYPTOPHAN-4 OF THE PEPTIDE HAS NO EFFECT ON THE CALCIUM
BINDING PROPERTIES OF EITHER THE WILD-TYPE OR E84K MUTANT
CALMODULIN. (UNPUBLISHED)
;
_pdbx_entry_details.source_details             ? 
_pdbx_entry_details.nonpolymer_details         ? 
_pdbx_entry_details.sequence_details           ? 
_pdbx_entry_details.has_ligand_of_interest     ? 
_pdbx_entry_details.has_protein_modification   Y 
# 
_pdbx_validate_torsion.id              1 
_pdbx_validate_torsion.PDB_model_num   1 
_pdbx_validate_torsion.auth_comp_id    GLN 
_pdbx_validate_torsion.auth_asym_id    A 
_pdbx_validate_torsion.auth_seq_id     3 
_pdbx_validate_torsion.PDB_ins_code    ? 
_pdbx_validate_torsion.label_alt_id    ? 
_pdbx_validate_torsion.phi             -140.97 
_pdbx_validate_torsion.psi             45.26 
# 
_pdbx_struct_mod_residue.id               1 
_pdbx_struct_mod_residue.label_asym_id    B 
_pdbx_struct_mod_residue.label_comp_id    TRF 
_pdbx_struct_mod_residue.label_seq_id     4 
_pdbx_struct_mod_residue.auth_asym_id     B 
_pdbx_struct_mod_residue.auth_comp_id     TRF 
_pdbx_struct_mod_residue.auth_seq_id      4 
_pdbx_struct_mod_residue.PDB_ins_code     ? 
_pdbx_struct_mod_residue.parent_comp_id   TRP 
_pdbx_struct_mod_residue.details          N1-FORMYL-TRYPTOPHAN 
# 
_pdbx_database_remark.id     650 
_pdbx_database_remark.text   
;HELIX
THE STRUCTURAL CONSEQUENCE OF THE E84K MUTATION RELATIVE
TO THE WILD TYPE STRUCTURE (REFERENCE 1 ABOVE) IS AN
ALTERATION OF THE RESIDUE 84 CONFORMATION AND A FIVE
DEGREE MOVEMENT OF HELIX E (HELIX 5) AWAY FROM THE PEPTIDE
;
# 
loop_
_chem_comp_atom.comp_id 
_chem_comp_atom.atom_id 
_chem_comp_atom.type_symbol 
_chem_comp_atom.pdbx_aromatic_flag 
_chem_comp_atom.pdbx_stereo_config 
_chem_comp_atom.pdbx_ordinal 
ACT C    C  N N 1   
ACT O    O  N N 2   
ACT OXT  O  N N 3   
ACT CH3  C  N N 4   
ACT H1   H  N N 5   
ACT H2   H  N N 6   
ACT H3   H  N N 7   
ALA N    N  N N 8   
ALA CA   C  N S 9   
ALA C    C  N N 10  
ALA O    O  N N 11  
ALA CB   C  N N 12  
ALA OXT  O  N N 13  
ALA H    H  N N 14  
ALA H2   H  N N 15  
ALA HA   H  N N 16  
ALA HB1  H  N N 17  
ALA HB2  H  N N 18  
ALA HB3  H  N N 19  
ALA HXT  H  N N 20  
ARG N    N  N N 21  
ARG CA   C  N S 22  
ARG C    C  N N 23  
ARG O    O  N N 24  
ARG CB   C  N N 25  
ARG CG   C  N N 26  
ARG CD   C  N N 27  
ARG NE   N  N N 28  
ARG CZ   C  N N 29  
ARG NH1  N  N N 30  
ARG NH2  N  N N 31  
ARG OXT  O  N N 32  
ARG H    H  N N 33  
ARG H2   H  N N 34  
ARG HA   H  N N 35  
ARG HB2  H  N N 36  
ARG HB3  H  N N 37  
ARG HG2  H  N N 38  
ARG HG3  H  N N 39  
ARG HD2  H  N N 40  
ARG HD3  H  N N 41  
ARG HE   H  N N 42  
ARG HH11 H  N N 43  
ARG HH12 H  N N 44  
ARG HH21 H  N N 45  
ARG HH22 H  N N 46  
ARG HXT  H  N N 47  
ASN N    N  N N 48  
ASN CA   C  N S 49  
ASN C    C  N N 50  
ASN O    O  N N 51  
ASN CB   C  N N 52  
ASN CG   C  N N 53  
ASN OD1  O  N N 54  
ASN ND2  N  N N 55  
ASN OXT  O  N N 56  
ASN H    H  N N 57  
ASN H2   H  N N 58  
ASN HA   H  N N 59  
ASN HB2  H  N N 60  
ASN HB3  H  N N 61  
ASN HD21 H  N N 62  
ASN HD22 H  N N 63  
ASN HXT  H  N N 64  
ASP N    N  N N 65  
ASP CA   C  N S 66  
ASP C    C  N N 67  
ASP O    O  N N 68  
ASP CB   C  N N 69  
ASP CG   C  N N 70  
ASP OD1  O  N N 71  
ASP OD2  O  N N 72  
ASP OXT  O  N N 73  
ASP H    H  N N 74  
ASP H2   H  N N 75  
ASP HA   H  N N 76  
ASP HB2  H  N N 77  
ASP HB3  H  N N 78  
ASP HD2  H  N N 79  
ASP HXT  H  N N 80  
CA  CA   CA N N 81  
GLN N    N  N N 82  
GLN CA   C  N S 83  
GLN C    C  N N 84  
GLN O    O  N N 85  
GLN CB   C  N N 86  
GLN CG   C  N N 87  
GLN CD   C  N N 88  
GLN OE1  O  N N 89  
GLN NE2  N  N N 90  
GLN OXT  O  N N 91  
GLN H    H  N N 92  
GLN H2   H  N N 93  
GLN HA   H  N N 94  
GLN HB2  H  N N 95  
GLN HB3  H  N N 96  
GLN HG2  H  N N 97  
GLN HG3  H  N N 98  
GLN HE21 H  N N 99  
GLN HE22 H  N N 100 
GLN HXT  H  N N 101 
GLU N    N  N N 102 
GLU CA   C  N S 103 
GLU C    C  N N 104 
GLU O    O  N N 105 
GLU CB   C  N N 106 
GLU CG   C  N N 107 
GLU CD   C  N N 108 
GLU OE1  O  N N 109 
GLU OE2  O  N N 110 
GLU OXT  O  N N 111 
GLU H    H  N N 112 
GLU H2   H  N N 113 
GLU HA   H  N N 114 
GLU HB2  H  N N 115 
GLU HB3  H  N N 116 
GLU HG2  H  N N 117 
GLU HG3  H  N N 118 
GLU HE2  H  N N 119 
GLU HXT  H  N N 120 
GLY N    N  N N 121 
GLY CA   C  N N 122 
GLY C    C  N N 123 
GLY O    O  N N 124 
GLY OXT  O  N N 125 
GLY H    H  N N 126 
GLY H2   H  N N 127 
GLY HA2  H  N N 128 
GLY HA3  H  N N 129 
GLY HXT  H  N N 130 
HIS N    N  N N 131 
HIS CA   C  N S 132 
HIS C    C  N N 133 
HIS O    O  N N 134 
HIS CB   C  N N 135 
HIS CG   C  Y N 136 
HIS ND1  N  Y N 137 
HIS CD2  C  Y N 138 
HIS CE1  C  Y N 139 
HIS NE2  N  Y N 140 
HIS OXT  O  N N 141 
HIS H    H  N N 142 
HIS H2   H  N N 143 
HIS HA   H  N N 144 
HIS HB2  H  N N 145 
HIS HB3  H  N N 146 
HIS HD1  H  N N 147 
HIS HD2  H  N N 148 
HIS HE1  H  N N 149 
HIS HE2  H  N N 150 
HIS HXT  H  N N 151 
HOH O    O  N N 152 
HOH H1   H  N N 153 
HOH H2   H  N N 154 
ILE N    N  N N 155 
ILE CA   C  N S 156 
ILE C    C  N N 157 
ILE O    O  N N 158 
ILE CB   C  N S 159 
ILE CG1  C  N N 160 
ILE CG2  C  N N 161 
ILE CD1  C  N N 162 
ILE OXT  O  N N 163 
ILE H    H  N N 164 
ILE H2   H  N N 165 
ILE HA   H  N N 166 
ILE HB   H  N N 167 
ILE HG12 H  N N 168 
ILE HG13 H  N N 169 
ILE HG21 H  N N 170 
ILE HG22 H  N N 171 
ILE HG23 H  N N 172 
ILE HD11 H  N N 173 
ILE HD12 H  N N 174 
ILE HD13 H  N N 175 
ILE HXT  H  N N 176 
LEU N    N  N N 177 
LEU CA   C  N S 178 
LEU C    C  N N 179 
LEU O    O  N N 180 
LEU CB   C  N N 181 
LEU CG   C  N N 182 
LEU CD1  C  N N 183 
LEU CD2  C  N N 184 
LEU OXT  O  N N 185 
LEU H    H  N N 186 
LEU H2   H  N N 187 
LEU HA   H  N N 188 
LEU HB2  H  N N 189 
LEU HB3  H  N N 190 
LEU HG   H  N N 191 
LEU HD11 H  N N 192 
LEU HD12 H  N N 193 
LEU HD13 H  N N 194 
LEU HD21 H  N N 195 
LEU HD22 H  N N 196 
LEU HD23 H  N N 197 
LEU HXT  H  N N 198 
LYS N    N  N N 199 
LYS CA   C  N S 200 
LYS C    C  N N 201 
LYS O    O  N N 202 
LYS CB   C  N N 203 
LYS CG   C  N N 204 
LYS CD   C  N N 205 
LYS CE   C  N N 206 
LYS NZ   N  N N 207 
LYS OXT  O  N N 208 
LYS H    H  N N 209 
LYS H2   H  N N 210 
LYS HA   H  N N 211 
LYS HB2  H  N N 212 
LYS HB3  H  N N 213 
LYS HG2  H  N N 214 
LYS HG3  H  N N 215 
LYS HD2  H  N N 216 
LYS HD3  H  N N 217 
LYS HE2  H  N N 218 
LYS HE3  H  N N 219 
LYS HZ1  H  N N 220 
LYS HZ2  H  N N 221 
LYS HZ3  H  N N 222 
LYS HXT  H  N N 223 
MET N    N  N N 224 
MET CA   C  N S 225 
MET C    C  N N 226 
MET O    O  N N 227 
MET CB   C  N N 228 
MET CG   C  N N 229 
MET SD   S  N N 230 
MET CE   C  N N 231 
MET OXT  O  N N 232 
MET H    H  N N 233 
MET H2   H  N N 234 
MET HA   H  N N 235 
MET HB2  H  N N 236 
MET HB3  H  N N 237 
MET HG2  H  N N 238 
MET HG3  H  N N 239 
MET HE1  H  N N 240 
MET HE2  H  N N 241 
MET HE3  H  N N 242 
MET HXT  H  N N 243 
NH2 N    N  N N 244 
NH2 HN1  H  N N 245 
NH2 HN2  H  N N 246 
PHE N    N  N N 247 
PHE CA   C  N S 248 
PHE C    C  N N 249 
PHE O    O  N N 250 
PHE CB   C  N N 251 
PHE CG   C  Y N 252 
PHE CD1  C  Y N 253 
PHE CD2  C  Y N 254 
PHE CE1  C  Y N 255 
PHE CE2  C  Y N 256 
PHE CZ   C  Y N 257 
PHE OXT  O  N N 258 
PHE H    H  N N 259 
PHE H2   H  N N 260 
PHE HA   H  N N 261 
PHE HB2  H  N N 262 
PHE HB3  H  N N 263 
PHE HD1  H  N N 264 
PHE HD2  H  N N 265 
PHE HE1  H  N N 266 
PHE HE2  H  N N 267 
PHE HZ   H  N N 268 
PHE HXT  H  N N 269 
PRO N    N  N N 270 
PRO CA   C  N S 271 
PRO C    C  N N 272 
PRO O    O  N N 273 
PRO CB   C  N N 274 
PRO CG   C  N N 275 
PRO CD   C  N N 276 
PRO OXT  O  N N 277 
PRO H    H  N N 278 
PRO HA   H  N N 279 
PRO HB2  H  N N 280 
PRO HB3  H  N N 281 
PRO HG2  H  N N 282 
PRO HG3  H  N N 283 
PRO HD2  H  N N 284 
PRO HD3  H  N N 285 
PRO HXT  H  N N 286 
SER N    N  N N 287 
SER CA   C  N S 288 
SER C    C  N N 289 
SER O    O  N N 290 
SER CB   C  N N 291 
SER OG   O  N N 292 
SER OXT  O  N N 293 
SER H    H  N N 294 
SER H2   H  N N 295 
SER HA   H  N N 296 
SER HB2  H  N N 297 
SER HB3  H  N N 298 
SER HG   H  N N 299 
SER HXT  H  N N 300 
THR N    N  N N 301 
THR CA   C  N S 302 
THR C    C  N N 303 
THR O    O  N N 304 
THR CB   C  N R 305 
THR OG1  O  N N 306 
THR CG2  C  N N 307 
THR OXT  O  N N 308 
THR H    H  N N 309 
THR H2   H  N N 310 
THR HA   H  N N 311 
THR HB   H  N N 312 
THR HG1  H  N N 313 
THR HG21 H  N N 314 
THR HG22 H  N N 315 
THR HG23 H  N N 316 
THR HXT  H  N N 317 
TRF N    N  N N 318 
TRF CA   C  N S 319 
TRF CB   C  N N 320 
TRF CG   C  Y N 321 
TRF CD1  C  Y N 322 
TRF NE1  N  Y N 323 
TRF CE2  C  Y N 324 
TRF CZ2  C  Y N 325 
TRF CH2  C  Y N 326 
TRF CZ3  C  Y N 327 
TRF CE3  C  Y N 328 
TRF CD2  C  Y N 329 
TRF C    C  N N 330 
TRF C1   C  N N 331 
TRF O1   O  N N 332 
TRF O    O  N N 333 
TRF OXT  O  N N 334 
TRF H    H  N N 335 
TRF H2   H  N N 336 
TRF HA   H  N N 337 
TRF HB2  H  N N 338 
TRF HB3  H  N N 339 
TRF HD1  H  N N 340 
TRF HZ2  H  N N 341 
TRF HH2  H  N N 342 
TRF HZ3  H  N N 343 
TRF HE3  H  N N 344 
TRF HC1  H  N N 345 
TRF HXT  H  N N 346 
TYR N    N  N N 347 
TYR CA   C  N S 348 
TYR C    C  N N 349 
TYR O    O  N N 350 
TYR CB   C  N N 351 
TYR CG   C  Y N 352 
TYR CD1  C  Y N 353 
TYR CD2  C  Y N 354 
TYR CE1  C  Y N 355 
TYR CE2  C  Y N 356 
TYR CZ   C  Y N 357 
TYR OH   O  N N 358 
TYR OXT  O  N N 359 
TYR H    H  N N 360 
TYR H2   H  N N 361 
TYR HA   H  N N 362 
TYR HB2  H  N N 363 
TYR HB3  H  N N 364 
TYR HD1  H  N N 365 
TYR HD2  H  N N 366 
TYR HE1  H  N N 367 
TYR HE2  H  N N 368 
TYR HH   H  N N 369 
TYR HXT  H  N N 370 
VAL N    N  N N 371 
VAL CA   C  N S 372 
VAL C    C  N N 373 
VAL O    O  N N 374 
VAL CB   C  N N 375 
VAL CG1  C  N N 376 
VAL CG2  C  N N 377 
VAL OXT  O  N N 378 
VAL H    H  N N 379 
VAL H2   H  N N 380 
VAL HA   H  N N 381 
VAL HB   H  N N 382 
VAL HG11 H  N N 383 
VAL HG12 H  N N 384 
VAL HG13 H  N N 385 
VAL HG21 H  N N 386 
VAL HG22 H  N N 387 
VAL HG23 H  N N 388 
VAL HXT  H  N N 389 
# 
loop_
_chem_comp_bond.comp_id 
_chem_comp_bond.atom_id_1 
_chem_comp_bond.atom_id_2 
_chem_comp_bond.value_order 
_chem_comp_bond.pdbx_aromatic_flag 
_chem_comp_bond.pdbx_stereo_config 
_chem_comp_bond.pdbx_ordinal 
ACT C   O    doub N N 1   
ACT C   OXT  sing N N 2   
ACT C   CH3  sing N N 3   
ACT CH3 H1   sing N N 4   
ACT CH3 H2   sing N N 5   
ACT CH3 H3   sing N N 6   
ALA N   CA   sing N N 7   
ALA N   H    sing N N 8   
ALA N   H2   sing N N 9   
ALA CA  C    sing N N 10  
ALA CA  CB   sing N N 11  
ALA CA  HA   sing N N 12  
ALA C   O    doub N N 13  
ALA C   OXT  sing N N 14  
ALA CB  HB1  sing N N 15  
ALA CB  HB2  sing N N 16  
ALA CB  HB3  sing N N 17  
ALA OXT HXT  sing N N 18  
ARG N   CA   sing N N 19  
ARG N   H    sing N N 20  
ARG N   H2   sing N N 21  
ARG CA  C    sing N N 22  
ARG CA  CB   sing N N 23  
ARG CA  HA   sing N N 24  
ARG C   O    doub N N 25  
ARG C   OXT  sing N N 26  
ARG CB  CG   sing N N 27  
ARG CB  HB2  sing N N 28  
ARG CB  HB3  sing N N 29  
ARG CG  CD   sing N N 30  
ARG CG  HG2  sing N N 31  
ARG CG  HG3  sing N N 32  
ARG CD  NE   sing N N 33  
ARG CD  HD2  sing N N 34  
ARG CD  HD3  sing N N 35  
ARG NE  CZ   sing N N 36  
ARG NE  HE   sing N N 37  
ARG CZ  NH1  sing N N 38  
ARG CZ  NH2  doub N N 39  
ARG NH1 HH11 sing N N 40  
ARG NH1 HH12 sing N N 41  
ARG NH2 HH21 sing N N 42  
ARG NH2 HH22 sing N N 43  
ARG OXT HXT  sing N N 44  
ASN N   CA   sing N N 45  
ASN N   H    sing N N 46  
ASN N   H2   sing N N 47  
ASN CA  C    sing N N 48  
ASN CA  CB   sing N N 49  
ASN CA  HA   sing N N 50  
ASN C   O    doub N N 51  
ASN C   OXT  sing N N 52  
ASN CB  CG   sing N N 53  
ASN CB  HB2  sing N N 54  
ASN CB  HB3  sing N N 55  
ASN CG  OD1  doub N N 56  
ASN CG  ND2  sing N N 57  
ASN ND2 HD21 sing N N 58  
ASN ND2 HD22 sing N N 59  
ASN OXT HXT  sing N N 60  
ASP N   CA   sing N N 61  
ASP N   H    sing N N 62  
ASP N   H2   sing N N 63  
ASP CA  C    sing N N 64  
ASP CA  CB   sing N N 65  
ASP CA  HA   sing N N 66  
ASP C   O    doub N N 67  
ASP C   OXT  sing N N 68  
ASP CB  CG   sing N N 69  
ASP CB  HB2  sing N N 70  
ASP CB  HB3  sing N N 71  
ASP CG  OD1  doub N N 72  
ASP CG  OD2  sing N N 73  
ASP OD2 HD2  sing N N 74  
ASP OXT HXT  sing N N 75  
GLN N   CA   sing N N 76  
GLN N   H    sing N N 77  
GLN N   H2   sing N N 78  
GLN CA  C    sing N N 79  
GLN CA  CB   sing N N 80  
GLN CA  HA   sing N N 81  
GLN C   O    doub N N 82  
GLN C   OXT  sing N N 83  
GLN CB  CG   sing N N 84  
GLN CB  HB2  sing N N 85  
GLN CB  HB3  sing N N 86  
GLN CG  CD   sing N N 87  
GLN CG  HG2  sing N N 88  
GLN CG  HG3  sing N N 89  
GLN CD  OE1  doub N N 90  
GLN CD  NE2  sing N N 91  
GLN NE2 HE21 sing N N 92  
GLN NE2 HE22 sing N N 93  
GLN OXT HXT  sing N N 94  
GLU N   CA   sing N N 95  
GLU N   H    sing N N 96  
GLU N   H2   sing N N 97  
GLU CA  C    sing N N 98  
GLU CA  CB   sing N N 99  
GLU CA  HA   sing N N 100 
GLU C   O    doub N N 101 
GLU C   OXT  sing N N 102 
GLU CB  CG   sing N N 103 
GLU CB  HB2  sing N N 104 
GLU CB  HB3  sing N N 105 
GLU CG  CD   sing N N 106 
GLU CG  HG2  sing N N 107 
GLU CG  HG3  sing N N 108 
GLU CD  OE1  doub N N 109 
GLU CD  OE2  sing N N 110 
GLU OE2 HE2  sing N N 111 
GLU OXT HXT  sing N N 112 
GLY N   CA   sing N N 113 
GLY N   H    sing N N 114 
GLY N   H2   sing N N 115 
GLY CA  C    sing N N 116 
GLY CA  HA2  sing N N 117 
GLY CA  HA3  sing N N 118 
GLY C   O    doub N N 119 
GLY C   OXT  sing N N 120 
GLY OXT HXT  sing N N 121 
HIS N   CA   sing N N 122 
HIS N   H    sing N N 123 
HIS N   H2   sing N N 124 
HIS CA  C    sing N N 125 
HIS CA  CB   sing N N 126 
HIS CA  HA   sing N N 127 
HIS C   O    doub N N 128 
HIS C   OXT  sing N N 129 
HIS CB  CG   sing N N 130 
HIS CB  HB2  sing N N 131 
HIS CB  HB3  sing N N 132 
HIS CG  ND1  sing Y N 133 
HIS CG  CD2  doub Y N 134 
HIS ND1 CE1  doub Y N 135 
HIS ND1 HD1  sing N N 136 
HIS CD2 NE2  sing Y N 137 
HIS CD2 HD2  sing N N 138 
HIS CE1 NE2  sing Y N 139 
HIS CE1 HE1  sing N N 140 
HIS NE2 HE2  sing N N 141 
HIS OXT HXT  sing N N 142 
HOH O   H1   sing N N 143 
HOH O   H2   sing N N 144 
ILE N   CA   sing N N 145 
ILE N   H    sing N N 146 
ILE N   H2   sing N N 147 
ILE CA  C    sing N N 148 
ILE CA  CB   sing N N 149 
ILE CA  HA   sing N N 150 
ILE C   O    doub N N 151 
ILE C   OXT  sing N N 152 
ILE CB  CG1  sing N N 153 
ILE CB  CG2  sing N N 154 
ILE CB  HB   sing N N 155 
ILE CG1 CD1  sing N N 156 
ILE CG1 HG12 sing N N 157 
ILE CG1 HG13 sing N N 158 
ILE CG2 HG21 sing N N 159 
ILE CG2 HG22 sing N N 160 
ILE CG2 HG23 sing N N 161 
ILE CD1 HD11 sing N N 162 
ILE CD1 HD12 sing N N 163 
ILE CD1 HD13 sing N N 164 
ILE OXT HXT  sing N N 165 
LEU N   CA   sing N N 166 
LEU N   H    sing N N 167 
LEU N   H2   sing N N 168 
LEU CA  C    sing N N 169 
LEU CA  CB   sing N N 170 
LEU CA  HA   sing N N 171 
LEU C   O    doub N N 172 
LEU C   OXT  sing N N 173 
LEU CB  CG   sing N N 174 
LEU CB  HB2  sing N N 175 
LEU CB  HB3  sing N N 176 
LEU CG  CD1  sing N N 177 
LEU CG  CD2  sing N N 178 
LEU CG  HG   sing N N 179 
LEU CD1 HD11 sing N N 180 
LEU CD1 HD12 sing N N 181 
LEU CD1 HD13 sing N N 182 
LEU CD2 HD21 sing N N 183 
LEU CD2 HD22 sing N N 184 
LEU CD2 HD23 sing N N 185 
LEU OXT HXT  sing N N 186 
LYS N   CA   sing N N 187 
LYS N   H    sing N N 188 
LYS N   H2   sing N N 189 
LYS CA  C    sing N N 190 
LYS CA  CB   sing N N 191 
LYS CA  HA   sing N N 192 
LYS C   O    doub N N 193 
LYS C   OXT  sing N N 194 
LYS CB  CG   sing N N 195 
LYS CB  HB2  sing N N 196 
LYS CB  HB3  sing N N 197 
LYS CG  CD   sing N N 198 
LYS CG  HG2  sing N N 199 
LYS CG  HG3  sing N N 200 
LYS CD  CE   sing N N 201 
LYS CD  HD2  sing N N 202 
LYS CD  HD3  sing N N 203 
LYS CE  NZ   sing N N 204 
LYS CE  HE2  sing N N 205 
LYS CE  HE3  sing N N 206 
LYS NZ  HZ1  sing N N 207 
LYS NZ  HZ2  sing N N 208 
LYS NZ  HZ3  sing N N 209 
LYS OXT HXT  sing N N 210 
MET N   CA   sing N N 211 
MET N   H    sing N N 212 
MET N   H2   sing N N 213 
MET CA  C    sing N N 214 
MET CA  CB   sing N N 215 
MET CA  HA   sing N N 216 
MET C   O    doub N N 217 
MET C   OXT  sing N N 218 
MET CB  CG   sing N N 219 
MET CB  HB2  sing N N 220 
MET CB  HB3  sing N N 221 
MET CG  SD   sing N N 222 
MET CG  HG2  sing N N 223 
MET CG  HG3  sing N N 224 
MET SD  CE   sing N N 225 
MET CE  HE1  sing N N 226 
MET CE  HE2  sing N N 227 
MET CE  HE3  sing N N 228 
MET OXT HXT  sing N N 229 
NH2 N   HN1  sing N N 230 
NH2 N   HN2  sing N N 231 
PHE N   CA   sing N N 232 
PHE N   H    sing N N 233 
PHE N   H2   sing N N 234 
PHE CA  C    sing N N 235 
PHE CA  CB   sing N N 236 
PHE CA  HA   sing N N 237 
PHE C   O    doub N N 238 
PHE C   OXT  sing N N 239 
PHE CB  CG   sing N N 240 
PHE CB  HB2  sing N N 241 
PHE CB  HB3  sing N N 242 
PHE CG  CD1  doub Y N 243 
PHE CG  CD2  sing Y N 244 
PHE CD1 CE1  sing Y N 245 
PHE CD1 HD1  sing N N 246 
PHE CD2 CE2  doub Y N 247 
PHE CD2 HD2  sing N N 248 
PHE CE1 CZ   doub Y N 249 
PHE CE1 HE1  sing N N 250 
PHE CE2 CZ   sing Y N 251 
PHE CE2 HE2  sing N N 252 
PHE CZ  HZ   sing N N 253 
PHE OXT HXT  sing N N 254 
PRO N   CA   sing N N 255 
PRO N   CD   sing N N 256 
PRO N   H    sing N N 257 
PRO CA  C    sing N N 258 
PRO CA  CB   sing N N 259 
PRO CA  HA   sing N N 260 
PRO C   O    doub N N 261 
PRO C   OXT  sing N N 262 
PRO CB  CG   sing N N 263 
PRO CB  HB2  sing N N 264 
PRO CB  HB3  sing N N 265 
PRO CG  CD   sing N N 266 
PRO CG  HG2  sing N N 267 
PRO CG  HG3  sing N N 268 
PRO CD  HD2  sing N N 269 
PRO CD  HD3  sing N N 270 
PRO OXT HXT  sing N N 271 
SER N   CA   sing N N 272 
SER N   H    sing N N 273 
SER N   H2   sing N N 274 
SER CA  C    sing N N 275 
SER CA  CB   sing N N 276 
SER CA  HA   sing N N 277 
SER C   O    doub N N 278 
SER C   OXT  sing N N 279 
SER CB  OG   sing N N 280 
SER CB  HB2  sing N N 281 
SER CB  HB3  sing N N 282 
SER OG  HG   sing N N 283 
SER OXT HXT  sing N N 284 
THR N   CA   sing N N 285 
THR N   H    sing N N 286 
THR N   H2   sing N N 287 
THR CA  C    sing N N 288 
THR CA  CB   sing N N 289 
THR CA  HA   sing N N 290 
THR C   O    doub N N 291 
THR C   OXT  sing N N 292 
THR CB  OG1  sing N N 293 
THR CB  CG2  sing N N 294 
THR CB  HB   sing N N 295 
THR OG1 HG1  sing N N 296 
THR CG2 HG21 sing N N 297 
THR CG2 HG22 sing N N 298 
THR CG2 HG23 sing N N 299 
THR OXT HXT  sing N N 300 
TRF N   CA   sing N N 301 
TRF N   H    sing N N 302 
TRF N   H2   sing N N 303 
TRF CA  CB   sing N N 304 
TRF CA  C    sing N N 305 
TRF CA  HA   sing N N 306 
TRF CB  CG   sing N N 307 
TRF CB  HB2  sing N N 308 
TRF CB  HB3  sing N N 309 
TRF CG  CD1  doub Y N 310 
TRF CG  CD2  sing Y N 311 
TRF CD1 NE1  sing Y N 312 
TRF CD1 HD1  sing N N 313 
TRF NE1 CE2  sing Y N 314 
TRF NE1 C1   sing N N 315 
TRF CE2 CZ2  doub Y N 316 
TRF CE2 CD2  sing Y N 317 
TRF CZ2 CH2  sing Y N 318 
TRF CZ2 HZ2  sing N N 319 
TRF CH2 CZ3  doub Y N 320 
TRF CH2 HH2  sing N N 321 
TRF CZ3 CE3  sing Y N 322 
TRF CZ3 HZ3  sing N N 323 
TRF CE3 CD2  doub Y N 324 
TRF CE3 HE3  sing N N 325 
TRF C   O    doub N N 326 
TRF C   OXT  sing N N 327 
TRF C1  O1   doub N N 328 
TRF C1  HC1  sing N N 329 
TRF OXT HXT  sing N N 330 
TYR N   CA   sing N N 331 
TYR N   H    sing N N 332 
TYR N   H2   sing N N 333 
TYR CA  C    sing N N 334 
TYR CA  CB   sing N N 335 
TYR CA  HA   sing N N 336 
TYR C   O    doub N N 337 
TYR C   OXT  sing N N 338 
TYR CB  CG   sing N N 339 
TYR CB  HB2  sing N N 340 
TYR CB  HB3  sing N N 341 
TYR CG  CD1  doub Y N 342 
TYR CG  CD2  sing Y N 343 
TYR CD1 CE1  sing Y N 344 
TYR CD1 HD1  sing N N 345 
TYR CD2 CE2  doub Y N 346 
TYR CD2 HD2  sing N N 347 
TYR CE1 CZ   doub Y N 348 
TYR CE1 HE1  sing N N 349 
TYR CE2 CZ   sing Y N 350 
TYR CE2 HE2  sing N N 351 
TYR CZ  OH   sing N N 352 
TYR OH  HH   sing N N 353 
TYR OXT HXT  sing N N 354 
VAL N   CA   sing N N 355 
VAL N   H    sing N N 356 
VAL N   H2   sing N N 357 
VAL CA  C    sing N N 358 
VAL CA  CB   sing N N 359 
VAL CA  HA   sing N N 360 
VAL C   O    doub N N 361 
VAL C   OXT  sing N N 362 
VAL CB  CG1  sing N N 363 
VAL CB  CG2  sing N N 364 
VAL CB  HB   sing N N 365 
VAL CG1 HG11 sing N N 366 
VAL CG1 HG12 sing N N 367 
VAL CG1 HG13 sing N N 368 
VAL CG2 HG21 sing N N 369 
VAL CG2 HG22 sing N N 370 
VAL CG2 HG23 sing N N 371 
VAL OXT HXT  sing N N 372 
# 
_pdbx_initial_refinement_model.id               1 
_pdbx_initial_refinement_model.entity_id_list   ? 
_pdbx_initial_refinement_model.type             'experimental model' 
_pdbx_initial_refinement_model.source_name      PDB 
_pdbx_initial_refinement_model.accession_code   1CDL 
_pdbx_initial_refinement_model.details          'PDB ENTRY 1CDL: SECOND COMPLEX (SEGID B AND F) OF THE ASYMMETRIC UNIT' 
# 
_atom_sites.entry_id                    1VRK 
_atom_sites.fract_transf_matrix[1][1]   -0.01383276 
_atom_sites.fract_transf_matrix[1][2]   0.00028679 
_atom_sites.fract_transf_matrix[1][3]   -0.00870088 
_atom_sites.fract_transf_matrix[2][1]   -0.01215009 
_atom_sites.fract_transf_matrix[2][2]   0.00871452 
_atom_sites.fract_transf_matrix[2][3]   0.01960361 
_atom_sites.fract_transf_matrix[3][1]   0.00540027 
_atom_sites.fract_transf_matrix[3][2]   0.02855291 
_atom_sites.fract_transf_matrix[3][3]   -0.00934579 
_atom_sites.fract_transf_vector[1]      0.247923 
_atom_sites.fract_transf_vector[2]      0.012755 
_atom_sites.fract_transf_vector[3]      0.196119 
# 
loop_
_atom_type.symbol 
C  
CA 
N  
O  
S  
# 
loop_
_atom_site.group_PDB 
_atom_site.id 
_atom_site.type_symbol 
_atom_site.label_atom_id 
_atom_site.label_alt_id 
_atom_site.label_comp_id 
_atom_site.label_asym_id 
_atom_site.label_entity_id 
_atom_site.label_seq_id 
_atom_site.pdbx_PDB_ins_code 
_atom_site.Cartn_x 
_atom_site.Cartn_y 
_atom_site.Cartn_z 
_atom_site.occupancy 
_atom_site.B_iso_or_equiv 
_atom_site.pdbx_formal_charge 
_atom_site.auth_seq_id 
_atom_site.auth_comp_id 
_atom_site.auth_asym_id 
_atom_site.auth_atom_id 
_atom_site.pdbx_PDB_model_num 
ATOM   1    N  N   . ALA A 1 1   ? -9.620  5.460   13.547  1.00 82.14 ? 1   ALA A N   1 
ATOM   2    C  CA  . ALA A 1 1   ? -9.754  4.868   14.913  1.00 83.08 ? 1   ALA A CA  1 
ATOM   3    C  C   . ALA A 1 1   ? -8.608  3.934   15.256  1.00 78.82 ? 1   ALA A C   1 
ATOM   4    O  O   . ALA A 1 1   ? -7.984  3.327   14.376  1.00 75.84 ? 1   ALA A O   1 
ATOM   5    C  CB  . ALA A 1 1   ? -11.074 4.085   15.007  1.00 79.43 ? 1   ALA A CB  1 
ATOM   6    N  N   . ASP A 1 2   ? -8.294  3.884   16.545  1.00 77.10 ? 2   ASP A N   1 
ATOM   7    C  CA  . ASP A 1 2   ? -7.237  3.006   17.024  1.00 74.97 ? 2   ASP A CA  1 
ATOM   8    C  C   . ASP A 1 2   ? -7.722  2.106   18.153  1.00 72.85 ? 2   ASP A C   1 
ATOM   9    O  O   . ASP A 1 2   ? -7.762  2.469   19.311  1.00 70.28 ? 2   ASP A O   1 
ATOM   10   C  CB  . ASP A 1 2   ? -5.906  3.758   17.292  1.00 77.62 ? 2   ASP A CB  1 
ATOM   11   C  CG  . ASP A 1 2   ? -6.091  5.248   17.678  1.00 82.29 ? 2   ASP A CG  1 
ATOM   12   O  OD1 . ASP A 1 2   ? -7.079  5.921   17.284  1.00 79.33 ? 2   ASP A OD1 1 
ATOM   13   O  OD2 . ASP A 1 2   ? -5.202  5.792   18.335  1.00 80.22 ? 2   ASP A OD2 1 
ATOM   14   N  N   . GLN A 1 3   ? -8.303  1.002   17.714  1.00 70.15 ? 3   GLN A N   1 
ATOM   15   C  CA  . GLN A 1 3   ? -8.845  -0.057  18.562  1.00 64.02 ? 3   GLN A CA  1 
ATOM   16   C  C   . GLN A 1 3   ? -8.430  -1.283  17.762  1.00 60.49 ? 3   GLN A C   1 
ATOM   17   O  O   . GLN A 1 3   ? -9.223  -2.184  17.461  1.00 59.43 ? 3   GLN A O   1 
ATOM   18   C  CB  . GLN A 1 3   ? -10.376 0.030   18.648  1.00 68.83 ? 3   GLN A CB  1 
ATOM   19   C  CG  . GLN A 1 3   ? -10.905 1.298   19.282  1.00 77.71 ? 3   GLN A CG  1 
ATOM   20   C  CD  . GLN A 1 3   ? -12.426 1.400   19.244  1.00 84.52 ? 3   GLN A CD  1 
ATOM   21   O  OE1 . GLN A 1 3   ? -13.103 0.545   18.670  1.00 85.68 ? 3   GLN A OE1 1 
ATOM   22   N  NE2 . GLN A 1 3   ? -12.971 2.454   19.858  1.00 85.15 ? 3   GLN A NE2 1 
ATOM   23   N  N   . LEU A 1 4   ? -7.172  -1.234  17.333  1.00 51.54 ? 4   LEU A N   1 
ATOM   24   C  CA  . LEU A 1 4   ? -6.570  -2.279  16.532  1.00 45.81 ? 4   LEU A CA  1 
ATOM   25   C  C   . LEU A 1 4   ? -6.330  -3.571  17.289  1.00 39.21 ? 4   LEU A C   1 
ATOM   26   O  O   . LEU A 1 4   ? -5.788  -3.587  18.400  1.00 45.84 ? 4   LEU A O   1 
ATOM   27   C  CB  . LEU A 1 4   ? -5.259  -1.794  15.910  1.00 35.87 ? 4   LEU A CB  1 
ATOM   28   C  CG  . LEU A 1 4   ? -5.377  -0.675  14.875  1.00 29.00 ? 4   LEU A CG  1 
ATOM   29   C  CD1 . LEU A 1 4   ? -4.008  -0.360  14.282  1.00 31.59 ? 4   LEU A CD1 1 
ATOM   30   C  CD2 . LEU A 1 4   ? -6.354  -1.079  13.775  1.00 34.57 ? 4   LEU A CD2 1 
ATOM   31   N  N   . THR A 1 5   ? -6.748  -4.655  16.652  1.00 30.73 ? 5   THR A N   1 
ATOM   32   C  CA  . THR A 1 5   ? -6.579  -5.985  17.195  1.00 27.77 ? 5   THR A CA  1 
ATOM   33   C  C   . THR A 1 5   ? -5.142  -6.412  16.894  1.00 25.42 ? 5   THR A C   1 
ATOM   34   O  O   . THR A 1 5   ? -4.510  -5.870  15.982  1.00 29.42 ? 5   THR A O   1 
ATOM   35   C  CB  . THR A 1 5   ? -7.552  -6.963  16.525  1.00 25.87 ? 5   THR A CB  1 
ATOM   36   O  OG1 . THR A 1 5   ? -7.273  -7.032  15.122  1.00 25.33 ? 5   THR A OG1 1 
ATOM   37   C  CG2 . THR A 1 5   ? -8.980  -6.490  16.715  1.00 31.73 ? 5   THR A CG2 1 
ATOM   38   N  N   . ASP A 1 6   ? -4.621  -7.369  17.658  1.00 23.17 ? 6   ASP A N   1 
ATOM   39   C  CA  . ASP A 1 6   ? -3.258  -7.850  17.437  1.00 18.31 ? 6   ASP A CA  1 
ATOM   40   C  C   . ASP A 1 6   ? -3.077  -8.388  16.022  1.00 20.12 ? 6   ASP A C   1 
ATOM   41   O  O   . ASP A 1 6   ? -1.985  -8.302  15.449  1.00 12.34 ? 6   ASP A O   1 
ATOM   42   C  CB  . ASP A 1 6   ? -2.891  -8.930  18.455  1.00 17.86 ? 6   ASP A CB  1 
ATOM   43   C  CG  . ASP A 1 6   ? -2.497  -8.353  19.803  1.00 32.32 ? 6   ASP A CG  1 
ATOM   44   O  OD1 . ASP A 1 6   ? -2.749  -7.145  20.040  1.00 25.42 ? 6   ASP A OD1 1 
ATOM   45   O  OD2 . ASP A 1 6   ? -1.930  -9.109  20.622  1.00 22.85 ? 6   ASP A OD2 1 
ATOM   46   N  N   . GLU A 1 7   ? -4.166  -8.911  15.458  1.00 15.61 ? 7   GLU A N   1 
ATOM   47   C  CA  . GLU A 1 7   ? -4.167  -9.462  14.110  1.00 17.92 ? 7   GLU A CA  1 
ATOM   48   C  C   . GLU A 1 7   ? -3.950  -8.351  13.088  1.00 18.90 ? 7   GLU A C   1 
ATOM   49   O  O   . GLU A 1 7   ? -3.251  -8.546  12.099  1.00 20.08 ? 7   GLU A O   1 
ATOM   50   C  CB  . GLU A 1 7   ? -5.484  -10.193 13.818  1.00 27.68 ? 7   GLU A CB  1 
ATOM   51   C  CG  . GLU A 1 7   ? -5.735  -11.455 14.649  1.00 39.71 ? 7   GLU A CG  1 
ATOM   52   C  CD  . GLU A 1 7   ? -6.060  -11.168 16.113  1.00 48.16 ? 7   GLU A CD  1 
ATOM   53   O  OE1 . GLU A 1 7   ? -6.948  -10.330 16.380  1.00 49.54 ? 7   GLU A OE1 1 
ATOM   54   O  OE2 . GLU A 1 7   ? -5.431  -11.784 17.000  1.00 46.19 ? 7   GLU A OE2 1 
ATOM   55   N  N   . GLN A 1 8   ? -4.560  -7.192  13.330  1.00 19.46 ? 8   GLN A N   1 
ATOM   56   C  CA  . GLN A 1 8   ? -4.408  -6.044  12.439  1.00 15.98 ? 8   GLN A CA  1 
ATOM   57   C  C   . GLN A 1 8   ? -3.007  -5.447  12.568  1.00 15.80 ? 8   GLN A C   1 
ATOM   58   O  O   . GLN A 1 8   ? -2.390  -5.070  11.572  1.00 15.32 ? 8   GLN A O   1 
ATOM   59   C  CB  . GLN A 1 8   ? -5.454  -4.975  12.752  1.00 20.85 ? 8   GLN A CB  1 
ATOM   60   C  CG  . GLN A 1 8   ? -6.879  -5.449  12.555  1.00 35.62 ? 8   GLN A CG  1 
ATOM   61   C  CD  . GLN A 1 8   ? -7.895  -4.375  12.853  1.00 32.43 ? 8   GLN A CD  1 
ATOM   62   O  OE1 . GLN A 1 8   ? -7.865  -3.750  13.913  1.00 34.16 ? 8   GLN A OE1 1 
ATOM   63   N  NE2 . GLN A 1 8   ? -8.806  -4.153  11.918  1.00 42.31 ? 8   GLN A NE2 1 
ATOM   64   N  N   . ILE A 1 9   ? -2.507  -5.367  13.798  1.00 14.21 ? 9   ILE A N   1 
ATOM   65   C  CA  . ILE A 1 9   ? -1.173  -4.827  14.042  1.00 17.04 ? 9   ILE A CA  1 
ATOM   66   C  C   . ILE A 1 9   ? -0.128  -5.674  13.304  1.00 14.20 ? 9   ILE A C   1 
ATOM   67   O  O   . ILE A 1 9   ? 0.734   -5.142  12.605  1.00 14.54 ? 9   ILE A O   1 
ATOM   68   C  CB  . ILE A 1 9   ? -0.855  -4.780  15.560  1.00 10.33 ? 9   ILE A CB  1 
ATOM   69   C  CG1 . ILE A 1 9   ? -1.853  -3.863  16.265  1.00 13.51 ? 9   ILE A CG1 1 
ATOM   70   C  CG2 . ILE A 1 9   ? 0.570   -4.295  15.795  1.00 10.96 ? 9   ILE A CG2 1 
ATOM   71   C  CD1 . ILE A 1 9   ? -1.695  -3.795  17.774  1.00 17.25 ? 9   ILE A CD1 1 
ATOM   72   N  N   . ALA A 1 10  ? -0.252  -6.992  13.409  1.00 9.93  ? 10  ALA A N   1 
ATOM   73   C  CA  . ALA A 1 10  ? 0.681   -7.904  12.758  1.00 10.32 ? 10  ALA A CA  1 
ATOM   74   C  C   . ALA A 1 10  ? 0.638   -7.741  11.244  1.00 8.55  ? 10  ALA A C   1 
ATOM   75   O  O   . ALA A 1 10  ? 1.652   -7.870  10.570  1.00 7.05  ? 10  ALA A O   1 
ATOM   76   C  CB  . ALA A 1 10  ? 0.363   -9.343  13.140  1.00 9.67  ? 10  ALA A CB  1 
ATOM   77   N  N   . GLU A 1 11  ? -0.548  -7.464  10.716  1.00 8.18  ? 11  GLU A N   1 
ATOM   78   C  CA  . GLU A 1 11  ? -0.726  -7.278  9.281   1.00 9.77  ? 11  GLU A CA  1 
ATOM   79   C  C   . GLU A 1 11  ? -0.039  -5.996  8.822   1.00 13.07 ? 11  GLU A C   1 
ATOM   80   O  O   . GLU A 1 11  ? 0.560   -5.957  7.743   1.00 10.74 ? 11  GLU A O   1 
ATOM   81   C  CB  . GLU A 1 11  ? -2.211  -7.230  8.945   1.00 14.22 ? 11  GLU A CB  1 
ATOM   82   C  CG  . GLU A 1 11  ? -2.514  -7.363  7.476   1.00 22.72 ? 11  GLU A CG  1 
ATOM   83   C  CD  . GLU A 1 11  ? -3.977  -7.627  7.230   1.00 28.29 ? 11  GLU A CD  1 
ATOM   84   O  OE1 . GLU A 1 11  ? -4.445  -8.731  7.578   1.00 27.00 ? 11  GLU A OE1 1 
ATOM   85   O  OE2 . GLU A 1 11  ? -4.663  -6.730  6.705   1.00 25.02 ? 11  GLU A OE2 1 
ATOM   86   N  N   . PHE A 1 12  ? -0.140  -4.947  9.643   1.00 11.09 ? 12  PHE A N   1 
ATOM   87   C  CA  . PHE A 1 12  ? 0.500   -3.672  9.338   1.00 8.32  ? 12  PHE A CA  1 
ATOM   88   C  C   . PHE A 1 12  ? 2.016   -3.794  9.476   1.00 9.51  ? 12  PHE A C   1 
ATOM   89   O  O   . PHE A 1 12  ? 2.759   -3.152  8.738   1.00 12.82 ? 12  PHE A O   1 
ATOM   90   C  CB  . PHE A 1 12  ? -0.032  -2.552  10.235  1.00 12.31 ? 12  PHE A CB  1 
ATOM   91   C  CG  . PHE A 1 12  ? -1.396  -2.054  9.836   1.00 16.95 ? 12  PHE A CG  1 
ATOM   92   C  CD1 . PHE A 1 12  ? -1.673  -1.740  8.512   1.00 11.59 ? 12  PHE A CD1 1 
ATOM   93   C  CD2 . PHE A 1 12  ? -2.410  -1.923  10.778  1.00 21.19 ? 12  PHE A CD2 1 
ATOM   94   C  CE1 . PHE A 1 12  ? -2.941  -1.303  8.131   1.00 17.05 ? 12  PHE A CE1 1 
ATOM   95   C  CE2 . PHE A 1 12  ? -3.683  -1.487  10.404  1.00 23.07 ? 12  PHE A CE2 1 
ATOM   96   C  CZ  . PHE A 1 12  ? -3.944  -1.180  9.075   1.00 14.24 ? 12  PHE A CZ  1 
ATOM   97   N  N   . LYS A 1 13  ? 2.469   -4.636  10.405  1.00 10.08 ? 13  LYS A N   1 
ATOM   98   C  CA  . LYS A 1 13  ? 3.900   -4.865  10.617  1.00 2.00  ? 13  LYS A CA  1 
ATOM   99   C  C   . LYS A 1 13  ? 4.524   -5.499  9.371   1.00 8.21  ? 13  LYS A C   1 
ATOM   100  O  O   . LYS A 1 13  ? 5.664   -5.201  9.011   1.00 9.40  ? 13  LYS A O   1 
ATOM   101  C  CB  . LYS A 1 13  ? 4.118   -5.777  11.827  1.00 11.35 ? 13  LYS A CB  1 
ATOM   102  C  CG  . LYS A 1 13  ? 5.569   -6.171  12.056  1.00 17.83 ? 13  LYS A CG  1 
ATOM   103  C  CD  . LYS A 1 13  ? 6.360   -5.093  12.774  1.00 34.18 ? 13  LYS A CD  1 
ATOM   104  C  CE  . LYS A 1 13  ? 6.116   -5.150  14.275  1.00 44.64 ? 13  LYS A CE  1 
ATOM   105  N  NZ  . LYS A 1 13  ? 6.510   -6.472  14.844  1.00 51.86 ? 13  LYS A NZ  1 
ATOM   106  N  N   . GLU A 1 14  ? 3.784   -6.397  8.726   1.00 9.70  ? 14  GLU A N   1 
ATOM   107  C  CA  . GLU A 1 14  ? 4.262   -7.042  7.510   1.00 12.91 ? 14  GLU A CA  1 
ATOM   108  C  C   . GLU A 1 14  ? 4.325   -6.029  6.364   1.00 11.32 ? 14  GLU A C   1 
ATOM   109  O  O   . GLU A 1 14  ? 5.214   -6.094  5.510   1.00 10.90 ? 14  GLU A O   1 
ATOM   110  C  CB  . GLU A 1 14  ? 3.361   -8.216  7.140   1.00 11.56 ? 14  GLU A CB  1 
ATOM   111  C  CG  . GLU A 1 14  ? 3.445   -9.384  8.106   1.00 32.82 ? 14  GLU A CG  1 
ATOM   112  C  CD  . GLU A 1 14  ? 2.607   -10.566 7.658   1.00 45.67 ? 14  GLU A CD  1 
ATOM   113  O  OE1 . GLU A 1 14  ? 2.807   -11.040 6.520   1.00 31.67 ? 14  GLU A OE1 1 
ATOM   114  O  OE2 . GLU A 1 14  ? 1.740   -11.016 8.438   1.00 52.12 ? 14  GLU A OE2 1 
ATOM   115  N  N   . ALA A 1 15  ? 3.383   -5.090  6.350   1.00 8.77  ? 15  ALA A N   1 
ATOM   116  C  CA  . ALA A 1 15  ? 3.361   -4.053  5.317   1.00 15.79 ? 15  ALA A CA  1 
ATOM   117  C  C   . ALA A 1 15  ? 4.563   -3.133  5.530   1.00 14.49 ? 15  ALA A C   1 
ATOM   118  O  O   . ALA A 1 15  ? 5.187   -2.676  4.570   1.00 11.62 ? 15  ALA A O   1 
ATOM   119  C  CB  . ALA A 1 15  ? 2.066   -3.257  5.388   1.00 15.86 ? 15  ALA A CB  1 
ATOM   120  N  N   . PHE A 1 16  ? 4.883   -2.887  6.801   1.00 8.65  ? 16  PHE A N   1 
ATOM   121  C  CA  . PHE A 1 16  ? 6.010   -2.048  7.191   1.00 5.28  ? 16  PHE A CA  1 
ATOM   122  C  C   . PHE A 1 16  ? 7.311   -2.675  6.689   1.00 7.51  ? 16  PHE A C   1 
ATOM   123  O  O   . PHE A 1 16  ? 8.200   -1.975  6.199   1.00 9.90  ? 16  PHE A O   1 
ATOM   124  C  CB  . PHE A 1 16  ? 6.043   -1.915  8.720   1.00 3.76  ? 16  PHE A CB  1 
ATOM   125  C  CG  . PHE A 1 16  ? 7.155   -1.041  9.242   1.00 12.02 ? 16  PHE A CG  1 
ATOM   126  C  CD1 . PHE A 1 16  ? 7.015   0.343   9.290   1.00 4.47  ? 16  PHE A CD1 1 
ATOM   127  C  CD2 . PHE A 1 16  ? 8.321   -1.609  9.751   1.00 17.61 ? 16  PHE A CD2 1 
ATOM   128  C  CE1 . PHE A 1 16  ? 8.016   1.146   9.839   1.00 10.91 ? 16  PHE A CE1 1 
ATOM   129  C  CE2 . PHE A 1 16  ? 9.325   -0.814  10.300  1.00 16.58 ? 16  PHE A CE2 1 
ATOM   130  C  CZ  . PHE A 1 16  ? 9.170   0.569   10.347  1.00 5.49  ? 16  PHE A CZ  1 
ATOM   131  N  N   . SER A 1 17  ? 7.384   -4.004  6.764   1.00 7.04  ? 17  SER A N   1 
ATOM   132  C  CA  . SER A 1 17  ? 8.559   -4.763  6.336   1.00 7.77  ? 17  SER A CA  1 
ATOM   133  C  C   . SER A 1 17  ? 8.898   -4.626  4.860   1.00 8.79  ? 17  SER A C   1 
ATOM   134  O  O   . SER A 1 17  ? 10.046  -4.849  4.461   1.00 9.65  ? 17  SER A O   1 
ATOM   135  C  CB  . SER A 1 17  ? 8.405   -6.240  6.691   1.00 10.71 ? 17  SER A CB  1 
ATOM   136  O  OG  . SER A 1 17  ? 8.560   -6.421  8.083   1.00 23.96 ? 17  SER A OG  1 
ATOM   137  N  N   . LEU A 1 18  ? 7.906   -4.274  4.047   1.00 5.70  ? 18  LEU A N   1 
ATOM   138  C  CA  . LEU A 1 18  ? 8.144   -4.089  2.621   1.00 9.22  ? 18  LEU A CA  1 
ATOM   139  C  C   . LEU A 1 18  ? 8.978   -2.837  2.402   1.00 10.03 ? 18  LEU A C   1 
ATOM   140  O  O   . LEU A 1 18  ? 9.696   -2.731  1.416   1.00 9.33  ? 18  LEU A O   1 
ATOM   141  C  CB  . LEU A 1 18  ? 6.825   -3.970  1.864   1.00 11.82 ? 18  LEU A CB  1 
ATOM   142  C  CG  . LEU A 1 18  ? 5.972   -5.236  1.847   1.00 19.74 ? 18  LEU A CG  1 
ATOM   143  C  CD1 . LEU A 1 18  ? 4.730   -4.992  1.010   1.00 13.61 ? 18  LEU A CD1 1 
ATOM   144  C  CD2 . LEU A 1 18  ? 6.777   -6.398  1.279   1.00 11.21 ? 18  LEU A CD2 1 
ATOM   145  N  N   . PHE A 1 19  ? 8.844   -1.879  3.318   1.00 6.78  ? 19  PHE A N   1 
ATOM   146  C  CA  . PHE A 1 19  ? 9.585   -0.623  3.265   1.00 9.90  ? 19  PHE A CA  1 
ATOM   147  C  C   . PHE A 1 19  ? 10.929  -0.789  3.959   1.00 11.77 ? 19  PHE A C   1 
ATOM   148  O  O   . PHE A 1 19  ? 11.965  -0.374  3.444   1.00 11.10 ? 19  PHE A O   1 
ATOM   149  C  CB  . PHE A 1 19  ? 8.822   0.484   3.997   1.00 10.23 ? 19  PHE A CB  1 
ATOM   150  C  CG  . PHE A 1 19  ? 7.602   0.977   3.278   1.00 10.93 ? 19  PHE A CG  1 
ATOM   151  C  CD1 . PHE A 1 19  ? 7.705   1.977   2.314   1.00 12.82 ? 19  PHE A CD1 1 
ATOM   152  C  CD2 . PHE A 1 19  ? 6.346   0.470   3.587   1.00 8.43  ? 19  PHE A CD2 1 
ATOM   153  C  CE1 . PHE A 1 19  ? 6.570   2.467   1.671   1.00 8.51  ? 19  PHE A CE1 1 
ATOM   154  C  CE2 . PHE A 1 19  ? 5.208   0.951   2.949   1.00 11.99 ? 19  PHE A CE2 1 
ATOM   155  C  CZ  . PHE A 1 19  ? 5.323   1.954   1.989   1.00 15.16 ? 19  PHE A CZ  1 
ATOM   156  N  N   . ASP A 1 20  ? 10.885  -1.351  5.161   1.00 6.76  ? 20  ASP A N   1 
ATOM   157  C  CA  . ASP A 1 20  ? 12.073  -1.558  5.971   1.00 8.79  ? 20  ASP A CA  1 
ATOM   158  C  C   . ASP A 1 20  ? 12.913  -2.717  5.434   1.00 12.92 ? 20  ASP A C   1 
ATOM   159  O  O   . ASP A 1 20  ? 12.912  -3.811  5.996   1.00 17.26 ? 20  ASP A O   1 
ATOM   160  C  CB  . ASP A 1 20  ? 11.644  -1.806  7.417   1.00 11.16 ? 20  ASP A CB  1 
ATOM   161  C  CG  . ASP A 1 20  ? 12.809  -1.851  8.376   1.00 9.57  ? 20  ASP A CG  1 
ATOM   162  O  OD1 . ASP A 1 20  ? 13.938  -1.515  7.978   1.00 9.78  ? 20  ASP A OD1 1 
ATOM   163  O  OD2 . ASP A 1 20  ? 12.595  -2.223  9.542   1.00 12.84 ? 20  ASP A OD2 1 
ATOM   164  N  N   . LYS A 1 21  ? 13.649  -2.450  4.358   1.00 19.33 ? 21  LYS A N   1 
ATOM   165  C  CA  . LYS A 1 21  ? 14.489  -3.446  3.700   1.00 23.24 ? 21  LYS A CA  1 
ATOM   166  C  C   . LYS A 1 21  ? 15.569  -4.087  4.560   1.00 25.17 ? 21  LYS A C   1 
ATOM   167  O  O   . LYS A 1 21  ? 15.756  -5.302  4.509   1.00 25.09 ? 21  LYS A O   1 
ATOM   168  C  CB  A LYS A 1 21  ? 15.128  -2.872  2.429   0.44 24.58 ? 21  LYS A CB  1 
ATOM   169  C  CB  B LYS A 1 21  ? 15.128  -2.872  2.429   0.56 23.90 ? 21  LYS A CB  1 
ATOM   170  C  CG  A LYS A 1 21  ? 14.355  -3.165  1.144   0.44 29.05 ? 21  LYS A CG  1 
ATOM   171  C  CG  B LYS A 1 21  ? 14.325  -3.112  1.152   0.56 28.14 ? 21  LYS A CG  1 
ATOM   172  C  CD  A LYS A 1 21  ? 13.105  -2.315  1.020   0.44 24.96 ? 21  LYS A CD  1 
ATOM   173  C  CD  B LYS A 1 21  ? 13.056  -2.282  1.106   0.56 24.71 ? 21  LYS A CD  1 
ATOM   174  C  CE  A LYS A 1 21  ? 13.458  -0.860  0.767   0.44 23.86 ? 21  LYS A CE  1 
ATOM   175  C  CE  B LYS A 1 21  ? 12.075  -2.841  0.090   0.56 27.34 ? 21  LYS A CE  1 
ATOM   176  N  NZ  A LYS A 1 21  ? 12.247  -0.016  0.630   0.44 8.19  ? 21  LYS A NZ  1 
ATOM   177  N  NZ  B LYS A 1 21  ? 12.502  -2.553  -1.300  0.56 20.98 ? 21  LYS A NZ  1 
ATOM   178  N  N   . ASP A 1 22  ? 16.287  -3.285  5.339   1.00 22.95 ? 22  ASP A N   1 
ATOM   179  C  CA  . ASP A 1 22  ? 17.348  -3.830  6.180   1.00 19.46 ? 22  ASP A CA  1 
ATOM   180  C  C   . ASP A 1 22  ? 16.840  -4.360  7.521   1.00 18.93 ? 22  ASP A C   1 
ATOM   181  O  O   . ASP A 1 22  ? 17.616  -4.855  8.337   1.00 17.58 ? 22  ASP A O   1 
ATOM   182  C  CB  . ASP A 1 22  ? 18.480  -2.808  6.364   1.00 17.24 ? 22  ASP A CB  1 
ATOM   183  C  CG  . ASP A 1 22  ? 18.017  -1.517  7.011   1.00 7.80  ? 22  ASP A CG  1 
ATOM   184  O  OD1 . ASP A 1 22  ? 16.865  -1.436  7.466   1.00 15.23 ? 22  ASP A OD1 1 
ATOM   185  O  OD2 . ASP A 1 22  ? 18.827  -0.576  7.083   1.00 18.27 ? 22  ASP A OD2 1 
ATOM   186  N  N   . GLY A 1 23  ? 15.532  -4.242  7.737   1.00 17.78 ? 23  GLY A N   1 
ATOM   187  C  CA  . GLY A 1 23  ? 14.925  -4.728  8.962   1.00 20.86 ? 23  GLY A CA  1 
ATOM   188  C  C   . GLY A 1 23  ? 15.443  -4.138  10.260  1.00 20.52 ? 23  GLY A C   1 
ATOM   189  O  O   . GLY A 1 23  ? 15.482  -4.835  11.275  1.00 24.74 ? 23  GLY A O   1 
ATOM   190  N  N   . ASP A 1 24  ? 15.838  -2.865  10.243  1.00 13.82 ? 24  ASP A N   1 
ATOM   191  C  CA  . ASP A 1 24  ? 16.338  -2.225  11.459  1.00 12.74 ? 24  ASP A CA  1 
ATOM   192  C  C   . ASP A 1 24  ? 15.230  -1.578  12.295  1.00 8.86  ? 24  ASP A C   1 
ATOM   193  O  O   . ASP A 1 24  ? 15.493  -1.056  13.374  1.00 9.66  ? 24  ASP A O   1 
ATOM   194  C  CB  . ASP A 1 24  ? 17.471  -1.220  11.147  1.00 13.80 ? 24  ASP A CB  1 
ATOM   195  C  CG  . ASP A 1 24  ? 16.985  0.057   10.448  1.00 16.86 ? 24  ASP A CG  1 
ATOM   196  O  OD1 . ASP A 1 24  ? 15.792  0.163   10.099  1.00 12.53 ? 24  ASP A OD1 1 
ATOM   197  O  OD2 . ASP A 1 24  ? 17.814  0.969   10.244  1.00 16.52 ? 24  ASP A OD2 1 
ATOM   198  N  N   . GLY A 1 25  ? 13.995  -1.635  11.795  1.00 7.12  ? 25  GLY A N   1 
ATOM   199  C  CA  . GLY A 1 25  ? 12.863  -1.053  12.500  1.00 5.59  ? 25  GLY A CA  1 
ATOM   200  C  C   . GLY A 1 25  ? 12.535  0.401   12.171  1.00 6.53  ? 25  GLY A C   1 
ATOM   201  O  O   . GLY A 1 25  ? 11.687  1.002   12.833  1.00 4.57  ? 25  GLY A O   1 
ATOM   202  N  N   . THR A 1 26  ? 13.194  0.979   11.167  1.00 8.09  ? 26  THR A N   1 
ATOM   203  C  CA  . THR A 1 26  ? 12.927  2.368   10.784  1.00 13.61 ? 26  THR A CA  1 
ATOM   204  C  C   . THR A 1 26  ? 12.928  2.502   9.265   1.00 12.13 ? 26  THR A C   1 
ATOM   205  O  O   . THR A 1 26  ? 13.627  1.776   8.578   1.00 9.72  ? 26  THR A O   1 
ATOM   206  C  CB  . THR A 1 26  ? 14.006  3.350   11.326  1.00 21.68 ? 26  THR A CB  1 
ATOM   207  O  OG1 . THR A 1 26  ? 15.186  3.271   10.517  1.00 23.59 ? 26  THR A OG1 1 
ATOM   208  C  CG2 . THR A 1 26  ? 14.384  3.013   12.750  1.00 22.23 ? 26  THR A CG2 1 
ATOM   209  N  N   . ILE A 1 27  ? 12.144  3.441   8.749   1.00 8.46  ? 27  ILE A N   1 
ATOM   210  C  CA  . ILE A 1 27  ? 12.088  3.675   7.316   1.00 8.78  ? 27  ILE A CA  1 
ATOM   211  C  C   . ILE A 1 27  ? 12.798  4.992   7.040   1.00 6.46  ? 27  ILE A C   1 
ATOM   212  O  O   . ILE A 1 27  ? 12.420  6.028   7.579   1.00 9.88  ? 27  ILE A O   1 
ATOM   213  C  CB  . ILE A 1 27  ? 10.627  3.787   6.814   1.00 6.83  ? 27  ILE A CB  1 
ATOM   214  C  CG1 . ILE A 1 27  ? 9.871   2.484   7.062   1.00 2.00  ? 27  ILE A CG1 1 
ATOM   215  C  CG2 . ILE A 1 27  ? 10.602  4.123   5.330   1.00 5.69  ? 27  ILE A CG2 1 
ATOM   216  C  CD1 . ILE A 1 27  ? 8.383   2.606   6.780   1.00 5.51  ? 27  ILE A CD1 1 
ATOM   217  N  N   . THR A 1 28  ? 13.822  4.944   6.199   1.00 8.16  ? 28  THR A N   1 
ATOM   218  C  CA  . THR A 1 28  ? 14.592  6.132   5.832   1.00 3.48  ? 28  THR A CA  1 
ATOM   219  C  C   . THR A 1 28  ? 14.101  6.661   4.494   1.00 6.00  ? 28  THR A C   1 
ATOM   220  O  O   . THR A 1 28  ? 13.306  6.003   3.832   1.00 5.48  ? 28  THR A O   1 
ATOM   221  C  CB  . THR A 1 28  ? 16.073  5.783   5.669   1.00 7.64  ? 28  THR A CB  1 
ATOM   222  O  OG1 . THR A 1 28  ? 16.206  4.769   4.663   1.00 7.66  ? 28  THR A OG1 1 
ATOM   223  C  CG2 . THR A 1 28  ? 16.644  5.264   6.979   1.00 12.90 ? 28  THR A CG2 1 
ATOM   224  N  N   . THR A 1 29  ? 14.593  7.829   4.083   1.00 4.60  ? 29  THR A N   1 
ATOM   225  C  CA  . THR A 1 29  ? 14.205  8.407   2.800   1.00 5.65  ? 29  THR A CA  1 
ATOM   226  C  C   . THR A 1 29  ? 14.634  7.469   1.673   1.00 9.03  ? 29  THR A C   1 
ATOM   227  O  O   . THR A 1 29  ? 13.947  7.343   0.656   1.00 6.87  ? 29  THR A O   1 
ATOM   228  C  CB  . THR A 1 29  ? 14.854  9.797   2.564   1.00 2.41  ? 29  THR A CB  1 
ATOM   229  O  OG1 . THR A 1 29  ? 16.282  9.691   2.673   1.00 8.02  ? 29  THR A OG1 1 
ATOM   230  C  CG2 . THR A 1 29  ? 14.342  10.814  3.573   1.00 9.19  ? 29  THR A CG2 1 
ATOM   231  N  N   . LYS A 1 30  ? 15.770  6.807   1.870   1.00 2.24  ? 30  LYS A N   1 
ATOM   232  C  CA  . LYS A 1 30  ? 16.309  5.867   0.896   1.00 6.36  ? 30  LYS A CA  1 
ATOM   233  C  C   . LYS A 1 30  ? 15.333  4.718   0.650   1.00 10.43 ? 30  LYS A C   1 
ATOM   234  O  O   . LYS A 1 30  ? 15.026  4.390   -0.493  1.00 11.91 ? 30  LYS A O   1 
ATOM   235  C  CB  . LYS A 1 30  ? 17.639  5.306   1.408   1.00 5.95  ? 30  LYS A CB  1 
ATOM   236  C  CG  . LYS A 1 30  ? 18.313  4.311   0.490   1.00 18.76 ? 30  LYS A CG  1 
ATOM   237  C  CD  . LYS A 1 30  ? 19.526  3.706   1.172   1.00 23.48 ? 30  LYS A CD  1 
ATOM   238  C  CE  . LYS A 1 30  ? 20.293  2.806   0.228   1.00 37.68 ? 30  LYS A CE  1 
ATOM   239  N  NZ  . LYS A 1 30  ? 19.487  1.663   -0.283  1.00 47.04 ? 30  LYS A NZ  1 
ATOM   240  N  N   . GLU A 1 31  ? 14.849  4.113   1.732   1.00 7.85  ? 31  GLU A N   1 
ATOM   241  C  CA  . GLU A 1 31  ? 13.916  2.997   1.644   1.00 7.38  ? 31  GLU A CA  1 
ATOM   242  C  C   . GLU A 1 31  ? 12.563  3.390   1.082   1.00 7.59  ? 31  GLU A C   1 
ATOM   243  O  O   . GLU A 1 31  ? 11.992  2.664   0.266   1.00 7.68  ? 31  GLU A O   1 
ATOM   244  C  CB  . GLU A 1 31  ? 13.745  2.338   3.008   1.00 6.95  ? 31  GLU A CB  1 
ATOM   245  C  CG  . GLU A 1 31  ? 14.997  1.602   3.450   1.00 2.00  ? 31  GLU A CG  1 
ATOM   246  C  CD  . GLU A 1 31  ? 14.927  1.134   4.877   1.00 10.21 ? 31  GLU A CD  1 
ATOM   247  O  OE1 . GLU A 1 31  ? 14.432  1.899   5.734   1.00 6.76  ? 31  GLU A OE1 1 
ATOM   248  O  OE2 . GLU A 1 31  ? 15.376  -0.001  5.143   1.00 16.31 ? 31  GLU A OE2 1 
ATOM   249  N  N   . LEU A 1 32  ? 12.050  4.528   1.537   1.00 2.96  ? 32  LEU A N   1 
ATOM   250  C  CA  . LEU A 1 32  ? 10.763  5.023   1.073   1.00 4.69  ? 32  LEU A CA  1 
ATOM   251  C  C   . LEU A 1 32  ? 10.868  5.330   -0.414  1.00 9.64  ? 32  LEU A C   1 
ATOM   252  O  O   . LEU A 1 32  ? 9.979   4.979   -1.193  1.00 11.56 ? 32  LEU A O   1 
ATOM   253  C  CB  . LEU A 1 32  ? 10.375  6.287   1.840   1.00 5.51  ? 32  LEU A CB  1 
ATOM   254  C  CG  . LEU A 1 32  ? 9.036   6.926   1.458   1.00 8.27  ? 32  LEU A CG  1 
ATOM   255  C  CD1 . LEU A 1 32  ? 7.905   5.918   1.623   1.00 4.52  ? 32  LEU A CD1 1 
ATOM   256  C  CD2 . LEU A 1 32  ? 8.793   8.153   2.332   1.00 13.81 ? 32  LEU A CD2 1 
ATOM   257  N  N   . GLY A 1 33  ? 11.989  5.944   -0.799  1.00 8.58  ? 33  GLY A N   1 
ATOM   258  C  CA  . GLY A 1 33  ? 12.224  6.300   -2.186  1.00 6.65  ? 33  GLY A CA  1 
ATOM   259  C  C   . GLY A 1 33  ? 12.303  5.095   -3.101  1.00 14.29 ? 33  GLY A C   1 
ATOM   260  O  O   . GLY A 1 33  ? 11.790  5.129   -4.218  1.00 6.31  ? 33  GLY A O   1 
ATOM   261  N  N   . THR A 1 34  ? 12.940  4.028   -2.619  1.00 4.10  ? 34  THR A N   1 
ATOM   262  C  CA  . THR A 1 34  ? 13.100  2.793   -3.383  1.00 8.37  ? 34  THR A CA  1 
ATOM   263  C  C   . THR A 1 34  ? 11.749  2.167   -3.721  1.00 11.06 ? 34  THR A C   1 
ATOM   264  O  O   . THR A 1 34  ? 11.496  1.787   -4.870  1.00 11.38 ? 34  THR A O   1 
ATOM   265  C  CB  . THR A 1 34  ? 13.970  1.771   -2.598  1.00 11.34 ? 34  THR A CB  1 
ATOM   266  O  OG1 . THR A 1 34  ? 15.306  2.273   -2.490  1.00 9.73  ? 34  THR A OG1 1 
ATOM   267  C  CG2 . THR A 1 34  ? 14.007  0.421   -3.298  1.00 21.17 ? 34  THR A CG2 1 
ATOM   268  N  N   . VAL A 1 35  ? 10.879  2.088   -2.719  1.00 9.61  ? 35  VAL A N   1 
ATOM   269  C  CA  . VAL A 1 35  ? 9.553   1.515   -2.898  1.00 14.24 ? 35  VAL A CA  1 
ATOM   270  C  C   . VAL A 1 35  ? 8.712   2.336   -3.881  1.00 11.81 ? 35  VAL A C   1 
ATOM   271  O  O   . VAL A 1 35  ? 8.140   1.783   -4.818  1.00 15.21 ? 35  VAL A O   1 
ATOM   272  C  CB  . VAL A 1 35  ? 8.822   1.374   -1.536  1.00 16.23 ? 35  VAL A CB  1 
ATOM   273  C  CG1 . VAL A 1 35  ? 7.355   1.011   -1.748  1.00 12.70 ? 35  VAL A CG1 1 
ATOM   274  C  CG2 . VAL A 1 35  ? 9.511   0.308   -0.688  1.00 5.81  ? 35  VAL A CG2 1 
ATOM   275  N  N   . MET A 1 36  ? 8.667   3.651   -3.682  1.00 9.79  ? 36  MET A N   1 
ATOM   276  C  CA  . MET A 1 36  ? 7.902   4.537   -4.560  1.00 12.79 ? 36  MET A CA  1 
ATOM   277  C  C   . MET A 1 36  ? 8.319   4.466   -6.021  1.00 13.16 ? 36  MET A C   1 
ATOM   278  O  O   . MET A 1 36  ? 7.479   4.569   -6.911  1.00 13.47 ? 36  MET A O   1 
ATOM   279  C  CB  . MET A 1 36  ? 8.000   5.977   -4.078  1.00 12.40 ? 36  MET A CB  1 
ATOM   280  C  CG  . MET A 1 36  ? 7.163   6.252   -2.854  1.00 13.50 ? 36  MET A CG  1 
ATOM   281  S  SD  . MET A 1 36  ? 7.434   7.904   -2.252  1.00 16.08 ? 36  MET A SD  1 
ATOM   282  C  CE  . MET A 1 36  ? 6.485   8.874   -3.417  1.00 13.33 ? 36  MET A CE  1 
ATOM   283  N  N   . ARG A 1 37  ? 9.616   4.312   -6.265  1.00 16.92 ? 37  ARG A N   1 
ATOM   284  C  CA  . ARG A 1 37  ? 10.119  4.223   -7.628  1.00 19.66 ? 37  ARG A CA  1 
ATOM   285  C  C   . ARG A 1 37  ? 9.798   2.890   -8.296  1.00 20.96 ? 37  ARG A C   1 
ATOM   286  O  O   . ARG A 1 37  ? 9.529   2.852   -9.497  1.00 24.90 ? 37  ARG A O   1 
ATOM   287  C  CB  . ARG A 1 37  ? 11.618  4.524   -7.678  1.00 17.20 ? 37  ARG A CB  1 
ATOM   288  C  CG  . ARG A 1 37  ? 11.904  6.008   -7.502  1.00 37.59 ? 37  ARG A CG  1 
ATOM   289  C  CD  . ARG A 1 37  ? 13.231  6.427   -8.098  1.00 37.28 ? 37  ARG A CD  1 
ATOM   290  N  NE  . ARG A 1 37  ? 13.306  7.878   -8.273  1.00 46.26 ? 37  ARG A NE  1 
ATOM   291  C  CZ  . ARG A 1 37  ? 13.485  8.755   -7.288  1.00 48.37 ? 37  ARG A CZ  1 
ATOM   292  N  NH1 . ARG A 1 37  ? 13.621  8.346   -6.031  1.00 30.01 ? 37  ARG A NH1 1 
ATOM   293  N  NH2 . ARG A 1 37  ? 13.538  10.052  -7.563  1.00 59.64 ? 37  ARG A NH2 1 
ATOM   294  N  N   . SER A 1 38  ? 9.800   1.808   -7.518  1.00 21.83 ? 38  SER A N   1 
ATOM   295  C  CA  . SER A 1 38  ? 9.475   0.490   -8.060  1.00 19.04 ? 38  SER A CA  1 
ATOM   296  C  C   . SER A 1 38  ? 7.994   0.469   -8.451  1.00 22.39 ? 38  SER A C   1 
ATOM   297  O  O   . SER A 1 38  ? 7.564   -0.374  -9.236  1.00 19.61 ? 38  SER A O   1 
ATOM   298  C  CB  . SER A 1 38  ? 9.785   -0.618  -7.046  1.00 15.41 ? 38  SER A CB  1 
ATOM   299  O  OG  . SER A 1 38  ? 8.945   -0.550  -5.909  1.00 25.78 ? 38  SER A OG  1 
ATOM   300  N  N   . LEU A 1 39  ? 7.239   1.423   -7.903  1.00 19.03 ? 39  LEU A N   1 
ATOM   301  C  CA  . LEU A 1 39  ? 5.816   1.584   -8.170  1.00 17.09 ? 39  LEU A CA  1 
ATOM   302  C  C   . LEU A 1 39  ? 5.580   2.604   -9.283  1.00 20.69 ? 39  LEU A C   1 
ATOM   303  O  O   . LEU A 1 39  ? 4.438   2.959   -9.575  1.00 25.36 ? 39  LEU A O   1 
ATOM   304  C  CB  . LEU A 1 39  ? 5.078   2.042   -6.910  1.00 19.11 ? 39  LEU A CB  1 
ATOM   305  C  CG  . LEU A 1 39  ? 5.002   1.068   -5.734  1.00 23.92 ? 39  LEU A CG  1 
ATOM   306  C  CD1 . LEU A 1 39  ? 4.270   1.725   -4.581  1.00 19.10 ? 39  LEU A CD1 1 
ATOM   307  C  CD2 . LEU A 1 39  ? 4.296   -0.211  -6.147  1.00 12.29 ? 39  LEU A CD2 1 
ATOM   308  N  N   . GLY A 1 40  ? 6.661   3.103   -9.874  1.00 24.09 ? 40  GLY A N   1 
ATOM   309  C  CA  . GLY A 1 40  ? 6.531   4.066   -10.955 1.00 27.31 ? 40  GLY A CA  1 
ATOM   310  C  C   . GLY A 1 40  ? 6.555   5.542   -10.590 1.00 25.18 ? 40  GLY A C   1 
ATOM   311  O  O   . GLY A 1 40  ? 6.404   6.390   -11.468 1.00 24.64 ? 40  GLY A O   1 
ATOM   312  N  N   . GLN A 1 41  ? 6.738   5.859   -9.309  1.00 20.56 ? 41  GLN A N   1 
ATOM   313  C  CA  . GLN A 1 41  ? 6.784   7.250   -8.866  1.00 20.76 ? 41  GLN A CA  1 
ATOM   314  C  C   . GLN A 1 41  ? 8.208   7.809   -8.920  1.00 22.95 ? 41  GLN A C   1 
ATOM   315  O  O   . GLN A 1 41  ? 9.179   7.054   -8.925  1.00 21.87 ? 41  GLN A O   1 
ATOM   316  C  CB  . GLN A 1 41  ? 6.196   7.376   -7.463  1.00 24.01 ? 41  GLN A CB  1 
ATOM   317  C  CG  . GLN A 1 41  ? 4.736   6.938   -7.387  1.00 40.36 ? 41  GLN A CG  1 
ATOM   318  C  CD  . GLN A 1 41  ? 4.232   6.793   -5.969  1.00 44.82 ? 41  GLN A CD  1 
ATOM   319  O  OE1 . GLN A 1 41  ? 4.957   7.042   -5.010  1.00 60.81 ? 41  GLN A OE1 1 
ATOM   320  N  NE2 . GLN A 1 41  ? 2.982   6.372   -5.828  1.00 55.66 ? 41  GLN A NE2 1 
ATOM   321  N  N   . ASN A 1 42  ? 8.324   9.134   -8.968  1.00 22.74 ? 42  ASN A N   1 
ATOM   322  C  CA  . ASN A 1 42  ? 9.628   9.789   -9.050  1.00 23.90 ? 42  ASN A CA  1 
ATOM   323  C  C   . ASN A 1 42  ? 9.722   10.969  -8.077  1.00 20.45 ? 42  ASN A C   1 
ATOM   324  O  O   . ASN A 1 42  ? 9.629   12.128  -8.477  1.00 26.09 ? 42  ASN A O   1 
ATOM   325  C  CB  . ASN A 1 42  ? 9.859   10.261  -10.491 1.00 28.15 ? 42  ASN A CB  1 
ATOM   326  C  CG  . ASN A 1 42  ? 11.252  10.807  -10.717 1.00 40.13 ? 42  ASN A CG  1 
ATOM   327  O  OD1 . ASN A 1 42  ? 12.228  10.293  -10.175 1.00 54.98 ? 42  ASN A OD1 1 
ATOM   328  N  ND2 . ASN A 1 42  ? 11.353  11.853  -11.531 1.00 45.78 ? 42  ASN A ND2 1 
ATOM   329  N  N   . PRO A 1 43  ? 9.899   10.682  -6.777  1.00 14.49 ? 43  PRO A N   1 
ATOM   330  C  CA  . PRO A 1 43  ? 10.000  11.729  -5.757  1.00 13.66 ? 43  PRO A CA  1 
ATOM   331  C  C   . PRO A 1 43  ? 11.403  12.321  -5.593  1.00 18.07 ? 43  PRO A C   1 
ATOM   332  O  O   . PRO A 1 43  ? 12.406  11.665  -5.875  1.00 25.96 ? 43  PRO A O   1 
ATOM   333  C  CB  . PRO A 1 43  ? 9.570   10.993  -4.496  1.00 7.76  ? 43  PRO A CB  1 
ATOM   334  C  CG  . PRO A 1 43  ? 10.179  9.649   -4.699  1.00 9.62  ? 43  PRO A CG  1 
ATOM   335  C  CD  . PRO A 1 43  ? 9.882   9.346   -6.154  1.00 15.22 ? 43  PRO A CD  1 
ATOM   336  N  N   . THR A 1 44  ? 11.463  13.570  -5.138  1.00 14.79 ? 44  THR A N   1 
ATOM   337  C  CA  . THR A 1 44  ? 12.741  14.239  -4.904  1.00 13.58 ? 44  THR A CA  1 
ATOM   338  C  C   . THR A 1 44  ? 13.118  13.990  -3.447  1.00 5.43  ? 44  THR A C   1 
ATOM   339  O  O   . THR A 1 44  ? 12.273  13.591  -2.650  1.00 9.46  ? 44  THR A O   1 
ATOM   340  C  CB  . THR A 1 44  ? 12.646  15.764  -5.147  1.00 11.51 ? 44  THR A CB  1 
ATOM   341  O  OG1 . THR A 1 44  ? 11.758  16.351  -4.190  1.00 14.41 ? 44  THR A OG1 1 
ATOM   342  C  CG2 . THR A 1 44  ? 12.128  16.054  -6.548  1.00 19.74 ? 44  THR A CG2 1 
ATOM   343  N  N   . GLU A 1 45  ? 14.375  14.236  -3.094  1.00 10.75 ? 45  GLU A N   1 
ATOM   344  C  CA  . GLU A 1 45  ? 14.828  14.023  -1.721  1.00 13.03 ? 45  GLU A CA  1 
ATOM   345  C  C   . GLU A 1 45  ? 14.008  14.871  -0.748  1.00 15.12 ? 45  GLU A C   1 
ATOM   346  O  O   . GLU A 1 45  ? 13.580  14.384  0.300   1.00 13.85 ? 45  GLU A O   1 
ATOM   347  C  CB  . GLU A 1 45  ? 16.317  14.347  -1.590  1.00 11.11 ? 45  GLU A CB  1 
ATOM   348  C  CG  . GLU A 1 45  ? 17.089  13.384  -0.700  1.00 28.37 ? 45  GLU A CG  1 
ATOM   349  C  CD  . GLU A 1 45  ? 16.850  13.600  0.779   1.00 31.70 ? 45  GLU A CD  1 
ATOM   350  O  OE1 . GLU A 1 45  ? 17.102  14.721  1.265   1.00 40.33 ? 45  GLU A OE1 1 
ATOM   351  O  OE2 . GLU A 1 45  ? 16.428  12.644  1.460   1.00 39.00 ? 45  GLU A OE2 1 
ATOM   352  N  N   . ALA A 1 46  ? 13.762  16.125  -1.121  1.00 11.17 ? 46  ALA A N   1 
ATOM   353  C  CA  . ALA A 1 46  ? 12.987  17.040  -0.292  1.00 12.71 ? 46  ALA A CA  1 
ATOM   354  C  C   . ALA A 1 46  ? 11.574  16.511  -0.060  1.00 13.67 ? 46  ALA A C   1 
ATOM   355  O  O   . ALA A 1 46  ? 11.053  16.598  1.050   1.00 10.99 ? 46  ALA A O   1 
ATOM   356  C  CB  . ALA A 1 46  ? 12.931  18.422  -0.931  1.00 5.99  ? 46  ALA A CB  1 
ATOM   357  N  N   . GLU A 1 47  ? 10.955  15.966  -1.105  1.00 9.44  ? 47  GLU A N   1 
ATOM   358  C  CA  . GLU A 1 47  ? 9.605   15.427  -0.979  1.00 8.40  ? 47  GLU A CA  1 
ATOM   359  C  C   . GLU A 1 47  ? 9.580   14.244  -0.021  1.00 8.13  ? 47  GLU A C   1 
ATOM   360  O  O   . GLU A 1 47  ? 8.652   14.108  0.772   1.00 10.08 ? 47  GLU A O   1 
ATOM   361  C  CB  . GLU A 1 47  ? 9.057   15.011  -2.340  1.00 14.48 ? 47  GLU A CB  1 
ATOM   362  C  CG  . GLU A 1 47  ? 8.804   16.177  -3.283  1.00 14.84 ? 47  GLU A CG  1 
ATOM   363  C  CD  . GLU A 1 47  ? 8.396   15.727  -4.676  1.00 22.11 ? 47  GLU A CD  1 
ATOM   364  O  OE1 . GLU A 1 47  ? 8.763   14.606  -5.075  1.00 21.49 ? 47  GLU A OE1 1 
ATOM   365  O  OE2 . GLU A 1 47  ? 7.709   16.497  -5.374  1.00 23.41 ? 47  GLU A OE2 1 
ATOM   366  N  N   . LEU A 1 48  ? 10.610  13.403  -0.088  1.00 7.67  ? 48  LEU A N   1 
ATOM   367  C  CA  . LEU A 1 48  ? 10.718  12.235  0.787   1.00 7.97  ? 48  LEU A CA  1 
ATOM   368  C  C   . LEU A 1 48  ? 10.874  12.672  2.251   1.00 7.85  ? 48  LEU A C   1 
ATOM   369  O  O   . LEU A 1 48  ? 10.203  12.136  3.135   1.00 5.82  ? 48  LEU A O   1 
ATOM   370  C  CB  . LEU A 1 48  ? 11.899  11.350  0.366   1.00 5.29  ? 48  LEU A CB  1 
ATOM   371  C  CG  . LEU A 1 48  ? 11.783  10.599  -0.970  1.00 5.77  ? 48  LEU A CG  1 
ATOM   372  C  CD1 . LEU A 1 48  ? 13.073  9.839   -1.260  1.00 11.36 ? 48  LEU A CD1 1 
ATOM   373  C  CD2 . LEU A 1 48  ? 10.602  9.645   -0.922  1.00 5.92  ? 48  LEU A CD2 1 
ATOM   374  N  N   . GLN A 1 49  ? 11.731  13.663  2.500   1.00 11.96 ? 49  GLN A N   1 
ATOM   375  C  CA  . GLN A 1 49  ? 11.937  14.165  3.860   1.00 9.91  ? 49  GLN A CA  1 
ATOM   376  C  C   . GLN A 1 49  ? 10.652  14.796  4.374   1.00 10.49 ? 49  GLN A C   1 
ATOM   377  O  O   . GLN A 1 49  ? 10.270  14.578  5.520   1.00 9.64  ? 49  GLN A O   1 
ATOM   378  C  CB  A GLN A 1 49  ? 13.082  15.182  3.908   0.52 18.65 ? 49  GLN A CB  1 
ATOM   379  C  CB  B GLN A 1 49  ? 13.082  15.182  3.908   0.48 18.01 ? 49  GLN A CB  1 
ATOM   380  C  CG  A GLN A 1 49  ? 14.476  14.557  3.872   0.52 20.01 ? 49  GLN A CG  1 
ATOM   381  C  CG  B GLN A 1 49  ? 14.247  14.772  4.808   0.48 23.28 ? 49  GLN A CG  1 
ATOM   382  C  CD  A GLN A 1 49  ? 15.581  15.595  3.749   0.52 26.65 ? 49  GLN A CD  1 
ATOM   383  C  CD  B GLN A 1 49  ? 13.790  14.306  6.182   0.48 23.41 ? 49  GLN A CD  1 
ATOM   384  O  OE1 A GLN A 1 49  ? 16.658  15.451  4.333   0.52 26.87 ? 49  GLN A OE1 1 
ATOM   385  O  OE1 B GLN A 1 49  ? 14.005  13.154  6.569   0.48 23.43 ? 49  GLN A OE1 1 
ATOM   386  N  NE2 A GLN A 1 49  ? 15.327  16.639  2.966   0.52 18.82 ? 49  GLN A NE2 1 
ATOM   387  N  NE2 B GLN A 1 49  ? 13.174  15.209  6.939   0.48 35.59 ? 49  GLN A NE2 1 
ATOM   388  N  N   . ASP A 1 50  ? 9.970   15.546  3.511   1.00 8.20  ? 50  ASP A N   1 
ATOM   389  C  CA  . ASP A 1 50  ? 8.706   16.192  3.879   1.00 12.96 ? 50  ASP A CA  1 
ATOM   390  C  C   . ASP A 1 50  ? 7.657   15.156  4.269   1.00 9.99  ? 50  ASP A C   1 
ATOM   391  O  O   . ASP A 1 50  ? 6.920   15.349  5.230   1.00 14.24 ? 50  ASP A O   1 
ATOM   392  C  CB  . ASP A 1 50  ? 8.177   17.063  2.736   1.00 21.49 ? 50  ASP A CB  1 
ATOM   393  C  CG  . ASP A 1 50  ? 8.981   18.346  2.548   1.00 28.92 ? 50  ASP A CG  1 
ATOM   394  O  OD1 . ASP A 1 50  ? 9.749   18.728  3.459   1.00 34.98 ? 50  ASP A OD1 1 
ATOM   395  O  OD2 . ASP A 1 50  ? 8.841   18.983  1.484   1.00 40.93 ? 50  ASP A OD2 1 
ATOM   396  N  N   . MET A 1 51  ? 7.619   14.047  3.534   1.00 12.04 ? 51  MET A N   1 
ATOM   397  C  CA  . MET A 1 51  ? 6.685   12.961  3.811   1.00 11.97 ? 51  MET A CA  1 
ATOM   398  C  C   . MET A 1 51  ? 6.980   12.340  5.180   1.00 14.08 ? 51  MET A C   1 
ATOM   399  O  O   . MET A 1 51  ? 6.064   12.075  5.958   1.00 14.89 ? 51  MET A O   1 
ATOM   400  C  CB  . MET A 1 51  ? 6.764   11.888  2.714   1.00 12.80 ? 51  MET A CB  1 
ATOM   401  C  CG  . MET A 1 51  ? 6.090   12.282  1.396   1.00 15.37 ? 51  MET A CG  1 
ATOM   402  S  SD  . MET A 1 51  ? 6.448   11.136  0.042   1.00 16.62 ? 51  MET A SD  1 
ATOM   403  C  CE  . MET A 1 51  ? 5.509   9.688   0.550   1.00 18.70 ? 51  MET A CE  1 
ATOM   404  N  N   . ILE A 1 52  ? 8.260   12.121  5.477   1.00 8.88  ? 52  ILE A N   1 
ATOM   405  C  CA  . ILE A 1 52  ? 8.647   11.545  6.756   1.00 6.22  ? 52  ILE A CA  1 
ATOM   406  C  C   . ILE A 1 52  ? 8.313   12.499  7.905   1.00 3.64  ? 52  ILE A C   1 
ATOM   407  O  O   . ILE A 1 52  ? 7.758   12.080  8.918   1.00 9.40  ? 52  ILE A O   1 
ATOM   408  C  CB  . ILE A 1 52  ? 10.153  11.142  6.761   1.00 9.95  ? 52  ILE A CB  1 
ATOM   409  C  CG1 . ILE A 1 52  ? 10.377  9.981   5.778   1.00 12.06 ? 52  ILE A CG1 1 
ATOM   410  C  CG2 . ILE A 1 52  ? 10.607  10.766  8.177   1.00 15.49 ? 52  ILE A CG2 1 
ATOM   411  C  CD1 . ILE A 1 52  ? 11.754  9.300   5.880   1.00 12.64 ? 52  ILE A CD1 1 
ATOM   412  N  N   . ASN A 1 53  ? 8.551   13.793  7.692   1.00 11.51 ? 53  ASN A N   1 
ATOM   413  C  CA  . ASN A 1 53  ? 8.280   14.825  8.698   1.00 15.19 ? 53  ASN A CA  1 
ATOM   414  C  C   . ASN A 1 53  ? 6.820   14.861  9.137   1.00 14.38 ? 53  ASN A C   1 
ATOM   415  O  O   . ASN A 1 53  ? 6.519   15.191  10.279  1.00 16.15 ? 53  ASN A O   1 
ATOM   416  C  CB  . ASN A 1 53  ? 8.682   16.206  8.177   1.00 17.82 ? 53  ASN A CB  1 
ATOM   417  C  CG  . ASN A 1 53  ? 10.185  16.334  7.945   1.00 35.47 ? 53  ASN A CG  1 
ATOM   418  O  OD1 . ASN A 1 53  ? 10.665  17.371  7.483   1.00 36.19 ? 53  ASN A OD1 1 
ATOM   419  N  ND2 . ASN A 1 53  ? 10.931  15.274  8.249   1.00 29.07 ? 53  ASN A ND2 1 
ATOM   420  N  N   . GLU A 1 54  ? 5.922   14.508  8.229   1.00 14.99 ? 54  GLU A N   1 
ATOM   421  C  CA  . GLU A 1 54  ? 4.493   14.495  8.519   1.00 22.93 ? 54  GLU A CA  1 
ATOM   422  C  C   . GLU A 1 54  ? 4.133   13.617  9.714   1.00 17.25 ? 54  GLU A C   1 
ATOM   423  O  O   . GLU A 1 54  ? 3.287   13.980  10.525  1.00 19.51 ? 54  GLU A O   1 
ATOM   424  C  CB  . GLU A 1 54  ? 3.721   13.995  7.298   1.00 24.28 ? 54  GLU A CB  1 
ATOM   425  C  CG  . GLU A 1 54  ? 3.871   14.847  6.061   1.00 48.45 ? 54  GLU A CG  1 
ATOM   426  C  CD  . GLU A 1 54  ? 2.557   15.444  5.622   1.00 59.69 ? 54  GLU A CD  1 
ATOM   427  O  OE1 . GLU A 1 54  ? 1.836   14.784  4.848   1.00 68.78 ? 54  GLU A OE1 1 
ATOM   428  O  OE2 . GLU A 1 54  ? 2.238   16.566  6.063   1.00 68.80 ? 54  GLU A OE2 1 
ATOM   429  N  N   . VAL A 1 55  ? 4.784   12.462  9.816   1.00 12.78 ? 55  VAL A N   1 
ATOM   430  C  CA  . VAL A 1 55  ? 4.500   11.517  10.889  1.00 9.96  ? 55  VAL A CA  1 
ATOM   431  C  C   . VAL A 1 55  ? 5.636   11.306  11.883  1.00 7.95  ? 55  VAL A C   1 
ATOM   432  O  O   . VAL A 1 55  ? 5.519   10.466  12.775  1.00 10.49 ? 55  VAL A O   1 
ATOM   433  C  CB  . VAL A 1 55  ? 4.124   10.132  10.308  1.00 15.05 ? 55  VAL A CB  1 
ATOM   434  C  CG1 . VAL A 1 55  ? 2.847   10.234  9.495   1.00 19.21 ? 55  VAL A CG1 1 
ATOM   435  C  CG2 . VAL A 1 55  ? 5.260   9.596   9.436   1.00 9.05  ? 55  VAL A CG2 1 
ATOM   436  N  N   . ASP A 1 56  ? 6.715   12.069  11.739  1.00 6.15  ? 56  ASP A N   1 
ATOM   437  C  CA  . ASP A 1 56  ? 7.893   11.938  12.603  1.00 4.42  ? 56  ASP A CA  1 
ATOM   438  C  C   . ASP A 1 56  ? 7.691   12.525  14.010  1.00 5.65  ? 56  ASP A C   1 
ATOM   439  O  O   . ASP A 1 56  ? 8.308   13.526  14.374  1.00 14.67 ? 56  ASP A O   1 
ATOM   440  C  CB  . ASP A 1 56  ? 9.088   12.587  11.903  1.00 2.00  ? 56  ASP A CB  1 
ATOM   441  C  CG  . ASP A 1 56  ? 10.410  12.215  12.530  1.00 10.95 ? 56  ASP A CG  1 
ATOM   442  O  OD1 . ASP A 1 56  ? 10.467  11.213  13.259  1.00 6.07  ? 56  ASP A OD1 1 
ATOM   443  O  OD2 . ASP A 1 56  ? 11.402  12.922  12.282  1.00 9.61  ? 56  ASP A OD2 1 
ATOM   444  N  N   . ALA A 1 57  ? 6.878   11.851  14.817  1.00 8.81  ? 57  ALA A N   1 
ATOM   445  C  CA  . ALA A 1 57  ? 6.564   12.312  16.168  1.00 10.26 ? 57  ALA A CA  1 
ATOM   446  C  C   . ALA A 1 57  ? 7.749   12.537  17.102  1.00 16.00 ? 57  ALA A C   1 
ATOM   447  O  O   . ALA A 1 57  ? 7.675   13.392  17.984  1.00 13.53 ? 57  ALA A O   1 
ATOM   448  C  CB  . ALA A 1 57  ? 5.558   11.376  16.820  1.00 14.11 ? 57  ALA A CB  1 
ATOM   449  N  N   . ASP A 1 58  ? 8.825   11.767  16.939  1.00 12.31 ? 58  ASP A N   1 
ATOM   450  C  CA  . ASP A 1 58  ? 9.991   11.927  17.806  1.00 13.69 ? 58  ASP A CA  1 
ATOM   451  C  C   . ASP A 1 58  ? 11.142  12.754  17.216  1.00 15.40 ? 58  ASP A C   1 
ATOM   452  O  O   . ASP A 1 58  ? 12.183  12.906  17.854  1.00 10.25 ? 58  ASP A O   1 
ATOM   453  C  CB  . ASP A 1 58  ? 10.493  10.561  18.313  1.00 6.35  ? 58  ASP A CB  1 
ATOM   454  C  CG  . ASP A 1 58  ? 11.089  9.690   17.222  1.00 9.55  ? 58  ASP A CG  1 
ATOM   455  O  OD1 . ASP A 1 58  ? 11.105  10.085  16.044  1.00 11.50 ? 58  ASP A OD1 1 
ATOM   456  O  OD2 . ASP A 1 58  ? 11.558  8.587   17.556  1.00 15.40 ? 58  ASP A OD2 1 
ATOM   457  N  N   . GLY A 1 59  ? 10.951  13.258  15.994  1.00 10.88 ? 59  GLY A N   1 
ATOM   458  C  CA  . GLY A 1 59  ? 11.958  14.069  15.319  1.00 6.52  ? 59  GLY A CA  1 
ATOM   459  C  C   . GLY A 1 59  ? 13.305  13.429  15.008  1.00 11.77 ? 59  GLY A C   1 
ATOM   460  O  O   . GLY A 1 59  ? 14.313  14.135  14.954  1.00 9.22  ? 59  GLY A O   1 
ATOM   461  N  N   . ASN A 1 60  ? 13.347  12.116  14.778  1.00 12.65 ? 60  ASN A N   1 
ATOM   462  C  CA  . ASN A 1 60  ? 14.622  11.455  14.477  1.00 14.00 ? 60  ASN A CA  1 
ATOM   463  C  C   . ASN A 1 60  ? 14.919  11.275  12.989  1.00 10.45 ? 60  ASN A C   1 
ATOM   464  O  O   . ASN A 1 60  ? 15.838  10.548  12.615  1.00 16.59 ? 60  ASN A O   1 
ATOM   465  C  CB  . ASN A 1 60  ? 14.749  10.115  15.219  1.00 12.90 ? 60  ASN A CB  1 
ATOM   466  C  CG  . ASN A 1 60  ? 13.865  9.020   14.643  1.00 12.70 ? 60  ASN A CG  1 
ATOM   467  O  OD1 . ASN A 1 60  ? 13.008  9.260   13.788  1.00 14.92 ? 60  ASN A OD1 1 
ATOM   468  N  ND2 . ASN A 1 60  ? 14.076  7.804   15.115  1.00 11.31 ? 60  ASN A ND2 1 
ATOM   469  N  N   . GLY A 1 61  ? 14.108  11.913  12.150  1.00 9.61  ? 61  GLY A N   1 
ATOM   470  C  CA  . GLY A 1 61  ? 14.299  11.843  10.712  1.00 6.19  ? 61  GLY A CA  1 
ATOM   471  C  C   . GLY A 1 61  ? 13.843  10.590  9.987   1.00 12.20 ? 61  GLY A C   1 
ATOM   472  O  O   . GLY A 1 61  ? 13.964  10.524  8.763   1.00 8.67  ? 61  GLY A O   1 
ATOM   473  N  N   . THR A 1 62  ? 13.349  9.592   10.718  1.00 8.14  ? 62  THR A N   1 
ATOM   474  C  CA  . THR A 1 62  ? 12.879  8.350   10.104  1.00 8.68  ? 62  THR A CA  1 
ATOM   475  C  C   . THR A 1 62  ? 11.515  7.935   10.663  1.00 8.71  ? 62  THR A C   1 
ATOM   476  O  O   . THR A 1 62  ? 11.050  8.492   11.656  1.00 6.50  ? 62  THR A O   1 
ATOM   477  C  CB  . THR A 1 62  ? 13.878  7.193   10.321  1.00 8.44  ? 62  THR A CB  1 
ATOM   478  O  OG1 . THR A 1 62  ? 13.948  6.874   11.715  1.00 7.10  ? 62  THR A OG1 1 
ATOM   479  C  CG2 . THR A 1 62  ? 15.260  7.580   9.832   1.00 4.46  ? 62  THR A CG2 1 
ATOM   480  N  N   . ILE A 1 63  ? 10.868  6.979   10.001  1.00 6.94  ? 63  ILE A N   1 
ATOM   481  C  CA  . ILE A 1 63  ? 9.562   6.486   10.430  1.00 8.03  ? 63  ILE A CA  1 
ATOM   482  C  C   . ILE A 1 63  ? 9.716   5.122   11.093  1.00 6.21  ? 63  ILE A C   1 
ATOM   483  O  O   . ILE A 1 63  ? 10.234  4.208   10.473  1.00 8.86  ? 63  ILE A O   1 
ATOM   484  C  CB  . ILE A 1 63  ? 8.605   6.291   9.229   1.00 8.34  ? 63  ILE A CB  1 
ATOM   485  C  CG1 . ILE A 1 63  ? 8.450   7.592   8.440   1.00 3.07  ? 63  ILE A CG1 1 
ATOM   486  C  CG2 . ILE A 1 63  ? 7.245   5.799   9.708   1.00 7.13  ? 63  ILE A CG2 1 
ATOM   487  C  CD1 . ILE A 1 63  ? 7.642   7.439   7.134   1.00 5.93  ? 63  ILE A CD1 1 
ATOM   488  N  N   . ASP A 1 64  ? 9.322   4.990   12.358  1.00 4.88  ? 64  ASP A N   1 
ATOM   489  C  CA  . ASP A 1 64  ? 9.395   3.683   13.012  1.00 8.25  ? 64  ASP A CA  1 
ATOM   490  C  C   . ASP A 1 64  ? 8.001   3.056   13.018  1.00 6.03  ? 64  ASP A C   1 
ATOM   491  O  O   . ASP A 1 64  ? 7.041   3.703   12.595  1.00 3.76  ? 64  ASP A O   1 
ATOM   492  C  CB  . ASP A 1 64  ? 10.011  3.757   14.421  1.00 11.79 ? 64  ASP A CB  1 
ATOM   493  C  CG  . ASP A 1 64  ? 9.230   4.630   15.383  1.00 24.18 ? 64  ASP A CG  1 
ATOM   494  O  OD1 . ASP A 1 64  ? 8.088   5.028   15.083  1.00 30.68 ? 64  ASP A OD1 1 
ATOM   495  O  OD2 . ASP A 1 64  ? 9.770   4.908   16.472  1.00 30.77 ? 64  ASP A OD2 1 
ATOM   496  N  N   . PHE A 1 65  ? 7.882   1.818   13.496  1.00 4.70  ? 65  PHE A N   1 
ATOM   497  C  CA  . PHE A 1 65  ? 6.588   1.147   13.506  1.00 9.89  ? 65  PHE A CA  1 
ATOM   498  C  C   . PHE A 1 65  ? 5.456   1.888   14.224  1.00 7.26  ? 65  PHE A C   1 
ATOM   499  O  O   . PHE A 1 65  ? 4.359   1.988   13.688  1.00 8.93  ? 65  PHE A O   1 
ATOM   500  C  CB  . PHE A 1 65  ? 6.693   -0.301  14.000  1.00 9.30  ? 65  PHE A CB  1 
ATOM   501  C  CG  . PHE A 1 65  ? 5.447   -1.110  13.756  1.00 8.85  ? 65  PHE A CG  1 
ATOM   502  C  CD1 . PHE A 1 65  ? 4.843   -1.114  12.500  1.00 14.80 ? 65  PHE A CD1 1 
ATOM   503  C  CD2 . PHE A 1 65  ? 4.866   -1.851  14.778  1.00 14.52 ? 65  PHE A CD2 1 
ATOM   504  C  CE1 . PHE A 1 65  ? 3.671   -1.845  12.264  1.00 11.01 ? 65  PHE A CE1 1 
ATOM   505  C  CE2 . PHE A 1 65  ? 3.698   -2.586  14.552  1.00 14.47 ? 65  PHE A CE2 1 
ATOM   506  C  CZ  . PHE A 1 65  ? 3.101   -2.581  13.292  1.00 11.15 ? 65  PHE A CZ  1 
ATOM   507  N  N   . PRO A 1 66  ? 5.692   2.387   15.458  1.00 8.50  ? 66  PRO A N   1 
ATOM   508  C  CA  . PRO A 1 66  ? 4.612   3.107   16.144  1.00 9.21  ? 66  PRO A CA  1 
ATOM   509  C  C   . PRO A 1 66  ? 4.044   4.271   15.327  1.00 8.31  ? 66  PRO A C   1 
ATOM   510  O  O   . PRO A 1 66  ? 2.835   4.496   15.329  1.00 9.25  ? 66  PRO A O   1 
ATOM   511  C  CB  . PRO A 1 66  ? 5.301   3.604   17.415  1.00 7.63  ? 66  PRO A CB  1 
ATOM   512  C  CG  . PRO A 1 66  ? 6.250   2.506   17.721  1.00 8.34  ? 66  PRO A CG  1 
ATOM   513  C  CD  . PRO A 1 66  ? 6.834   2.178   16.363  1.00 6.07  ? 66  PRO A CD  1 
ATOM   514  N  N   . GLU A 1 67  ? 4.912   5.000   14.622  1.00 6.57  ? 67  GLU A N   1 
ATOM   515  C  CA  . GLU A 1 67  ? 4.490   6.140   13.798  1.00 8.10  ? 67  GLU A CA  1 
ATOM   516  C  C   . GLU A 1 67  ? 3.714   5.699   12.552  1.00 10.20 ? 67  GLU A C   1 
ATOM   517  O  O   . GLU A 1 67  ? 2.744   6.348   12.142  1.00 6.77  ? 67  GLU A O   1 
ATOM   518  C  CB  . GLU A 1 67  ? 5.708   6.980   13.403  1.00 8.93  ? 67  GLU A CB  1 
ATOM   519  C  CG  . GLU A 1 67  ? 6.430   7.589   14.598  1.00 11.76 ? 67  GLU A CG  1 
ATOM   520  C  CD  . GLU A 1 67  ? 7.769   8.233   14.245  1.00 14.88 ? 67  GLU A CD  1 
ATOM   521  O  OE1 . GLU A 1 67  ? 8.372   7.871   13.210  1.00 11.09 ? 67  GLU A OE1 1 
ATOM   522  O  OE2 . GLU A 1 67  ? 8.218   9.110   15.014  1.00 14.80 ? 67  GLU A OE2 1 
ATOM   523  N  N   . PHE A 1 68  ? 4.136   4.579   11.975  1.00 8.91  ? 68  PHE A N   1 
ATOM   524  C  CA  . PHE A 1 68  ? 3.494   4.005   10.788  1.00 15.68 ? 68  PHE A CA  1 
ATOM   525  C  C   . PHE A 1 68  ? 2.101   3.486   11.174  1.00 14.86 ? 68  PHE A C   1 
ATOM   526  O  O   . PHE A 1 68  ? 1.128   3.632   10.426  1.00 11.77 ? 68  PHE A O   1 
ATOM   527  C  CB  . PHE A 1 68  ? 4.366   2.861   10.256  1.00 15.10 ? 68  PHE A CB  1 
ATOM   528  C  CG  . PHE A 1 68  ? 3.809   2.166   9.043   1.00 18.01 ? 68  PHE A CG  1 
ATOM   529  C  CD1 . PHE A 1 68  ? 4.055   2.664   7.768   1.00 3.34  ? 68  PHE A CD1 1 
ATOM   530  C  CD2 . PHE A 1 68  ? 3.076   0.986   9.173   1.00 6.07  ? 68  PHE A CD2 1 
ATOM   531  C  CE1 . PHE A 1 68  ? 3.586   1.997   6.634   1.00 8.67  ? 68  PHE A CE1 1 
ATOM   532  C  CE2 . PHE A 1 68  ? 2.607   0.315   8.044   1.00 4.27  ? 68  PHE A CE2 1 
ATOM   533  C  CZ  . PHE A 1 68  ? 2.862   0.823   6.775   1.00 7.62  ? 68  PHE A CZ  1 
ATOM   534  N  N   . LEU A 1 69  ? 2.022   2.903   12.366  1.00 10.88 ? 69  LEU A N   1 
ATOM   535  C  CA  . LEU A 1 69  ? 0.782   2.357   12.907  1.00 12.61 ? 69  LEU A CA  1 
ATOM   536  C  C   . LEU A 1 69  ? -0.241  3.481   13.102  1.00 14.57 ? 69  LEU A C   1 
ATOM   537  O  O   . LEU A 1 69  ? -1.413  3.330   12.757  1.00 15.93 ? 69  LEU A O   1 
ATOM   538  C  CB  . LEU A 1 69  ? 1.081   1.670   14.238  1.00 8.71  ? 69  LEU A CB  1 
ATOM   539  C  CG  . LEU A 1 69  ? 0.176   0.564   14.761  1.00 24.70 ? 69  LEU A CG  1 
ATOM   540  C  CD1 . LEU A 1 69  ? 0.020   -0.538  13.703  1.00 19.55 ? 69  LEU A CD1 1 
ATOM   541  C  CD2 . LEU A 1 69  ? 0.796   0.009   16.041  1.00 20.98 ? 69  LEU A CD2 1 
ATOM   542  N  N   . ASN A 1 70  ? 0.210   4.607   13.648  1.00 14.60 ? 70  ASN A N   1 
ATOM   543  C  CA  . ASN A 1 70  ? -0.660  5.758   13.869  1.00 14.40 ? 70  ASN A CA  1 
ATOM   544  C  C   . ASN A 1 70  ? -1.105  6.369   12.555  1.00 19.63 ? 70  ASN A C   1 
ATOM   545  O  O   . ASN A 1 70  ? -2.193  6.934   12.471  1.00 22.74 ? 70  ASN A O   1 
ATOM   546  C  CB  . ASN A 1 70  ? 0.042   6.820   14.716  1.00 25.75 ? 70  ASN A CB  1 
ATOM   547  C  CG  . ASN A 1 70  ? -0.099  6.565   16.206  1.00 39.25 ? 70  ASN A CG  1 
ATOM   548  O  OD1 . ASN A 1 70  ? 0.821   6.830   16.980  1.00 45.54 ? 70  ASN A OD1 1 
ATOM   549  N  ND2 . ASN A 1 70  ? -1.259  6.056   16.618  1.00 45.01 ? 70  ASN A ND2 1 
ATOM   550  N  N   . LEU A 1 71  ? -0.245  6.289   11.546  1.00 13.29 ? 71  LEU A N   1 
ATOM   551  C  CA  . LEU A 1 71  ? -0.557  6.807   10.219  1.00 9.84  ? 71  LEU A CA  1 
ATOM   552  C  C   . LEU A 1 71  ? -1.688  5.973   9.616   1.00 15.98 ? 71  LEU A C   1 
ATOM   553  O  O   . LEU A 1 71  ? -2.634  6.511   9.032   1.00 17.21 ? 71  LEU A O   1 
ATOM   554  C  CB  . LEU A 1 71  ? 0.682   6.717   9.321   1.00 9.27  ? 71  LEU A CB  1 
ATOM   555  C  CG  . LEU A 1 71  ? 0.495   6.942   7.815   1.00 12.53 ? 71  LEU A CG  1 
ATOM   556  C  CD1 . LEU A 1 71  ? 0.125   8.393   7.537   1.00 18.72 ? 71  LEU A CD1 1 
ATOM   557  C  CD2 . LEU A 1 71  ? 1.770   6.569   7.084   1.00 18.25 ? 71  LEU A CD2 1 
ATOM   558  N  N   . MET A 1 72  ? -1.588  4.654   9.781   1.00 17.55 ? 72  MET A N   1 
ATOM   559  C  CA  . MET A 1 72  ? -2.578  3.724   9.254   1.00 10.88 ? 72  MET A CA  1 
ATOM   560  C  C   . MET A 1 72  ? -3.846  3.631   10.094  1.00 21.04 ? 72  MET A C   1 
ATOM   561  O  O   . MET A 1 72  ? -4.888  3.202   9.599   1.00 23.37 ? 72  MET A O   1 
ATOM   562  C  CB  . MET A 1 72  ? -1.967  2.333   9.079   1.00 12.74 ? 72  MET A CB  1 
ATOM   563  C  CG  . MET A 1 72  ? -0.809  2.282   8.089   1.00 6.77  ? 72  MET A CG  1 
ATOM   564  S  SD  . MET A 1 72  ? -1.186  3.140   6.544   1.00 22.74 ? 72  MET A SD  1 
ATOM   565  C  CE  . MET A 1 72  ? -2.211  1.917   5.722   1.00 19.23 ? 72  MET A CE  1 
ATOM   566  N  N   . ALA A 1 73  ? -3.753  4.015   11.364  1.00 26.40 ? 73  ALA A N   1 
ATOM   567  C  CA  . ALA A 1 73  ? -4.901  3.973   12.260  1.00 28.29 ? 73  ALA A CA  1 
ATOM   568  C  C   . ALA A 1 73  ? -5.806  5.194   12.082  1.00 29.07 ? 73  ALA A C   1 
ATOM   569  O  O   . ALA A 1 73  ? -6.993  5.143   12.397  1.00 28.93 ? 73  ALA A O   1 
ATOM   570  C  CB  . ALA A 1 73  ? -4.436  3.865   13.705  1.00 25.60 ? 73  ALA A CB  1 
ATOM   571  N  N   . ARG A 1 74  ? -5.242  6.283   11.563  1.00 33.31 ? 74  ARG A N   1 
ATOM   572  C  CA  . ARG A 1 74  ? -5.985  7.522   11.343  1.00 37.15 ? 74  ARG A CA  1 
ATOM   573  C  C   . ARG A 1 74  ? -7.207  7.352   10.453  1.00 39.77 ? 74  ARG A C   1 
ATOM   574  O  O   . ARG A 1 74  ? -7.177  6.631   9.457   1.00 42.08 ? 74  ARG A O   1 
ATOM   575  C  CB  . ARG A 1 74  ? -5.075  8.601   10.743  1.00 36.69 ? 74  ARG A CB  1 
ATOM   576  C  CG  . ARG A 1 74  ? -4.000  9.092   11.692  1.00 54.28 ? 74  ARG A CG  1 
ATOM   577  C  CD  . ARG A 1 74  ? -2.950  9.945   10.993  1.00 60.96 ? 74  ARG A CD  1 
ATOM   578  N  NE  . ARG A 1 74  ? -1.799  10.188  11.864  1.00 69.91 ? 74  ARG A NE  1 
ATOM   579  C  CZ  . ARG A 1 74  ? -0.799  11.023  11.584  1.00 74.34 ? 74  ARG A CZ  1 
ATOM   580  N  NH1 . ARG A 1 74  ? -0.795  11.714  10.446  1.00 69.57 ? 74  ARG A NH1 1 
ATOM   581  N  NH2 . ARG A 1 74  ? 0.203   11.170  12.443  1.00 71.71 ? 74  ARG A NH2 1 
ATOM   582  N  N   . LYS A 1 75  ? -8.297  7.999   10.844  1.00 44.47 ? 75  LYS A N   1 
ATOM   583  C  CA  . LYS A 1 75  ? -9.527  7.956   10.070  1.00 51.93 ? 75  LYS A CA  1 
ATOM   584  C  C   . LYS A 1 75  ? -9.648  9.290   9.338   1.00 52.28 ? 75  LYS A C   1 
ATOM   585  O  O   . LYS A 1 75  ? -9.413  10.351  9.925   1.00 48.92 ? 75  LYS A O   1 
ATOM   586  C  CB  . LYS A 1 75  ? -10.738 7.727   10.984  1.00 54.21 ? 75  LYS A CB  1 
ATOM   587  C  CG  . LYS A 1 75  ? -10.939 8.798   12.051  1.00 60.99 ? 75  LYS A CG  1 
ATOM   588  C  CD  . LYS A 1 75  ? -12.199 8.562   12.880  1.00 69.32 ? 75  LYS A CD  1 
ATOM   589  C  CE  . LYS A 1 75  ? -12.098 7.297   13.721  1.00 74.02 ? 75  LYS A CE  1 
ATOM   590  N  NZ  . LYS A 1 75  ? -13.290 7.088   14.596  1.00 72.01 ? 75  LYS A NZ  1 
ATOM   591  N  N   . MET A 1 76  ? -9.959  9.238   8.048   1.00 50.70 ? 76  MET A N   1 
ATOM   592  C  CA  . MET A 1 76  ? -10.095 10.459  7.263   1.00 58.66 ? 76  MET A CA  1 
ATOM   593  C  C   . MET A 1 76  ? -11.488 10.652  6.676   1.00 58.03 ? 76  MET A C   1 
ATOM   594  O  O   . MET A 1 76  ? -12.307 9.728   6.675   1.00 57.92 ? 76  MET A O   1 
ATOM   595  C  CB  . MET A 1 76  ? -9.020  10.531  6.169   1.00 63.80 ? 76  MET A CB  1 
ATOM   596  C  CG  . MET A 1 76  ? -8.815  9.249   5.373   1.00 69.08 ? 76  MET A CG  1 
ATOM   597  S  SD  . MET A 1 76  ? -7.473  9.413   4.171   1.00 65.23 ? 76  MET A SD  1 
ATOM   598  C  CE  . MET A 1 76  ? -6.083  9.694   5.253   1.00 55.95 ? 76  MET A CE  1 
ATOM   599  N  N   . LYS A 1 77  ? -11.756 11.866  6.199   1.00 59.99 ? 77  LYS A N   1 
ATOM   600  C  CA  . LYS A 1 77  ? -13.053 12.204  5.618   1.00 58.71 ? 77  LYS A CA  1 
ATOM   601  C  C   . LYS A 1 77  ? -13.293 11.554  4.258   1.00 56.47 ? 77  LYS A C   1 
ATOM   602  O  O   . LYS A 1 77  ? -12.350 11.208  3.549   1.00 54.24 ? 77  LYS A O   1 
ATOM   603  C  CB  . LYS A 1 77  ? -13.212 13.723  5.524   1.00 54.58 ? 77  LYS A CB  1 
ATOM   604  C  CG  . LYS A 1 77  ? -13.181 14.427  6.876   1.00 62.52 ? 77  LYS A CG  1 
ATOM   605  C  CD  . LYS A 1 77  ? -14.259 13.883  7.815   1.00 65.75 ? 77  LYS A CD  1 
ATOM   606  C  CE  . LYS A 1 77  ? -14.143 14.473  9.218   1.00 66.70 ? 77  LYS A CE  1 
ATOM   607  N  NZ  . LYS A 1 77  ? -14.335 15.953  9.246   1.00 63.76 ? 77  LYS A NZ  1 
ATOM   608  N  N   . ASP A 1 78  ? -14.569 11.407  3.910   1.00 53.79 ? 78  ASP A N   1 
ATOM   609  C  CA  . ASP A 1 78  ? -14.995 10.788  2.656   1.00 55.41 ? 78  ASP A CA  1 
ATOM   610  C  C   . ASP A 1 78  ? -14.313 11.300  1.387   1.00 50.57 ? 78  ASP A C   1 
ATOM   611  O  O   . ASP A 1 78  ? -13.790 10.513  0.600   1.00 50.71 ? 78  ASP A O   1 
ATOM   612  C  CB  . ASP A 1 78  ? -16.520 10.890  2.512   1.00 65.81 ? 78  ASP A CB  1 
ATOM   613  C  CG  . ASP A 1 78  ? -17.030 12.322  2.622   1.00 72.40 ? 78  ASP A CG  1 
ATOM   614  O  OD1 . ASP A 1 78  ? -17.066 12.860  3.750   1.00 79.27 ? 78  ASP A OD1 1 
ATOM   615  O  OD2 . ASP A 1 78  ? -17.400 12.909  1.582   1.00 77.29 ? 78  ASP A OD2 1 
ATOM   616  N  N   . THR A 1 79  ? -14.318 12.615  1.193   1.00 50.04 ? 79  THR A N   1 
ATOM   617  C  CA  . THR A 1 79  ? -13.703 13.219  0.013   1.00 56.20 ? 79  THR A CA  1 
ATOM   618  C  C   . THR A 1 79  ? -12.194 12.966  -0.060  1.00 57.83 ? 79  THR A C   1 
ATOM   619  O  O   . THR A 1 79  ? -11.581 13.122  -1.117  1.00 60.87 ? 79  THR A O   1 
ATOM   620  C  CB  . THR A 1 79  ? -13.995 14.730  -0.054  1.00 56.92 ? 79  THR A CB  1 
ATOM   621  O  OG1 . THR A 1 79  ? -13.714 15.325  1.216   1.00 58.04 ? 79  THR A OG1 1 
ATOM   622  C  CG2 . THR A 1 79  ? -15.456 14.976  -0.403  1.00 49.19 ? 79  THR A CG2 1 
ATOM   623  N  N   . ASP A 1 80  ? -11.606 12.578  1.070   1.00 54.67 ? 80  ASP A N   1 
ATOM   624  C  CA  . ASP A 1 80  ? -10.181 12.271  1.128   1.00 51.39 ? 80  ASP A CA  1 
ATOM   625  C  C   . ASP A 1 80  ? -9.999  10.796  0.793   1.00 40.80 ? 80  ASP A C   1 
ATOM   626  O  O   . ASP A 1 80  ? -9.160  10.439  -0.029  1.00 38.88 ? 80  ASP A O   1 
ATOM   627  C  CB  . ASP A 1 80  ? -9.617  12.553  2.526   1.00 58.78 ? 80  ASP A CB  1 
ATOM   628  C  CG  . ASP A 1 80  ? -9.624  14.032  2.874   1.00 67.43 ? 80  ASP A CG  1 
ATOM   629  O  OD1 . ASP A 1 80  ? -8.955  14.815  2.164   1.00 64.01 ? 80  ASP A OD1 1 
ATOM   630  O  OD2 . ASP A 1 80  ? -10.291 14.409  3.863   1.00 70.54 ? 80  ASP A OD2 1 
ATOM   631  N  N   . SER A 1 81  ? -10.818 9.954   1.417   1.00 40.61 ? 81  SER A N   1 
ATOM   632  C  CA  . SER A 1 81  ? -10.776 8.508   1.215   1.00 42.42 ? 81  SER A CA  1 
ATOM   633  C  C   . SER A 1 81  ? -11.036 8.104   -0.231  1.00 40.17 ? 81  SER A C   1 
ATOM   634  O  O   . SER A 1 81  ? -10.313 7.277   -0.782  1.00 40.49 ? 81  SER A O   1 
ATOM   635  C  CB  . SER A 1 81  ? -11.781 7.811   2.134   1.00 46.68 ? 81  SER A CB  1 
ATOM   636  O  OG  . SER A 1 81  ? -11.444 8.013   3.496   1.00 58.31 ? 81  SER A OG  1 
ATOM   637  N  N   . GLU A 1 82  ? -12.066 8.686   -0.840  1.00 41.27 ? 82  GLU A N   1 
ATOM   638  C  CA  . GLU A 1 82  ? -12.401 8.383   -2.229  1.00 42.72 ? 82  GLU A CA  1 
ATOM   639  C  C   . GLU A 1 82  ? -11.233 8.684   -3.163  1.00 41.07 ? 82  GLU A C   1 
ATOM   640  O  O   . GLU A 1 82  ? -10.842 7.833   -3.963  1.00 38.11 ? 82  GLU A O   1 
ATOM   641  C  CB  . GLU A 1 82  ? -13.647 9.155   -2.674  1.00 43.18 ? 82  GLU A CB  1 
ATOM   642  C  CG  . GLU A 1 82  ? -14.960 8.496   -2.278  1.00 50.97 ? 82  GLU A CG  1 
ATOM   643  C  CD  . GLU A 1 82  ? -15.148 7.137   -2.934  1.00 59.45 ? 82  GLU A CD  1 
ATOM   644  O  OE1 . GLU A 1 82  ? -15.692 7.089   -4.058  1.00 56.28 ? 82  GLU A OE1 1 
ATOM   645  O  OE2 . GLU A 1 82  ? -14.751 6.117   -2.325  1.00 57.97 ? 82  GLU A OE2 1 
ATOM   646  N  N   . GLU A 1 83  ? -10.664 9.882   -3.035  1.00 40.54 ? 83  GLU A N   1 
ATOM   647  C  CA  . GLU A 1 83  ? -9.533  10.283  -3.866  1.00 42.62 ? 83  GLU A CA  1 
ATOM   648  C  C   . GLU A 1 83  ? -8.335  9.367   -3.649  1.00 37.25 ? 83  GLU A C   1 
ATOM   649  O  O   . GLU A 1 83  ? -7.695  8.938   -4.609  1.00 36.55 ? 83  GLU A O   1 
ATOM   650  C  CB  . GLU A 1 83  ? -9.131  11.733  -3.587  1.00 49.26 ? 83  GLU A CB  1 
ATOM   651  C  CG  . GLU A 1 83  ? -7.974  12.210  -4.459  1.00 59.03 ? 83  GLU A CG  1 
ATOM   652  C  CD  . GLU A 1 83  ? -7.569  13.647  -4.189  1.00 67.49 ? 83  GLU A CD  1 
ATOM   653  O  OE1 . GLU A 1 83  ? -7.153  13.950  -3.050  1.00 70.05 ? 83  GLU A OE1 1 
ATOM   654  O  OE2 . GLU A 1 83  ? -7.651  14.470  -5.128  1.00 70.34 ? 83  GLU A OE2 1 
ATOM   655  N  N   . LYS A 1 84  ? -8.040  9.066   -2.388  1.00 39.31 ? 84  LYS A N   1 
ATOM   656  C  CA  . LYS A 1 84  ? -6.920  8.189   -2.057  1.00 37.08 ? 84  LYS A CA  1 
ATOM   657  C  C   . LYS A 1 84  ? -7.127  6.763   -2.568  1.00 31.91 ? 84  LYS A C   1 
ATOM   658  O  O   . LYS A 1 84  ? -6.168  6.114   -2.986  1.00 30.11 ? 84  LYS A O   1 
ATOM   659  C  CB  . LYS A 1 84  ? -6.636  8.209   -0.556  1.00 32.78 ? 84  LYS A CB  1 
ATOM   660  C  CG  . LYS A 1 84  ? -6.103  9.549   -0.068  1.00 35.00 ? 84  LYS A CG  1 
ATOM   661  C  CD  . LYS A 1 84  ? -4.828  9.918   -0.804  1.00 33.18 ? 84  LYS A CD  1 
ATOM   662  C  CE  . LYS A 1 84  ? -4.400  11.342  -0.495  1.00 43.35 ? 84  LYS A CE  1 
ATOM   663  N  NZ  . LYS A 1 84  ? -4.180  11.555  0.964   1.00 45.55 ? 84  LYS A NZ  1 
ATOM   664  N  N   . LEU A 1 85  ? -8.371  6.279   -2.544  1.00 27.62 ? 85  LEU A N   1 
ATOM   665  C  CA  . LEU A 1 85  ? -8.677  4.943   -3.057  1.00 23.37 ? 85  LEU A CA  1 
ATOM   666  C  C   . LEU A 1 85  ? -8.499  4.936   -4.574  1.00 29.15 ? 85  LEU A C   1 
ATOM   667  O  O   . LEU A 1 85  ? -8.115  3.925   -5.158  1.00 33.32 ? 85  LEU A O   1 
ATOM   668  C  CB  . LEU A 1 85  ? -10.109 4.527   -2.711  1.00 26.94 ? 85  LEU A CB  1 
ATOM   669  C  CG  . LEU A 1 85  ? -10.362 3.611   -1.508  1.00 27.62 ? 85  LEU A CG  1 
ATOM   670  C  CD1 . LEU A 1 85  ? -9.433  2.405   -1.559  1.00 30.27 ? 85  LEU A CD1 1 
ATOM   671  C  CD2 . LEU A 1 85  ? -10.172 4.367   -0.222  1.00 38.92 ? 85  LEU A CD2 1 
ATOM   672  N  N   . LYS A 1 86  ? -8.788  6.072   -5.205  1.00 31.49 ? 86  LYS A N   1 
ATOM   673  C  CA  . LYS A 1 86  ? -8.649  6.207   -6.652  1.00 31.00 ? 86  LYS A CA  1 
ATOM   674  C  C   . LYS A 1 86  ? -7.173  6.251   -7.026  1.00 32.26 ? 86  LYS A C   1 
ATOM   675  O  O   . LYS A 1 86  ? -6.758  5.629   -8.007  1.00 30.41 ? 86  LYS A O   1 
ATOM   676  C  CB  . LYS A 1 86  ? -9.346  7.467   -7.163  1.00 49.97 ? 86  LYS A CB  1 
ATOM   677  C  CG  . LYS A 1 86  ? -10.860 7.466   -6.950  1.00 61.67 ? 86  LYS A CG  1 
ATOM   678  C  CD  . LYS A 1 86  ? -11.606 7.952   -8.190  1.00 68.88 ? 86  LYS A CD  1 
ATOM   679  C  CE  . LYS A 1 86  ? -11.191 9.363   -8.600  1.00 76.33 ? 86  LYS A CE  1 
ATOM   680  N  NZ  . LYS A 1 86  ? -11.917 9.815   -9.821  1.00 79.80 ? 86  LYS A NZ  1 
ATOM   681  N  N   . GLU A 1 87  ? -6.380  6.980   -6.245  1.00 28.63 ? 87  GLU A N   1 
ATOM   682  C  CA  . GLU A 1 87  ? -4.947  7.076   -6.499  1.00 27.04 ? 87  GLU A CA  1 
ATOM   683  C  C   . GLU A 1 87  ? -4.316  5.693   -6.372  1.00 18.83 ? 87  GLU A C   1 
ATOM   684  O  O   . GLU A 1 87  ? -3.445  5.329   -7.158  1.00 19.81 ? 87  GLU A O   1 
ATOM   685  C  CB  . GLU A 1 87  ? -4.288  8.045   -5.516  1.00 29.62 ? 87  GLU A CB  1 
ATOM   686  C  CG  . GLU A 1 87  ? -4.618  9.510   -5.750  1.00 35.26 ? 87  GLU A CG  1 
ATOM   687  C  CD  . GLU A 1 87  ? -3.968  10.436  -4.732  1.00 44.42 ? 87  GLU A CD  1 
ATOM   688  O  OE1 . GLU A 1 87  ? -3.077  9.980   -3.981  1.00 45.79 ? 87  GLU A OE1 1 
ATOM   689  O  OE2 . GLU A 1 87  ? -4.353  11.624  -4.684  1.00 48.25 ? 87  GLU A OE2 1 
ATOM   690  N  N   . ALA A 1 88  ? -4.796  4.916   -5.400  1.00 22.40 ? 88  ALA A N   1 
ATOM   691  C  CA  . ALA A 1 88  ? -4.299  3.563   -5.153  1.00 20.15 ? 88  ALA A CA  1 
ATOM   692  C  C   . ALA A 1 88  ? -4.623  2.636   -6.322  1.00 25.11 ? 88  ALA A C   1 
ATOM   693  O  O   . ALA A 1 88  ? -3.793  1.823   -6.732  1.00 22.26 ? 88  ALA A O   1 
ATOM   694  C  CB  . ALA A 1 88  ? -4.884  3.015   -3.857  1.00 18.80 ? 88  ALA A CB  1 
ATOM   695  N  N   . PHE A 1 89  ? -5.836  2.771   -6.854  1.00 28.81 ? 89  PHE A N   1 
ATOM   696  C  CA  . PHE A 1 89  ? -6.293  1.967   -7.988  1.00 22.60 ? 89  PHE A CA  1 
ATOM   697  C  C   . PHE A 1 89  ? -5.390  2.213   -9.193  1.00 22.03 ? 89  PHE A C   1 
ATOM   698  O  O   . PHE A 1 89  ? -4.985  1.275   -9.884  1.00 24.20 ? 89  PHE A O   1 
ATOM   699  C  CB  . PHE A 1 89  ? -7.751  2.322   -8.326  1.00 25.27 ? 89  PHE A CB  1 
ATOM   700  C  CG  . PHE A 1 89  ? -8.316  1.542   -9.478  1.00 29.70 ? 89  PHE A CG  1 
ATOM   701  C  CD1 . PHE A 1 89  ? -8.809  0.253   -9.289  1.00 33.12 ? 89  PHE A CD1 1 
ATOM   702  C  CD2 . PHE A 1 89  ? -8.338  2.087   -10.761 1.00 31.55 ? 89  PHE A CD2 1 
ATOM   703  C  CE1 . PHE A 1 89  ? -9.312  -0.486  -10.359 1.00 27.91 ? 89  PHE A CE1 1 
ATOM   704  C  CE2 . PHE A 1 89  ? -8.837  1.360   -11.838 1.00 27.24 ? 89  PHE A CE2 1 
ATOM   705  C  CZ  . PHE A 1 89  ? -9.324  0.069   -11.635 1.00 29.53 ? 89  PHE A CZ  1 
ATOM   706  N  N   . ARG A 1 90  ? -5.055  3.482   -9.410  1.00 17.04 ? 90  ARG A N   1 
ATOM   707  C  CA  . ARG A 1 90  ? -4.207  3.904   -10.525 1.00 26.92 ? 90  ARG A CA  1 
ATOM   708  C  C   . ARG A 1 90  ? -2.838  3.222   -10.510 1.00 26.88 ? 90  ARG A C   1 
ATOM   709  O  O   . ARG A 1 90  ? -2.278  2.939   -11.569 1.00 29.45 ? 90  ARG A O   1 
ATOM   710  C  CB  . ARG A 1 90  ? -4.027  5.426   -10.513 1.00 32.22 ? 90  ARG A CB  1 
ATOM   711  C  CG  . ARG A 1 90  ? -5.337  6.203   -10.636 1.00 49.28 ? 90  ARG A CG  1 
ATOM   712  C  CD  . ARG A 1 90  ? -5.134  7.689   -10.338 1.00 63.23 ? 90  ARG A CD  1 
ATOM   713  N  NE  . ARG A 1 90  ? -6.404  8.398   -10.199 1.00 72.60 ? 90  ARG A NE  1 
ATOM   714  C  CZ  . ARG A 1 90  ? -6.551  9.578   -9.594  1.00 78.34 ? 90  ARG A CZ  1 
ATOM   715  N  NH1 . ARG A 1 90  ? -5.504  10.208  -9.059  1.00 79.53 ? 90  ARG A NH1 1 
ATOM   716  N  NH2 . ARG A 1 90  ? -7.755  10.139  -9.514  1.00 81.83 ? 90  ARG A NH2 1 
ATOM   717  N  N   . VAL A 1 91  ? -2.308  2.954   -9.318  1.00 24.35 ? 91  VAL A N   1 
ATOM   718  C  CA  . VAL A 1 91  ? -1.007  2.302   -9.176  1.00 19.25 ? 91  VAL A CA  1 
ATOM   719  C  C   . VAL A 1 91  ? -0.990  0.903   -9.799  1.00 22.74 ? 91  VAL A C   1 
ATOM   720  O  O   . VAL A 1 91  ? -0.068  0.560   -10.545 1.00 22.30 ? 91  VAL A O   1 
ATOM   721  C  CB  . VAL A 1 91  ? -0.601  2.200   -7.684  1.00 27.88 ? 91  VAL A CB  1 
ATOM   722  C  CG1 . VAL A 1 91  ? 0.739   1.487   -7.538  1.00 15.01 ? 91  VAL A CG1 1 
ATOM   723  C  CG2 . VAL A 1 91  ? -0.524  3.585   -7.067  1.00 30.77 ? 91  VAL A CG2 1 
ATOM   724  N  N   . PHE A 1 92  ? -2.005  0.105   -9.475  1.00 18.16 ? 92  PHE A N   1 
ATOM   725  C  CA  . PHE A 1 92  ? -2.122  -1.258  -9.982  1.00 22.70 ? 92  PHE A CA  1 
ATOM   726  C  C   . PHE A 1 92  ? -2.537  -1.290  -11.449 1.00 25.99 ? 92  PHE A C   1 
ATOM   727  O  O   . PHE A 1 92  ? -2.061  -2.125  -12.219 1.00 32.47 ? 92  PHE A O   1 
ATOM   728  C  CB  . PHE A 1 92  ? -3.131  -2.054  -9.147  1.00 25.52 ? 92  PHE A CB  1 
ATOM   729  C  CG  . PHE A 1 92  ? -2.704  -2.293  -7.721  1.00 26.16 ? 92  PHE A CG  1 
ATOM   730  C  CD1 . PHE A 1 92  ? -1.972  -3.429  -7.377  1.00 24.06 ? 92  PHE A CD1 1 
ATOM   731  C  CD2 . PHE A 1 92  ? -3.056  -1.394  -6.718  1.00 22.95 ? 92  PHE A CD2 1 
ATOM   732  C  CE1 . PHE A 1 92  ? -1.598  -3.668  -6.052  1.00 20.39 ? 92  PHE A CE1 1 
ATOM   733  C  CE2 . PHE A 1 92  ? -2.690  -1.623  -5.394  1.00 25.43 ? 92  PHE A CE2 1 
ATOM   734  C  CZ  . PHE A 1 92  ? -1.958  -2.765  -5.061  1.00 20.96 ? 92  PHE A CZ  1 
ATOM   735  N  N   . ASP A 1 93  ? -3.436  -0.385  -11.824 1.00 28.90 ? 93  ASP A N   1 
ATOM   736  C  CA  . ASP A 1 93  ? -3.935  -0.282  -13.194 1.00 27.04 ? 93  ASP A CA  1 
ATOM   737  C  C   . ASP A 1 93  ? -2.855  0.345   -14.073 1.00 29.48 ? 93  ASP A C   1 
ATOM   738  O  O   . ASP A 1 93  ? -2.961  1.502   -14.480 1.00 33.21 ? 93  ASP A O   1 
ATOM   739  C  CB  . ASP A 1 93  ? -5.201  0.581   -13.202 1.00 24.43 ? 93  ASP A CB  1 
ATOM   740  C  CG  . ASP A 1 93  ? -5.915  0.575   -14.538 1.00 35.69 ? 93  ASP A CG  1 
ATOM   741  O  OD1 . ASP A 1 93  ? -5.542  -0.215  -15.436 1.00 32.11 ? 93  ASP A OD1 1 
ATOM   742  O  OD2 . ASP A 1 93  ? -6.863  1.375   -14.681 1.00 30.67 ? 93  ASP A OD2 1 
ATOM   743  N  N   . LYS A 1 94  ? -1.828  -0.446  -14.376 1.00 35.80 ? 94  LYS A N   1 
ATOM   744  C  CA  . LYS A 1 94  ? -0.691  -0.001  -15.174 1.00 43.73 ? 94  LYS A CA  1 
ATOM   745  C  C   . LYS A 1 94  ? -1.056  0.632   -16.516 1.00 48.32 ? 94  LYS A C   1 
ATOM   746  O  O   . LYS A 1 94  ? -0.718  1.791   -16.760 1.00 51.01 ? 94  LYS A O   1 
ATOM   747  C  CB  . LYS A 1 94  ? 0.295   -1.157  -15.394 1.00 54.52 ? 94  LYS A CB  1 
ATOM   748  C  CG  . LYS A 1 94  ? 0.734   -1.884  -14.117 1.00 60.58 ? 94  LYS A CG  1 
ATOM   749  C  CD  . LYS A 1 94  ? 1.436   -0.961  -13.123 1.00 64.71 ? 94  LYS A CD  1 
ATOM   750  C  CE  . LYS A 1 94  ? 2.770   -0.459  -13.653 1.00 68.89 ? 94  LYS A CE  1 
ATOM   751  N  NZ  . LYS A 1 94  ? 3.456   0.422   -12.665 1.00 70.35 ? 94  LYS A NZ  1 
ATOM   752  N  N   . ASP A 1 95  ? -1.749  -0.119  -17.374 1.00 48.14 ? 95  ASP A N   1 
ATOM   753  C  CA  . ASP A 1 95  ? -2.141  0.381   -18.692 1.00 43.08 ? 95  ASP A CA  1 
ATOM   754  C  C   . ASP A 1 95  ? -3.306  1.369   -18.657 1.00 47.18 ? 95  ASP A C   1 
ATOM   755  O  O   . ASP A 1 95  ? -3.778  1.825   -19.700 1.00 47.03 ? 95  ASP A O   1 
ATOM   756  C  CB  . ASP A 1 95  ? -2.447  -0.778  -19.651 1.00 37.48 ? 95  ASP A CB  1 
ATOM   757  C  CG  . ASP A 1 95  ? -3.620  -1.633  -19.199 1.00 39.96 ? 95  ASP A CG  1 
ATOM   758  O  OD1 . ASP A 1 95  ? -4.467  -1.149  -18.423 1.00 33.73 ? 95  ASP A OD1 1 
ATOM   759  O  OD2 . ASP A 1 95  ? -3.696  -2.799  -19.639 1.00 39.47 ? 95  ASP A OD2 1 
ATOM   760  N  N   . GLY A 1 96  ? -3.805  1.629   -17.452 1.00 44.48 ? 96  GLY A N   1 
ATOM   761  C  CA  . GLY A 1 96  ? -4.893  2.571   -17.261 1.00 43.56 ? 96  GLY A CA  1 
ATOM   762  C  C   . GLY A 1 96  ? -6.179  2.346   -18.031 1.00 42.03 ? 96  GLY A C   1 
ATOM   763  O  O   . GLY A 1 96  ? -6.837  3.313   -18.405 1.00 42.44 ? 96  GLY A O   1 
ATOM   764  N  N   . ASN A 1 97  ? -6.559  1.091   -18.254 1.00 43.52 ? 97  ASN A N   1 
ATOM   765  C  CA  . ASN A 1 97  ? -7.794  0.808   -18.987 1.00 43.65 ? 97  ASN A CA  1 
ATOM   766  C  C   . ASN A 1 97  ? -9.015  0.716   -18.067 1.00 44.61 ? 97  ASN A C   1 
ATOM   767  O  O   . ASN A 1 97  ? -10.097 0.318   -18.501 1.00 47.70 ? 97  ASN A O   1 
ATOM   768  C  CB  . ASN A 1 97  ? -7.653  -0.471  -19.827 1.00 45.04 ? 97  ASN A CB  1 
ATOM   769  C  CG  . ASN A 1 97  ? -7.939  -1.737  -19.036 1.00 44.70 ? 97  ASN A CG  1 
ATOM   770  O  OD1 . ASN A 1 97  ? -7.382  -1.953  -17.964 1.00 43.62 ? 97  ASN A OD1 1 
ATOM   771  N  ND2 . ASN A 1 97  ? -8.826  -2.573  -19.563 1.00 41.81 ? 97  ASN A ND2 1 
ATOM   772  N  N   . GLY A 1 98  ? -8.830  1.077   -16.798 1.00 43.08 ? 98  GLY A N   1 
ATOM   773  C  CA  . GLY A 1 98  ? -9.920  1.032   -15.834 1.00 32.53 ? 98  GLY A CA  1 
ATOM   774  C  C   . GLY A 1 98  ? -10.127 -0.307  -15.146 1.00 26.07 ? 98  GLY A C   1 
ATOM   775  O  O   . GLY A 1 98  ? -11.079 -0.469  -14.379 1.00 36.73 ? 98  GLY A O   1 
ATOM   776  N  N   . PHE A 1 99  ? -9.238  -1.262  -15.400 1.00 19.50 ? 99  PHE A N   1 
ATOM   777  C  CA  . PHE A 1 99  ? -9.340  -2.591  -14.799 1.00 26.83 ? 99  PHE A CA  1 
ATOM   778  C  C   . PHE A 1 99  ? -7.982  -3.106  -14.322 1.00 28.42 ? 99  PHE A C   1 
ATOM   779  O  O   . PHE A 1 99  ? -6.944  -2.691  -14.823 1.00 20.51 ? 99  PHE A O   1 
ATOM   780  C  CB  . PHE A 1 99  ? -9.902  -3.595  -15.813 1.00 34.90 ? 99  PHE A CB  1 
ATOM   781  C  CG  . PHE A 1 99  ? -11.297 -3.289  -16.279 1.00 28.95 ? 99  PHE A CG  1 
ATOM   782  C  CD1 . PHE A 1 99  ? -12.395 -3.743  -15.558 1.00 33.39 ? 99  PHE A CD1 1 
ATOM   783  C  CD2 . PHE A 1 99  ? -11.511 -2.569  -17.451 1.00 30.34 ? 99  PHE A CD2 1 
ATOM   784  C  CE1 . PHE A 1 99  ? -13.688 -3.483  -15.994 1.00 32.24 ? 99  PHE A CE1 1 
ATOM   785  C  CE2 . PHE A 1 99  ? -12.799 -2.303  -17.898 1.00 30.28 ? 99  PHE A CE2 1 
ATOM   786  C  CZ  . PHE A 1 99  ? -13.892 -2.762  -17.168 1.00 36.38 ? 99  PHE A CZ  1 
ATOM   787  N  N   . ILE A 1 100 ? -7.998  -4.021  -13.357 1.00 22.80 ? 100 ILE A N   1 
ATOM   788  C  CA  . ILE A 1 100 ? -6.761  -4.613  -12.850 1.00 25.24 ? 100 ILE A CA  1 
ATOM   789  C  C   . ILE A 1 100 ? -6.740  -6.084  -13.250 1.00 19.55 ? 100 ILE A C   1 
ATOM   790  O  O   . ILE A 1 100 ? -7.623  -6.849  -12.867 1.00 24.00 ? 100 ILE A O   1 
ATOM   791  C  CB  . ILE A 1 100 ? -6.644  -4.526  -11.307 1.00 21.08 ? 100 ILE A CB  1 
ATOM   792  C  CG1 . ILE A 1 100 ? -6.574  -3.072  -10.846 1.00 19.89 ? 100 ILE A CG1 1 
ATOM   793  C  CG2 . ILE A 1 100 ? -5.396  -5.261  -10.832 1.00 25.21 ? 100 ILE A CG2 1 
ATOM   794  C  CD1 . ILE A 1 100 ? -6.566  -2.925  -9.334  1.00 14.92 ? 100 ILE A CD1 1 
ATOM   795  N  N   . SER A 1 101 ? -5.733  -6.472  -14.023 1.00 21.37 ? 101 SER A N   1 
ATOM   796  C  CA  . SER A 1 101 ? -5.597  -7.853  -14.468 1.00 20.40 ? 101 SER A CA  1 
ATOM   797  C  C   . SER A 1 101 ? -4.650  -8.634  -13.568 1.00 23.73 ? 101 SER A C   1 
ATOM   798  O  O   . SER A 1 101 ? -4.057  -8.081  -12.640 1.00 31.41 ? 101 SER A O   1 
ATOM   799  C  CB  . SER A 1 101 ? -5.087  -7.882  -15.905 1.00 27.23 ? 101 SER A CB  1 
ATOM   800  O  OG  . SER A 1 101 ? -3.903  -7.110  -16.030 1.00 33.24 ? 101 SER A OG  1 
ATOM   801  N  N   . ALA A 1 102 ? -4.507  -9.923  -13.853 1.00 27.83 ? 102 ALA A N   1 
ATOM   802  C  CA  . ALA A 1 102 ? -3.624  -10.787 -13.084 1.00 25.60 ? 102 ALA A CA  1 
ATOM   803  C  C   . ALA A 1 102 ? -2.180  -10.337 -13.268 1.00 32.41 ? 102 ALA A C   1 
ATOM   804  O  O   . ALA A 1 102 ? -1.418  -10.253 -12.304 1.00 35.43 ? 102 ALA A O   1 
ATOM   805  C  CB  . ALA A 1 102 ? -3.785  -12.233 -13.529 1.00 21.13 ? 102 ALA A CB  1 
ATOM   806  N  N   . ALA A 1 103 ? -1.824  -10.015 -14.509 1.00 29.22 ? 103 ALA A N   1 
ATOM   807  C  CA  . ALA A 1 103 ? -0.474  -9.576  -14.838 1.00 29.52 ? 103 ALA A CA  1 
ATOM   808  C  C   . ALA A 1 103 ? -0.060  -8.325  -14.070 1.00 30.13 ? 103 ALA A C   1 
ATOM   809  O  O   . ALA A 1 103 ? 1.045   -8.262  -13.526 1.00 26.20 ? 103 ALA A O   1 
ATOM   810  C  CB  . ALA A 1 103 ? -0.355  -9.337  -16.336 1.00 28.08 ? 103 ALA A CB  1 
ATOM   811  N  N   . GLU A 1 104 ? -0.951  -7.336  -14.033 1.00 25.66 ? 104 GLU A N   1 
ATOM   812  C  CA  . GLU A 1 104 ? -0.689  -6.075  -13.342 1.00 24.29 ? 104 GLU A CA  1 
ATOM   813  C  C   . GLU A 1 104 ? -0.546  -6.249  -11.833 1.00 26.98 ? 104 GLU A C   1 
ATOM   814  O  O   . GLU A 1 104 ? 0.314   -5.626  -11.209 1.00 26.23 ? 104 GLU A O   1 
ATOM   815  C  CB  . GLU A 1 104 ? -1.799  -5.072  -13.644 1.00 27.34 ? 104 GLU A CB  1 
ATOM   816  C  CG  . GLU A 1 104 ? -1.943  -4.740  -15.118 1.00 29.93 ? 104 GLU A CG  1 
ATOM   817  C  CD  . GLU A 1 104 ? -3.040  -3.732  -15.378 1.00 35.31 ? 104 GLU A CD  1 
ATOM   818  O  OE1 . GLU A 1 104 ? -4.142  -3.894  -14.811 1.00 31.74 ? 104 GLU A OE1 1 
ATOM   819  O  OE2 . GLU A 1 104 ? -2.797  -2.779  -16.148 1.00 33.33 ? 104 GLU A OE2 1 
ATOM   820  N  N   . LEU A 1 105 ? -1.399  -7.089  -11.255 1.00 23.01 ? 105 LEU A N   1 
ATOM   821  C  CA  . LEU A 1 105 ? -1.374  -7.363  -9.823  1.00 24.72 ? 105 LEU A CA  1 
ATOM   822  C  C   . LEU A 1 105 ? -0.034  -8.029  -9.496  1.00 21.71 ? 105 LEU A C   1 
ATOM   823  O  O   . LEU A 1 105 ? 0.686   -7.597  -8.595  1.00 23.75 ? 105 LEU A O   1 
ATOM   824  C  CB  . LEU A 1 105 ? -2.526  -8.305  -9.461  1.00 24.76 ? 105 LEU A CB  1 
ATOM   825  C  CG  . LEU A 1 105 ? -3.178  -8.259  -8.076  1.00 24.47 ? 105 LEU A CG  1 
ATOM   826  C  CD1 . LEU A 1 105 ? -3.486  -9.681  -7.644  1.00 20.48 ? 105 LEU A CD1 1 
ATOM   827  C  CD2 . LEU A 1 105 ? -2.287  -7.575  -7.051  1.00 23.04 ? 105 LEU A CD2 1 
ATOM   828  N  N   . ARG A 1 106 ? 0.306   -9.052  -10.276 1.00 23.14 ? 106 ARG A N   1 
ATOM   829  C  CA  . ARG A 1 106 ? 1.547   -9.798  -10.114 1.00 24.24 ? 106 ARG A CA  1 
ATOM   830  C  C   . ARG A 1 106 ? 2.755   -8.879  -10.246 1.00 27.16 ? 106 ARG A C   1 
ATOM   831  O  O   . ARG A 1 106 ? 3.742   -9.020  -9.521  1.00 21.62 ? 106 ARG A O   1 
ATOM   832  C  CB  . ARG A 1 106 ? 1.626   -10.889 -11.181 1.00 24.38 ? 106 ARG A CB  1 
ATOM   833  C  CG  . ARG A 1 106 ? 2.836   -11.802 -11.063 1.00 41.45 ? 106 ARG A CG  1 
ATOM   834  C  CD  . ARG A 1 106 ? 2.885   -12.816 -12.201 1.00 46.38 ? 106 ARG A CD  1 
ATOM   835  N  NE  . ARG A 1 106 ? 1.642   -13.578 -12.310 1.00 63.68 ? 106 ARG A NE  1 
ATOM   836  C  CZ  . ARG A 1 106 ? 0.900   -13.656 -13.413 1.00 62.03 ? 106 ARG A CZ  1 
ATOM   837  N  NH1 . ARG A 1 106 ? 1.273   -13.023 -14.521 1.00 61.15 ? 106 ARG A NH1 1 
ATOM   838  N  NH2 . ARG A 1 106 ? -0.238  -14.337 -13.397 1.00 57.65 ? 106 ARG A NH2 1 
ATOM   839  N  N   . HIS A 1 107 ? 2.666   -7.942  -11.185 1.00 25.45 ? 107 HIS A N   1 
ATOM   840  C  CA  . HIS A 1 107 ? 3.737   -6.991  -11.440 1.00 25.78 ? 107 HIS A CA  1 
ATOM   841  C  C   . HIS A 1 107 ? 4.012   -6.107  -10.231 1.00 27.82 ? 107 HIS A C   1 
ATOM   842  O  O   . HIS A 1 107 ? 5.166   -5.949  -9.827  1.00 30.41 ? 107 HIS A O   1 
ATOM   843  C  CB  . HIS A 1 107 ? 3.394   -6.128  -12.654 1.00 31.75 ? 107 HIS A CB  1 
ATOM   844  C  CG  . HIS A 1 107 ? 4.466   -5.149  -13.025 1.00 46.55 ? 107 HIS A CG  1 
ATOM   845  N  ND1 . HIS A 1 107 ? 5.577   -5.503  -13.759 1.00 51.49 ? 107 HIS A ND1 1 
ATOM   846  C  CD2 . HIS A 1 107 ? 4.592   -3.823  -12.767 1.00 49.14 ? 107 HIS A CD2 1 
ATOM   847  C  CE1 . HIS A 1 107 ? 6.342   -4.441  -13.939 1.00 49.28 ? 107 HIS A CE1 1 
ATOM   848  N  NE2 . HIS A 1 107 ? 5.767   -3.409  -13.347 1.00 53.98 ? 107 HIS A NE2 1 
ATOM   849  N  N   . VAL A 1 108 ? 2.957   -5.532  -9.654  1.00 22.31 ? 108 VAL A N   1 
ATOM   850  C  CA  . VAL A 1 108 ? 3.116   -4.667  -8.488  1.00 24.92 ? 108 VAL A CA  1 
ATOM   851  C  C   . VAL A 1 108 ? 3.651   -5.432  -7.280  1.00 25.71 ? 108 VAL A C   1 
ATOM   852  O  O   . VAL A 1 108 ? 4.498   -4.916  -6.545  1.00 30.40 ? 108 VAL A O   1 
ATOM   853  C  CB  . VAL A 1 108 ? 1.799   -3.938  -8.121  1.00 31.08 ? 108 VAL A CB  1 
ATOM   854  C  CG1 . VAL A 1 108 ? 1.975   -3.136  -6.835  1.00 24.75 ? 108 VAL A CG1 1 
ATOM   855  C  CG2 . VAL A 1 108 ? 1.391   -3.002  -9.248  1.00 30.20 ? 108 VAL A CG2 1 
ATOM   856  N  N   . MET A 1 109 ? 3.186   -6.665  -7.096  1.00 17.71 ? 109 MET A N   1 
ATOM   857  C  CA  . MET A 1 109 ? 3.639   -7.475  -5.970  1.00 18.96 ? 109 MET A CA  1 
ATOM   858  C  C   . MET A 1 109 ? 5.083   -7.951  -6.142  1.00 23.05 ? 109 MET A C   1 
ATOM   859  O  O   . MET A 1 109 ? 5.826   -8.061  -5.162  1.00 25.30 ? 109 MET A O   1 
ATOM   860  C  CB  . MET A 1 109 ? 2.702   -8.660  -5.744  1.00 22.10 ? 109 MET A CB  1 
ATOM   861  C  CG  . MET A 1 109 ? 1.269   -8.241  -5.491  1.00 26.21 ? 109 MET A CG  1 
ATOM   862  S  SD  . MET A 1 109 ? 0.203   -9.594  -4.987  1.00 36.90 ? 109 MET A SD  1 
ATOM   863  C  CE  . MET A 1 109 ? -0.984  -8.722  -4.036  1.00 25.53 ? 109 MET A CE  1 
ATOM   864  N  N   . THR A 1 110 ? 5.480   -8.219  -7.385  1.00 21.23 ? 110 THR A N   1 
ATOM   865  C  CA  . THR A 1 110 ? 6.840   -8.664  -7.686  1.00 24.66 ? 110 THR A CA  1 
ATOM   866  C  C   . THR A 1 110 ? 7.834   -7.525  -7.457  1.00 27.22 ? 110 THR A C   1 
ATOM   867  O  O   . THR A 1 110 ? 8.918   -7.742  -6.907  1.00 32.68 ? 110 THR A O   1 
ATOM   868  C  CB  . THR A 1 110 ? 6.957   -9.168  -9.139  1.00 25.83 ? 110 THR A CB  1 
ATOM   869  O  OG1 . THR A 1 110 ? 6.062   -10.267 -9.332  1.00 28.69 ? 110 THR A OG1 1 
ATOM   870  C  CG2 . THR A 1 110 ? 8.377   -9.637  -9.432  1.00 32.70 ? 110 THR A CG2 1 
ATOM   871  N  N   . ASN A 1 111 ? 7.469   -6.318  -7.887  1.00 18.19 ? 111 ASN A N   1 
ATOM   872  C  CA  . ASN A 1 111 ? 8.323   -5.150  -7.699  1.00 26.15 ? 111 ASN A CA  1 
ATOM   873  C  C   . ASN A 1 111 ? 8.481   -4.815  -6.217  1.00 28.28 ? 111 ASN A C   1 
ATOM   874  O  O   . ASN A 1 111 ? 9.517   -4.288  -5.798  1.00 27.31 ? 111 ASN A O   1 
ATOM   875  C  CB  . ASN A 1 111 ? 7.759   -3.942  -8.443  1.00 27.99 ? 111 ASN A CB  1 
ATOM   876  C  CG  . ASN A 1 111 ? 7.957   -4.036  -9.943  1.00 36.77 ? 111 ASN A CG  1 
ATOM   877  O  OD1 . ASN A 1 111 ? 7.663   -3.093  -10.676 1.00 38.91 ? 111 ASN A OD1 1 
ATOM   878  N  ND2 . ASN A 1 111 ? 8.467   -5.176  -10.407 1.00 37.00 ? 111 ASN A ND2 1 
ATOM   879  N  N   . LEU A 1 112 ? 7.449   -5.120  -5.431  1.00 22.32 ? 112 LEU A N   1 
ATOM   880  C  CA  . LEU A 1 112 ? 7.470   -4.873  -3.994  1.00 25.64 ? 112 LEU A CA  1 
ATOM   881  C  C   . LEU A 1 112 ? 8.328   -5.895  -3.249  1.00 28.18 ? 112 LEU A C   1 
ATOM   882  O  O   . LEU A 1 112 ? 8.571   -5.752  -2.052  1.00 34.61 ? 112 LEU A O   1 
ATOM   883  C  CB  . LEU A 1 112 ? 6.047   -4.861  -3.428  1.00 23.94 ? 112 LEU A CB  1 
ATOM   884  C  CG  . LEU A 1 112 ? 5.561   -3.508  -2.905  1.00 21.37 ? 112 LEU A CG  1 
ATOM   885  C  CD1 . LEU A 1 112 ? 5.716   -2.452  -3.970  1.00 26.09 ? 112 LEU A CD1 1 
ATOM   886  C  CD2 . LEU A 1 112 ? 4.119   -3.603  -2.468  1.00 29.22 ? 112 LEU A CD2 1 
ATOM   887  N  N   . GLY A 1 113 ? 8.774   -6.928  -3.960  1.00 29.47 ? 113 GLY A N   1 
ATOM   888  C  CA  . GLY A 1 113 ? 9.618   -7.944  -3.350  1.00 34.73 ? 113 GLY A CA  1 
ATOM   889  C  C   . GLY A 1 113 ? 8.945   -9.236  -2.924  1.00 32.84 ? 113 GLY A C   1 
ATOM   890  O  O   . GLY A 1 113 ? 9.593   -10.104 -2.335  1.00 36.27 ? 113 GLY A O   1 
ATOM   891  N  N   . GLU A 1 114 ? 7.650   -9.369  -3.199  1.00 33.99 ? 114 GLU A N   1 
ATOM   892  C  CA  . GLU A 1 114 ? 6.914   -10.574 -2.838  1.00 26.19 ? 114 GLU A CA  1 
ATOM   893  C  C   . GLU A 1 114 ? 7.011   -11.616 -3.940  1.00 32.10 ? 114 GLU A C   1 
ATOM   894  O  O   . GLU A 1 114 ? 6.964   -11.285 -5.123  1.00 42.47 ? 114 GLU A O   1 
ATOM   895  C  CB  . GLU A 1 114 ? 5.454   -10.239 -2.583  1.00 23.41 ? 114 GLU A CB  1 
ATOM   896  C  CG  . GLU A 1 114 ? 5.244   -9.282  -1.444  1.00 28.75 ? 114 GLU A CG  1 
ATOM   897  C  CD  . GLU A 1 114 ? 3.829   -8.762  -1.392  1.00 36.41 ? 114 GLU A CD  1 
ATOM   898  O  OE1 . GLU A 1 114 ? 3.550   -7.753  -2.073  1.00 35.81 ? 114 GLU A OE1 1 
ATOM   899  O  OE2 . GLU A 1 114 ? 2.997   -9.362  -0.676  1.00 40.48 ? 114 GLU A OE2 1 
ATOM   900  N  N   . LYS A 1 115 ? 7.162   -12.875 -3.548  1.00 37.25 ? 115 LYS A N   1 
ATOM   901  C  CA  . LYS A 1 115 ? 7.251   -13.965 -4.510  1.00 48.05 ? 115 LYS A CA  1 
ATOM   902  C  C   . LYS A 1 115 ? 5.911   -14.692 -4.612  1.00 49.04 ? 115 LYS A C   1 
ATOM   903  O  O   . LYS A 1 115 ? 5.489   -15.391 -3.688  1.00 46.54 ? 115 LYS A O   1 
ATOM   904  C  CB  . LYS A 1 115 ? 8.386   -14.922 -4.133  1.00 54.60 ? 115 LYS A CB  1 
ATOM   905  C  CG  . LYS A 1 115 ? 8.331   -15.449 -2.708  1.00 60.11 ? 115 LYS A CG  1 
ATOM   906  C  CD  . LYS A 1 115 ? 9.694   -15.937 -2.259  1.00 69.59 ? 115 LYS A CD  1 
ATOM   907  C  CE  . LYS A 1 115 ? 10.709  -14.797 -2.241  1.00 69.78 ? 115 LYS A CE  1 
ATOM   908  N  NZ  . LYS A 1 115 ? 10.331  -13.701 -1.298  1.00 64.36 ? 115 LYS A NZ  1 
ATOM   909  N  N   . LEU A 1 116 ? 5.219   -14.460 -5.721  1.00 51.91 ? 116 LEU A N   1 
ATOM   910  C  CA  . LEU A 1 116 ? 3.919   -15.071 -5.962  1.00 48.56 ? 116 LEU A CA  1 
ATOM   911  C  C   . LEU A 1 116 ? 3.974   -16.097 -7.080  1.00 49.22 ? 116 LEU A C   1 
ATOM   912  O  O   . LEU A 1 116 ? 4.637   -15.890 -8.099  1.00 47.72 ? 116 LEU A O   1 
ATOM   913  C  CB  . LEU A 1 116 ? 2.875   -14.007 -6.326  1.00 46.50 ? 116 LEU A CB  1 
ATOM   914  C  CG  . LEU A 1 116 ? 2.247   -13.112 -5.254  1.00 48.76 ? 116 LEU A CG  1 
ATOM   915  C  CD1 . LEU A 1 116 ? 1.621   -13.970 -4.170  1.00 47.64 ? 116 LEU A CD1 1 
ATOM   916  C  CD2 . LEU A 1 116 ? 3.282   -12.174 -4.668  1.00 62.00 ? 116 LEU A CD2 1 
ATOM   917  N  N   . THR A 1 117 ? 3.269   -17.205 -6.882  1.00 48.53 ? 117 THR A N   1 
ATOM   918  C  CA  . THR A 1 117 ? 3.197   -18.252 -7.889  1.00 45.36 ? 117 THR A CA  1 
ATOM   919  C  C   . THR A 1 117 ? 2.148   -17.793 -8.891  1.00 44.83 ? 117 THR A C   1 
ATOM   920  O  O   . THR A 1 117 ? 1.400   -16.852 -8.626  1.00 45.46 ? 117 THR A O   1 
ATOM   921  C  CB  . THR A 1 117 ? 2.730   -19.584 -7.282  1.00 48.24 ? 117 THR A CB  1 
ATOM   922  O  OG1 . THR A 1 117 ? 1.413   -19.423 -6.746  1.00 48.70 ? 117 THR A OG1 1 
ATOM   923  C  CG2 . THR A 1 117 ? 3.671   -20.030 -6.174  1.00 48.30 ? 117 THR A CG2 1 
ATOM   924  N  N   . ASP A 1 118 ? 2.089   -18.462 -10.034 1.00 49.25 ? 118 ASP A N   1 
ATOM   925  C  CA  . ASP A 1 118 ? 1.121   -18.123 -11.072 1.00 49.25 ? 118 ASP A CA  1 
ATOM   926  C  C   . ASP A 1 118 ? -0.296  -18.418 -10.588 1.00 45.72 ? 118 ASP A C   1 
ATOM   927  O  O   . ASP A 1 118 ? -1.231  -17.682 -10.898 1.00 40.69 ? 118 ASP A O   1 
ATOM   928  C  CB  . ASP A 1 118 ? 1.422   -18.920 -12.338 1.00 57.93 ? 118 ASP A CB  1 
ATOM   929  C  CG  . ASP A 1 118 ? 2.881   -18.828 -12.742 1.00 68.19 ? 118 ASP A CG  1 
ATOM   930  O  OD1 . ASP A 1 118 ? 3.303   -17.738 -13.188 1.00 62.34 ? 118 ASP A OD1 1 
ATOM   931  O  OD2 . ASP A 1 118 ? 3.608   -19.837 -12.588 1.00 66.28 ? 118 ASP A OD2 1 
ATOM   932  N  N   . GLU A 1 119 ? -0.434  -19.478 -9.795  1.00 48.55 ? 119 GLU A N   1 
ATOM   933  C  CA  . GLU A 1 119 ? -1.725  -19.887 -9.253  1.00 51.19 ? 119 GLU A CA  1 
ATOM   934  C  C   . GLU A 1 119 ? -2.268  -18.942 -8.177  1.00 48.53 ? 119 GLU A C   1 
ATOM   935  O  O   . GLU A 1 119 ? -3.464  -18.644 -8.164  1.00 52.96 ? 119 GLU A O   1 
ATOM   936  C  CB  . GLU A 1 119 ? -1.643  -21.321 -8.713  1.00 56.25 ? 119 GLU A CB  1 
ATOM   937  C  CG  . GLU A 1 119 ? -0.584  -21.527 -7.637  1.00 72.20 ? 119 GLU A CG  1 
ATOM   938  C  CD  . GLU A 1 119 ? -0.407  -22.984 -7.235  1.00 75.27 ? 119 GLU A CD  1 
ATOM   939  O  OE1 . GLU A 1 119 ? -1.425  -23.677 -7.018  1.00 75.32 ? 119 GLU A OE1 1 
ATOM   940  O  OE2 . GLU A 1 119 ? 0.755   -23.432 -7.130  1.00 72.45 ? 119 GLU A OE2 1 
ATOM   941  N  N   . GLU A 1 120 ? -1.397  -18.477 -7.281  1.00 37.43 ? 120 GLU A N   1 
ATOM   942  C  CA  . GLU A 1 120 ? -1.803  -17.565 -6.209  1.00 32.51 ? 120 GLU A CA  1 
ATOM   943  C  C   . GLU A 1 120 ? -2.478  -16.306 -6.738  1.00 30.53 ? 120 GLU A C   1 
ATOM   944  O  O   . GLU A 1 120 ? -3.502  -15.873 -6.210  1.00 27.03 ? 120 GLU A O   1 
ATOM   945  C  CB  . GLU A 1 120 ? -0.601  -17.143 -5.367  1.00 33.25 ? 120 GLU A CB  1 
ATOM   946  C  CG  . GLU A 1 120 ? -0.109  -18.173 -4.381  1.00 44.21 ? 120 GLU A CG  1 
ATOM   947  C  CD  . GLU A 1 120 ? 1.005   -17.626 -3.513  1.00 48.20 ? 120 GLU A CD  1 
ATOM   948  O  OE1 . GLU A 1 120 ? 2.154   -17.551 -3.998  1.00 49.74 ? 120 GLU A OE1 1 
ATOM   949  O  OE2 . GLU A 1 120 ? 0.727   -17.251 -2.355  1.00 46.05 ? 120 GLU A OE2 1 
ATOM   950  N  N   . VAL A 1 121 ? -1.880  -15.711 -7.764  1.00 24.22 ? 121 VAL A N   1 
ATOM   951  C  CA  . VAL A 1 121 ? -2.408  -14.495 -8.370  1.00 28.95 ? 121 VAL A CA  1 
ATOM   952  C  C   . VAL A 1 121 ? -3.783  -14.735 -8.993  1.00 30.47 ? 121 VAL A C   1 
ATOM   953  O  O   . VAL A 1 121 ? -4.710  -13.948 -8.791  1.00 30.08 ? 121 VAL A O   1 
ATOM   954  C  CB  . VAL A 1 121 ? -1.445  -13.958 -9.449  1.00 24.77 ? 121 VAL A CB  1 
ATOM   955  C  CG1 . VAL A 1 121 ? -1.950  -12.637 -10.001 1.00 28.35 ? 121 VAL A CG1 1 
ATOM   956  C  CG2 . VAL A 1 121 ? -0.051  -13.798 -8.872  1.00 41.98 ? 121 VAL A CG2 1 
ATOM   957  N  N   . ASP A 1 122 ? -3.917  -15.834 -9.732  1.00 40.29 ? 122 ASP A N   1 
ATOM   958  C  CA  . ASP A 1 122 ? -5.181  -16.179 -10.381 1.00 43.86 ? 122 ASP A CA  1 
ATOM   959  C  C   . ASP A 1 122 ? -6.275  -16.498 -9.365  1.00 45.13 ? 122 ASP A C   1 
ATOM   960  O  O   . ASP A 1 122 ? -7.460  -16.269 -9.625  1.00 44.27 ? 122 ASP A O   1 
ATOM   961  C  CB  . ASP A 1 122 ? -4.982  -17.349 -11.351 1.00 44.50 ? 122 ASP A CB  1 
ATOM   962  C  CG  . ASP A 1 122 ? -4.044  -17.002 -12.499 1.00 53.76 ? 122 ASP A CG  1 
ATOM   963  O  OD1 . ASP A 1 122 ? -3.864  -15.795 -12.791 1.00 52.06 ? 122 ASP A OD1 1 
ATOM   964  O  OD2 . ASP A 1 122 ? -3.480  -17.936 -13.107 1.00 59.44 ? 122 ASP A OD2 1 
ATOM   965  N  N   . GLU A 1 123 ? -5.869  -17.013 -8.207  1.00 41.99 ? 123 GLU A N   1 
ATOM   966  C  CA  . GLU A 1 123 ? -6.804  -17.338 -7.133  1.00 44.21 ? 123 GLU A CA  1 
ATOM   967  C  C   . GLU A 1 123 ? -7.340  -16.034 -6.542  1.00 42.96 ? 123 GLU A C   1 
ATOM   968  O  O   . GLU A 1 123 ? -8.532  -15.913 -6.251  1.00 43.21 ? 123 GLU A O   1 
ATOM   969  C  CB  . GLU A 1 123 ? -6.094  -18.149 -6.052  1.00 46.70 ? 123 GLU A CB  1 
ATOM   970  C  CG  . GLU A 1 123 ? -6.993  -18.635 -4.919  1.00 63.73 ? 123 GLU A CG  1 
ATOM   971  C  CD  . GLU A 1 123 ? -6.223  -19.415 -3.858  1.00 75.45 ? 123 GLU A CD  1 
ATOM   972  O  OE1 . GLU A 1 123 ? -5.273  -20.147 -4.220  1.00 79.15 ? 123 GLU A OE1 1 
ATOM   973  O  OE2 . GLU A 1 123 ? -6.563  -19.297 -2.661  1.00 80.13 ? 123 GLU A OE2 1 
ATOM   974  N  N   . MET A 1 124 ? -6.448  -15.055 -6.396  1.00 39.86 ? 124 MET A N   1 
ATOM   975  C  CA  . MET A 1 124 ? -6.791  -13.746 -5.854  1.00 31.10 ? 124 MET A CA  1 
ATOM   976  C  C   . MET A 1 124 ? -7.733  -13.005 -6.785  1.00 33.08 ? 124 MET A C   1 
ATOM   977  O  O   . MET A 1 124 ? -8.691  -12.377 -6.333  1.00 35.32 ? 124 MET A O   1 
ATOM   978  C  CB  . MET A 1 124 ? -5.532  -12.900 -5.652  1.00 30.02 ? 124 MET A CB  1 
ATOM   979  C  CG  . MET A 1 124 ? -4.494  -13.516 -4.736  1.00 41.85 ? 124 MET A CG  1 
ATOM   980  S  SD  . MET A 1 124 ? -3.069  -12.436 -4.461  1.00 42.78 ? 124 MET A SD  1 
ATOM   981  C  CE  . MET A 1 124 ? -3.051  -12.385 -2.668  1.00 45.34 ? 124 MET A CE  1 
ATOM   982  N  N   . ILE A 1 125 ? -7.456  -13.083 -8.086  1.00 34.89 ? 125 ILE A N   1 
ATOM   983  C  CA  . ILE A 1 125 ? -8.280  -12.410 -9.088  1.00 39.17 ? 125 ILE A CA  1 
ATOM   984  C  C   . ILE A 1 125 ? -9.716  -12.924 -9.071  1.00 40.68 ? 125 ILE A C   1 
ATOM   985  O  O   . ILE A 1 125 ? -10.657 -12.135 -9.146  1.00 40.40 ? 125 ILE A O   1 
ATOM   986  C  CB  . ILE A 1 125 ? -7.696  -12.555 -10.520 1.00 39.47 ? 125 ILE A CB  1 
ATOM   987  C  CG1 . ILE A 1 125 ? -6.316  -11.899 -10.600 1.00 41.41 ? 125 ILE A CG1 1 
ATOM   988  C  CG2 . ILE A 1 125 ? -8.632  -11.911 -11.551 1.00 33.85 ? 125 ILE A CG2 1 
ATOM   989  C  CD1 . ILE A 1 125 ? -6.313  -10.402 -10.323 1.00 42.40 ? 125 ILE A CD1 1 
ATOM   990  N  N   . ARG A 1 126 ? -9.881  -14.236 -8.926  1.00 41.52 ? 126 ARG A N   1 
ATOM   991  C  CA  . ARG A 1 126 ? -11.212 -14.834 -8.901  1.00 49.56 ? 126 ARG A CA  1 
ATOM   992  C  C   . ARG A 1 126 ? -12.028 -14.542 -7.649  1.00 48.39 ? 126 ARG A C   1 
ATOM   993  O  O   . ARG A 1 126 ? -13.261 -14.509 -7.707  1.00 55.79 ? 126 ARG A O   1 
ATOM   994  C  CB  . ARG A 1 126 ? -11.137 -16.343 -9.153  1.00 53.86 ? 126 ARG A CB  1 
ATOM   995  C  CG  . ARG A 1 126 ? -10.974 -16.703 -10.621 1.00 60.90 ? 126 ARG A CG  1 
ATOM   996  C  CD  . ARG A 1 126 ? -11.287 -18.167 -10.875 1.00 62.98 ? 126 ARG A CD  1 
ATOM   997  N  NE  . ARG A 1 126 ? -10.302 -19.063 -10.276 1.00 64.10 ? 126 ARG A NE  1 
ATOM   998  C  CZ  . ARG A 1 126 ? -9.095  -19.297 -10.786 1.00 63.00 ? 126 ARG A CZ  1 
ATOM   999  N  NH1 . ARG A 1 126 ? -8.711  -18.696 -11.905 1.00 55.39 ? 126 ARG A NH1 1 
ATOM   1000 N  NH2 . ARG A 1 126 ? -8.269  -20.131 -10.172 1.00 63.15 ? 126 ARG A NH2 1 
ATOM   1001 N  N   . GLU A 1 127 ? -11.354 -14.328 -6.523  1.00 44.25 ? 127 GLU A N   1 
ATOM   1002 C  CA  . GLU A 1 127 ? -12.058 -14.027 -5.278  1.00 43.37 ? 127 GLU A CA  1 
ATOM   1003 C  C   . GLU A 1 127 ? -12.705 -12.636 -5.372  1.00 43.29 ? 127 GLU A C   1 
ATOM   1004 O  O   . GLU A 1 127 ? -13.838 -12.440 -4.940  1.00 49.03 ? 127 GLU A O   1 
ATOM   1005 C  CB  . GLU A 1 127 ? -11.095 -14.072 -4.079  1.00 51.46 ? 127 GLU A CB  1 
ATOM   1006 C  CG  . GLU A 1 127 ? -10.205 -12.837 -3.940  1.00 71.89 ? 127 GLU A CG  1 
ATOM   1007 C  CD  . GLU A 1 127 ? -9.292  -12.876 -2.737  1.00 80.40 ? 127 GLU A CD  1 
ATOM   1008 O  OE1 . GLU A 1 127 ? -9.810  -12.832 -1.599  1.00 86.89 ? 127 GLU A OE1 1 
ATOM   1009 O  OE2 . GLU A 1 127 ? -8.056  -12.953 -2.929  1.00 84.43 ? 127 GLU A OE2 1 
ATOM   1010 N  N   . ALA A 1 128 ? -11.984 -11.684 -5.960  1.00 40.62 ? 128 ALA A N   1 
ATOM   1011 C  CA  . ALA A 1 128 ? -12.463 -10.311 -6.103  1.00 39.44 ? 128 ALA A CA  1 
ATOM   1012 C  C   . ALA A 1 128 ? -13.301 -10.068 -7.352  1.00 38.58 ? 128 ALA A C   1 
ATOM   1013 O  O   . ALA A 1 128 ? -13.997 -9.059  -7.438  1.00 38.96 ? 128 ALA A O   1 
ATOM   1014 C  CB  . ALA A 1 128 ? -11.285 -9.348  -6.077  1.00 34.44 ? 128 ALA A CB  1 
ATOM   1015 N  N   . ASP A 1 129 ? -13.203 -10.971 -8.325  1.00 39.12 ? 129 ASP A N   1 
ATOM   1016 C  CA  . ASP A 1 129 ? -13.946 -10.851 -9.582  1.00 44.74 ? 129 ASP A CA  1 
ATOM   1017 C  C   . ASP A 1 129 ? -15.417 -11.216 -9.385  1.00 46.39 ? 129 ASP A C   1 
ATOM   1018 O  O   . ASP A 1 129 ? -15.823 -12.365 -9.591  1.00 51.45 ? 129 ASP A O   1 
ATOM   1019 C  CB  . ASP A 1 129 ? -13.305 -11.748 -10.648 1.00 42.80 ? 129 ASP A CB  1 
ATOM   1020 C  CG  . ASP A 1 129 ? -13.940 -11.591 -12.021 1.00 40.71 ? 129 ASP A CG  1 
ATOM   1021 O  OD1 . ASP A 1 129 ? -14.466 -10.499 -12.332 1.00 22.23 ? 129 ASP A OD1 1 
ATOM   1022 O  OD2 . ASP A 1 129 ? -13.889 -12.568 -12.802 1.00 32.76 ? 129 ASP A OD2 1 
ATOM   1023 N  N   . VAL A 1 130 ? -16.204 -10.223 -8.980  1.00 46.00 ? 130 VAL A N   1 
ATOM   1024 C  CA  . VAL A 1 130 ? -17.628 -10.410 -8.734  1.00 48.17 ? 130 VAL A CA  1 
ATOM   1025 C  C   . VAL A 1 130 ? -18.412 -10.631 -10.025 1.00 47.77 ? 130 VAL A C   1 
ATOM   1026 O  O   . VAL A 1 130 ? -18.982 -11.703 -10.219 1.00 54.67 ? 130 VAL A O   1 
ATOM   1027 C  CB  . VAL A 1 130 ? -18.235 -9.208  -7.957  1.00 48.60 ? 130 VAL A CB  1 
ATOM   1028 C  CG1 . VAL A 1 130 ? -19.684 -9.495  -7.588  1.00 45.67 ? 130 VAL A CG1 1 
ATOM   1029 C  CG2 . VAL A 1 130 ? -17.428 -8.925  -6.704  1.00 42.88 ? 130 VAL A CG2 1 
ATOM   1030 N  N   . ASP A 1 131 ? -18.405 -9.639  -10.918 1.00 40.29 ? 131 ASP A N   1 
ATOM   1031 C  CA  . ASP A 1 131 ? -19.136 -9.734  -12.183 1.00 42.62 ? 131 ASP A CA  1 
ATOM   1032 C  C   . ASP A 1 131 ? -18.626 -10.804 -13.160 1.00 45.54 ? 131 ASP A C   1 
ATOM   1033 O  O   . ASP A 1 131 ? -19.187 -10.980 -14.244 1.00 46.70 ? 131 ASP A O   1 
ATOM   1034 C  CB  . ASP A 1 131 ? -19.231 -8.358  -12.872 1.00 43.29 ? 131 ASP A CB  1 
ATOM   1035 C  CG  . ASP A 1 131 ? -17.871 -7.764  -13.228 1.00 43.38 ? 131 ASP A CG  1 
ATOM   1036 O  OD1 . ASP A 1 131 ? -16.927 -8.527  -13.509 1.00 45.67 ? 131 ASP A OD1 1 
ATOM   1037 O  OD2 . ASP A 1 131 ? -17.755 -6.519  -13.253 1.00 41.89 ? 131 ASP A OD2 1 
ATOM   1038 N  N   . GLY A 1 132 ? -17.545 -11.483 -12.778 1.00 41.84 ? 132 GLY A N   1 
ATOM   1039 C  CA  . GLY A 1 132 ? -16.977 -12.541 -13.596 1.00 36.48 ? 132 GLY A CA  1 
ATOM   1040 C  C   . GLY A 1 132 ? -16.428 -12.200 -14.973 1.00 39.48 ? 132 GLY A C   1 
ATOM   1041 O  O   . GLY A 1 132 ? -16.668 -12.946 -15.920 1.00 48.37 ? 132 GLY A O   1 
ATOM   1042 N  N   . ASP A 1 133 ? -15.695 -11.095 -15.104 1.00 44.53 ? 133 ASP A N   1 
ATOM   1043 C  CA  . ASP A 1 133 ? -15.125 -10.730 -16.401 1.00 37.54 ? 133 ASP A CA  1 
ATOM   1044 C  C   . ASP A 1 133 ? -13.611 -10.970 -16.460 1.00 38.18 ? 133 ASP A C   1 
ATOM   1045 O  O   . ASP A 1 133 ? -12.926 -10.485 -17.364 1.00 38.93 ? 133 ASP A O   1 
ATOM   1046 C  CB  . ASP A 1 133 ? -15.477 -9.278  -16.786 1.00 40.54 ? 133 ASP A CB  1 
ATOM   1047 C  CG  . ASP A 1 133 ? -14.728 -8.230  -15.961 1.00 46.24 ? 133 ASP A CG  1 
ATOM   1048 O  OD1 . ASP A 1 133 ? -14.162 -8.569  -14.902 1.00 42.64 ? 133 ASP A OD1 1 
ATOM   1049 O  OD2 . ASP A 1 133 ? -14.710 -7.051  -16.380 1.00 36.36 ? 133 ASP A OD2 1 
ATOM   1050 N  N   . GLY A 1 134 ? -13.100 -11.714 -15.479 1.00 36.35 ? 134 GLY A N   1 
ATOM   1051 C  CA  . GLY A 1 134 ? -11.683 -12.031 -15.427 1.00 42.27 ? 134 GLY A CA  1 
ATOM   1052 C  C   . GLY A 1 134 ? -10.779 -10.944 -14.873 1.00 39.27 ? 134 GLY A C   1 
ATOM   1053 O  O   . GLY A 1 134 ? -9.613  -11.200 -14.563 1.00 41.84 ? 134 GLY A O   1 
ATOM   1054 N  N   . GLN A 1 135 ? -11.304 -9.727  -14.762 1.00 38.75 ? 135 GLN A N   1 
ATOM   1055 C  CA  . GLN A 1 135 ? -10.528 -8.608  -14.247 1.00 32.70 ? 135 GLN A CA  1 
ATOM   1056 C  C   . GLN A 1 135 ? -11.170 -8.005  -13.005 1.00 29.53 ? 135 GLN A C   1 
ATOM   1057 O  O   . GLN A 1 135 ? -12.186 -8.498  -12.526 1.00 30.42 ? 135 GLN A O   1 
ATOM   1058 C  CB  . GLN A 1 135 ? -10.327 -7.556  -15.337 1.00 33.06 ? 135 GLN A CB  1 
ATOM   1059 C  CG  . GLN A 1 135 ? -9.696  -8.129  -16.599 1.00 37.77 ? 135 GLN A CG  1 
ATOM   1060 C  CD  . GLN A 1 135 ? -8.759  -7.164  -17.287 1.00 51.27 ? 135 GLN A CD  1 
ATOM   1061 O  OE1 . GLN A 1 135 ? -8.872  -5.951  -17.135 1.00 63.47 ? 135 GLN A OE1 1 
ATOM   1062 N  NE2 . GLN A 1 135 ? -7.813  -7.704  -18.044 1.00 64.52 ? 135 GLN A NE2 1 
ATOM   1063 N  N   . VAL A 1 136 ? -10.550 -6.960  -12.466 1.00 32.38 ? 136 VAL A N   1 
ATOM   1064 C  CA  . VAL A 1 136 ? -11.044 -6.301  -11.257 1.00 27.80 ? 136 VAL A CA  1 
ATOM   1065 C  C   . VAL A 1 136 ? -11.223 -4.803  -11.488 1.00 16.37 ? 136 VAL A C   1 
ATOM   1066 O  O   . VAL A 1 136 ? -10.271 -4.109  -11.835 1.00 21.27 ? 136 VAL A O   1 
ATOM   1067 C  CB  . VAL A 1 136 ? -10.058 -6.512  -10.064 1.00 28.98 ? 136 VAL A CB  1 
ATOM   1068 C  CG1 . VAL A 1 136 ? -10.546 -5.789  -8.817  1.00 31.08 ? 136 VAL A CG1 1 
ATOM   1069 C  CG2 . VAL A 1 136 ? -9.884  -7.996  -9.775  1.00 33.22 ? 136 VAL A CG2 1 
ATOM   1070 N  N   . ASN A 1 137 ? -12.448 -4.314  -11.316 1.00 23.88 ? 137 ASN A N   1 
ATOM   1071 C  CA  . ASN A 1 137 ? -12.737 -2.890  -11.492 1.00 26.55 ? 137 ASN A CA  1 
ATOM   1072 C  C   . ASN A 1 137 ? -12.633 -2.147  -10.157 1.00 24.56 ? 137 ASN A C   1 
ATOM   1073 O  O   . ASN A 1 137 ? -12.301 -2.749  -9.137  1.00 24.32 ? 137 ASN A O   1 
ATOM   1074 C  CB  . ASN A 1 137 ? -14.125 -2.687  -12.118 1.00 26.01 ? 137 ASN A CB  1 
ATOM   1075 C  CG  . ASN A 1 137 ? -15.255 -3.205  -11.241 1.00 30.38 ? 137 ASN A CG  1 
ATOM   1076 O  OD1 . ASN A 1 137 ? -15.032 -3.686  -10.131 1.00 41.23 ? 137 ASN A OD1 1 
ATOM   1077 N  ND2 . ASN A 1 137 ? -16.482 -3.102  -11.740 1.00 35.01 ? 137 ASN A ND2 1 
ATOM   1078 N  N   . TYR A 1 138 ? -12.973 -0.860  -10.156 1.00 28.49 ? 138 TYR A N   1 
ATOM   1079 C  CA  . TYR A 1 138 ? -12.899 -0.047  -8.944  1.00 27.06 ? 138 TYR A CA  1 
ATOM   1080 C  C   . TYR A 1 138 ? -13.716 -0.554  -7.752  1.00 33.76 ? 138 TYR A C   1 
ATOM   1081 O  O   . TYR A 1 138 ? -13.197 -0.602  -6.637  1.00 39.38 ? 138 TYR A O   1 
ATOM   1082 C  CB  . TYR A 1 138 ? -13.262 1.409   -9.237  1.00 26.59 ? 138 TYR A CB  1 
ATOM   1083 C  CG  . TYR A 1 138 ? -13.057 2.326   -8.049  1.00 39.91 ? 138 TYR A CG  1 
ATOM   1084 C  CD1 . TYR A 1 138 ? -11.778 2.565   -7.539  1.00 40.05 ? 138 TYR A CD1 1 
ATOM   1085 C  CD2 . TYR A 1 138 ? -14.144 2.940   -7.420  1.00 34.67 ? 138 TYR A CD2 1 
ATOM   1086 C  CE1 . TYR A 1 138 ? -11.587 3.389   -6.426  1.00 42.33 ? 138 TYR A CE1 1 
ATOM   1087 C  CE2 . TYR A 1 138 ? -13.963 3.763   -6.306  1.00 39.78 ? 138 TYR A CE2 1 
ATOM   1088 C  CZ  . TYR A 1 138 ? -12.685 3.983   -5.817  1.00 42.63 ? 138 TYR A CZ  1 
ATOM   1089 O  OH  . TYR A 1 138 ? -12.509 4.788   -4.712  1.00 39.82 ? 138 TYR A OH  1 
ATOM   1090 N  N   . GLU A 1 139 ? -14.977 -0.921  -7.976  1.00 33.15 ? 139 GLU A N   1 
ATOM   1091 C  CA  . GLU A 1 139 ? -15.838 -1.408  -6.892  1.00 36.41 ? 139 GLU A CA  1 
ATOM   1092 C  C   . GLU A 1 139 ? -15.311 -2.673  -6.226  1.00 25.84 ? 139 GLU A C   1 
ATOM   1093 O  O   . GLU A 1 139 ? -15.404 -2.823  -5.008  1.00 34.43 ? 139 GLU A O   1 
ATOM   1094 C  CB  . GLU A 1 139 ? -17.269 -1.650  -7.384  1.00 40.16 ? 139 GLU A CB  1 
ATOM   1095 C  CG  . GLU A 1 139 ? -18.227 -2.085  -6.273  1.00 48.96 ? 139 GLU A CG  1 
ATOM   1096 C  CD  . GLU A 1 139 ? -19.634 -2.352  -6.773  1.00 59.56 ? 139 GLU A CD  1 
ATOM   1097 O  OE1 . GLU A 1 139 ? -20.336 -1.380  -7.128  1.00 57.88 ? 139 GLU A OE1 1 
ATOM   1098 O  OE2 . GLU A 1 139 ? -20.045 -3.533  -6.796  1.00 56.61 ? 139 GLU A OE2 1 
ATOM   1099 N  N   . GLU A 1 140 ? -14.797 -3.592  -7.034  1.00 31.33 ? 140 GLU A N   1 
ATOM   1100 C  CA  . GLU A 1 140 ? -14.245 -4.843  -6.526  1.00 30.64 ? 140 GLU A CA  1 
ATOM   1101 C  C   . GLU A 1 140 ? -12.914 -4.558  -5.841  1.00 35.80 ? 140 GLU A C   1 
ATOM   1102 O  O   . GLU A 1 140 ? -12.534 -5.237  -4.888  1.00 30.49 ? 140 GLU A O   1 
ATOM   1103 C  CB  . GLU A 1 140 ? -14.035 -5.823  -7.672  1.00 33.44 ? 140 GLU A CB  1 
ATOM   1104 C  CG  . GLU A 1 140 ? -15.319 -6.166  -8.397  1.00 34.22 ? 140 GLU A CG  1 
ATOM   1105 C  CD  . GLU A 1 140 ? -15.076 -6.836  -9.728  1.00 38.75 ? 140 GLU A CD  1 
ATOM   1106 O  OE1 . GLU A 1 140 ? -14.099 -6.463  -10.413 1.00 33.22 ? 140 GLU A OE1 1 
ATOM   1107 O  OE2 . GLU A 1 140 ? -15.872 -7.723  -10.099 1.00 40.48 ? 140 GLU A OE2 1 
ATOM   1108 N  N   . PHE A 1 141 ? -12.216 -3.543  -6.343  1.00 29.71 ? 141 PHE A N   1 
ATOM   1109 C  CA  . PHE A 1 141 ? -10.932 -3.117  -5.802  1.00 30.11 ? 141 PHE A CA  1 
ATOM   1110 C  C   . PHE A 1 141 ? -11.127 -2.568  -4.386  1.00 25.02 ? 141 PHE A C   1 
ATOM   1111 O  O   . PHE A 1 141 ? -10.421 -2.960  -3.460  1.00 28.13 ? 141 PHE A O   1 
ATOM   1112 C  CB  . PHE A 1 141 ? -10.320 -2.055  -6.726  1.00 29.38 ? 141 PHE A CB  1 
ATOM   1113 C  CG  . PHE A 1 141 ? -9.138  -1.335  -6.142  1.00 32.02 ? 141 PHE A CG  1 
ATOM   1114 C  CD1 . PHE A 1 141 ? -7.857  -1.856  -6.270  1.00 28.66 ? 141 PHE A CD1 1 
ATOM   1115 C  CD2 . PHE A 1 141 ? -9.304  -0.117  -5.485  1.00 35.07 ? 141 PHE A CD2 1 
ATOM   1116 C  CE1 . PHE A 1 141 ? -6.754  -1.173  -5.752  1.00 29.05 ? 141 PHE A CE1 1 
ATOM   1117 C  CE2 . PHE A 1 141 ? -8.213  0.572   -4.965  1.00 35.38 ? 141 PHE A CE2 1 
ATOM   1118 C  CZ  . PHE A 1 141 ? -6.934  0.045   -5.099  1.00 25.27 ? 141 PHE A CZ  1 
ATOM   1119 N  N   . VAL A 1 142 ? -12.108 -1.684  -4.221  1.00 26.25 ? 142 VAL A N   1 
ATOM   1120 C  CA  . VAL A 1 142 ? -12.399 -1.087  -2.920  1.00 27.46 ? 142 VAL A CA  1 
ATOM   1121 C  C   . VAL A 1 142 ? -12.784 -2.140  -1.879  1.00 33.69 ? 142 VAL A C   1 
ATOM   1122 O  O   . VAL A 1 142 ? -12.385 -2.047  -0.717  1.00 39.18 ? 142 VAL A O   1 
ATOM   1123 C  CB  . VAL A 1 142 ? -13.521 -0.029  -3.024  1.00 27.55 ? 142 VAL A CB  1 
ATOM   1124 C  CG1 . VAL A 1 142 ? -13.871 0.520   -1.644  1.00 23.14 ? 142 VAL A CG1 1 
ATOM   1125 C  CG2 . VAL A 1 142 ? -13.090 1.103   -3.952  1.00 20.05 ? 142 VAL A CG2 1 
ATOM   1126 N  N   . GLN A 1 143 ? -13.527 -3.155  -2.308  1.00 34.93 ? 143 GLN A N   1 
ATOM   1127 C  CA  . GLN A 1 143 ? -13.967 -4.228  -1.413  1.00 36.80 ? 143 GLN A CA  1 
ATOM   1128 C  C   . GLN A 1 143 ? -12.851 -5.120  -0.889  1.00 32.92 ? 143 GLN A C   1 
ATOM   1129 O  O   . GLN A 1 143 ? -12.869 -5.519  0.276   1.00 25.94 ? 143 GLN A O   1 
ATOM   1130 C  CB  . GLN A 1 143 ? -15.030 -5.086  -2.092  1.00 42.47 ? 143 GLN A CB  1 
ATOM   1131 C  CG  . GLN A 1 143 ? -16.435 -4.628  -1.793  1.00 57.75 ? 143 GLN A CG  1 
ATOM   1132 C  CD  . GLN A 1 143 ? -17.460 -5.310  -2.658  1.00 64.25 ? 143 GLN A CD  1 
ATOM   1133 O  OE1 . GLN A 1 143 ? -17.529 -6.539  -2.717  1.00 72.16 ? 143 GLN A OE1 1 
ATOM   1134 N  NE2 . GLN A 1 143 ? -18.259 -4.513  -3.354  1.00 68.51 ? 143 GLN A NE2 1 
ATOM   1135 N  N   . VAL A 1 144 ? -11.899 -5.448  -1.758  1.00 30.85 ? 144 VAL A N   1 
ATOM   1136 C  CA  . VAL A 1 144 ? -10.776 -6.300  -1.381  1.00 36.02 ? 144 VAL A CA  1 
ATOM   1137 C  C   . VAL A 1 144 ? -9.717  -5.542  -0.565  1.00 30.99 ? 144 VAL A C   1 
ATOM   1138 O  O   . VAL A 1 144 ? -9.232  -6.045  0.450   1.00 25.54 ? 144 VAL A O   1 
ATOM   1139 C  CB  . VAL A 1 144 ? -10.135 -6.989  -2.629  1.00 38.41 ? 144 VAL A CB  1 
ATOM   1140 C  CG1 . VAL A 1 144 ? -9.557  -5.962  -3.594  1.00 44.37 ? 144 VAL A CG1 1 
ATOM   1141 C  CG2 . VAL A 1 144 ? -9.061  -7.969  -2.199  1.00 45.25 ? 144 VAL A CG2 1 
ATOM   1142 N  N   . MET A 1 145 ? -9.409  -4.316  -0.982  1.00 23.56 ? 145 MET A N   1 
ATOM   1143 C  CA  . MET A 1 145 ? -8.417  -3.480  -0.303  1.00 30.21 ? 145 MET A CA  1 
ATOM   1144 C  C   . MET A 1 145 ? -8.801  -3.103  1.126   1.00 33.61 ? 145 MET A C   1 
ATOM   1145 O  O   . MET A 1 145 ? -7.996  -3.247  2.054   1.00 31.44 ? 145 MET A O   1 
ATOM   1146 C  CB  . MET A 1 145 ? -8.169  -2.206  -1.108  1.00 25.23 ? 145 MET A CB  1 
ATOM   1147 C  CG  . MET A 1 145 ? -7.364  -2.408  -2.376  1.00 33.67 ? 145 MET A CG  1 
ATOM   1148 S  SD  . MET A 1 145 ? -5.587  -2.516  -2.077  1.00 26.22 ? 145 MET A SD  1 
ATOM   1149 C  CE  . MET A 1 145 ? -5.148  -0.790  -2.017  1.00 25.45 ? 145 MET A CE  1 
ATOM   1150 N  N   . MET A 1 146 ? -10.030 -2.623  1.297   1.00 32.34 ? 146 MET A N   1 
ATOM   1151 C  CA  . MET A 1 146 ? -10.521 -2.198  2.608   1.00 30.30 ? 146 MET A CA  1 
ATOM   1152 C  C   . MET A 1 146 ? -11.125 -3.295  3.486   1.00 28.97 ? 146 MET A C   1 
ATOM   1153 O  O   . MET A 1 146 ? -11.652 -3.010  4.565   1.00 25.29 ? 146 MET A O   1 
ATOM   1154 C  CB  . MET A 1 146 ? -11.517 -1.049  2.441   1.00 24.99 ? 146 MET A CB  1 
ATOM   1155 C  CG  . MET A 1 146 ? -10.927 0.162   1.745   1.00 30.43 ? 146 MET A CG  1 
ATOM   1156 S  SD  . MET A 1 146 ? -9.282  0.594   2.400   1.00 34.88 ? 146 MET A SD  1 
ATOM   1157 C  CE  . MET A 1 146 ? -9.719  1.307   3.984   1.00 24.27 ? 146 MET A CE  1 
ATOM   1158 N  N   . ALA A 1 147 ? -11.033 -4.543  3.032   1.00 28.31 ? 147 ALA A N   1 
ATOM   1159 C  CA  . ALA A 1 147 ? -11.565 -5.683  3.778   1.00 38.25 ? 147 ALA A CA  1 
ATOM   1160 C  C   . ALA A 1 147 ? -10.867 -5.819  5.129   1.00 42.19 ? 147 ALA A C   1 
ATOM   1161 O  O   . ALA A 1 147 ? -9.645  -5.958  5.188   1.00 40.98 ? 147 ALA A O   1 
ATOM   1162 C  CB  . ALA A 1 147 ? -11.405 -6.961  2.978   1.00 34.62 ? 147 ALA A CB  1 
ATOM   1163 N  N   . LYS A 1 148 ? -11.657 -5.795  6.202   1.00 48.83 ? 148 LYS A N   1 
ATOM   1164 C  CA  . LYS A 1 148 ? -11.154 -5.891  7.576   1.00 57.53 ? 148 LYS A CA  1 
ATOM   1165 C  C   . LYS A 1 148 ? -10.416 -4.618  8.015   1.00 68.06 ? 148 LYS A C   1 
ATOM   1166 O  O   . LYS A 1 148 ? -10.654 -4.176  9.159   1.00 72.07 ? 148 LYS A O   1 
ATOM   1167 C  CB  . LYS A 1 148 ? -10.262 -7.131  7.750   1.00 49.71 ? 148 LYS A CB  1 
ATOM   1168 C  CG  . LYS A 1 148 ? -9.544  -7.212  9.091   1.00 54.28 ? 148 LYS A CG  1 
ATOM   1169 C  CD  . LYS A 1 148 ? -8.481  -8.295  9.073   1.00 65.84 ? 148 LYS A CD  1 
ATOM   1170 C  CE  . LYS A 1 148 ? -7.575  -8.201  10.288  1.00 67.90 ? 148 LYS A CE  1 
ATOM   1171 N  NZ  . LYS A 1 148 ? -6.439  -9.158  10.208  1.00 66.48 ? 148 LYS A NZ  1 
ATOM   1172 O  OXT . LYS A 1 148 ? -9.637  -4.053  7.213   1.00 80.66 ? 148 LYS A OXT 1 
ATOM   1173 N  N   . ARG B 2 1   ? -1.287  -15.407 3.271   1.00 39.35 ? 1   ARG B N   1 
ATOM   1174 C  CA  . ARG B 2 1   ? -2.730  -15.088 3.444   1.00 38.14 ? 1   ARG B CA  1 
ATOM   1175 C  C   . ARG B 2 1   ? -2.929  -13.580 3.458   1.00 36.83 ? 1   ARG B C   1 
ATOM   1176 O  O   . ARG B 2 1   ? -2.184  -12.858 4.119   1.00 41.00 ? 1   ARG B O   1 
ATOM   1177 C  CB  A ARG B 2 1   ? -3.259  -15.694 4.747   0.53 45.71 ? 1   ARG B CB  1 
ATOM   1178 C  CB  B ARG B 2 1   ? -3.259  -15.694 4.747   0.47 45.46 ? 1   ARG B CB  1 
ATOM   1179 C  CG  A ARG B 2 1   ? -4.723  -16.112 4.681   0.53 44.72 ? 1   ARG B CG  1 
ATOM   1180 C  CG  B ARG B 2 1   ? -4.723  -16.112 4.681   0.47 43.96 ? 1   ARG B CG  1 
ATOM   1181 C  CD  A ARG B 2 1   ? -4.892  -17.453 3.962   0.53 45.48 ? 1   ARG B CD  1 
ATOM   1182 C  CD  B ARG B 2 1   ? -5.637  -15.065 5.324   0.47 47.09 ? 1   ARG B CD  1 
ATOM   1183 N  NE  A ARG B 2 1   ? -4.089  -17.549 2.742   0.53 49.07 ? 1   ARG B NE  1 
ATOM   1184 N  NE  B ARG B 2 1   ? -7.058  -15.359 5.136   0.47 50.80 ? 1   ARG B NE  1 
ATOM   1185 C  CZ  A ARG B 2 1   ? -4.562  -17.428 1.505   0.53 46.62 ? 1   ARG B CZ  1 
ATOM   1186 C  CZ  B ARG B 2 1   ? -7.579  -16.579 5.038   0.47 52.54 ? 1   ARG B CZ  1 
ATOM   1187 N  NH1 A ARG B 2 1   ? -5.853  -17.203 1.296   0.53 46.58 ? 1   ARG B NH1 1 
ATOM   1188 N  NH1 B ARG B 2 1   ? -6.801  -17.651 5.108   0.47 48.63 ? 1   ARG B NH1 1 
ATOM   1189 N  NH2 A ARG B 2 1   ? -3.740  -17.551 0.472   0.53 43.46 ? 1   ARG B NH2 1 
ATOM   1190 N  NH2 B ARG B 2 1   ? -8.884  -16.723 4.850   0.47 49.15 ? 1   ARG B NH2 1 
ATOM   1191 N  N   . ARG B 2 2   ? -3.938  -13.115 2.726   1.00 31.64 ? 2   ARG B N   1 
ATOM   1192 C  CA  . ARG B 2 2   ? -4.249  -11.689 2.637   1.00 26.46 ? 2   ARG B CA  1 
ATOM   1193 C  C   . ARG B 2 2   ? -3.081  -10.858 2.106   1.00 21.58 ? 2   ARG B C   1 
ATOM   1194 O  O   . ARG B 2 2   ? -2.913  -9.696  2.484   1.00 19.84 ? 2   ARG B O   1 
ATOM   1195 C  CB  . ARG B 2 2   ? -4.718  -11.155 4.000   1.00 28.13 ? 2   ARG B CB  1 
ATOM   1196 C  CG  . ARG B 2 2   ? -6.080  -11.694 4.448   1.00 33.45 ? 2   ARG B CG  1 
ATOM   1197 C  CD  . ARG B 2 2   ? -6.531  -11.067 5.757   1.00 30.83 ? 2   ARG B CD  1 
ATOM   1198 N  NE  . ARG B 2 2   ? -6.445  -9.608  5.712   1.00 35.89 ? 2   ARG B NE  1 
ATOM   1199 C  CZ  . ARG B 2 2   ? -7.485  -8.788  5.590   1.00 41.54 ? 2   ARG B CZ  1 
ATOM   1200 N  NH1 . ARG B 2 2   ? -8.717  -9.274  5.497   1.00 49.58 ? 2   ARG B NH1 1 
ATOM   1201 N  NH2 . ARG B 2 2   ? -7.290  -7.475  5.573   1.00 32.46 ? 2   ARG B NH2 1 
ATOM   1202 N  N   . LYS B 2 3   ? -2.293  -11.454 1.208   1.00 19.53 ? 3   LYS B N   1 
ATOM   1203 C  CA  . LYS B 2 3   ? -1.137  -10.780 0.624   1.00 18.08 ? 3   LYS B CA  1 
ATOM   1204 C  C   . LYS B 2 3   ? -1.546  -9.546  -0.166  1.00 23.13 ? 3   LYS B C   1 
ATOM   1205 O  O   . LYS B 2 3   ? -0.773  -8.592  -0.278  1.00 20.59 ? 3   LYS B O   1 
ATOM   1206 C  CB  . LYS B 2 3   ? -0.337  -11.717 -0.288  1.00 24.19 ? 3   LYS B CB  1 
ATOM   1207 C  CG  . LYS B 2 3   ? 0.280   -12.931 0.395   1.00 33.36 ? 3   LYS B CG  1 
ATOM   1208 C  CD  . LYS B 2 3   ? 1.356   -13.544 -0.494  1.00 36.08 ? 3   LYS B CD  1 
ATOM   1209 C  CE  . LYS B 2 3   ? 1.685   -14.981 -0.106  1.00 38.94 ? 3   LYS B CE  1 
ATOM   1210 N  NZ  . LYS B 2 3   ? 2.132   -15.136 1.306   1.00 39.16 ? 3   LYS B NZ  1 
HETATM 1211 N  N   . TRF B 2 4   ? -2.754  -9.576  -0.729  1.00 18.58 ? 4   TRF B N   1 
HETATM 1212 C  CA  . TRF B 2 4   ? -3.272  -8.450  -1.502  1.00 18.93 ? 4   TRF B CA  1 
HETATM 1213 C  CB  . TRF B 2 4   ? -4.597  -8.826  -2.175  1.00 15.56 ? 4   TRF B CB  1 
HETATM 1214 C  CG  . TRF B 2 4   ? -4.972  -7.942  -3.335  1.00 25.57 ? 4   TRF B CG  1 
HETATM 1215 C  CD1 . TRF B 2 4   ? -4.534  -6.666  -3.582  1.00 26.31 ? 4   TRF B CD1 1 
HETATM 1216 N  NE1 . TRF B 2 4   ? -5.065  -6.200  -4.760  1.00 24.55 ? 4   TRF B NE1 1 
HETATM 1217 C  CE2 . TRF B 2 4   ? -5.871  -7.174  -5.299  1.00 25.64 ? 4   TRF B CE2 1 
HETATM 1218 C  CZ2 . TRF B 2 4   ? -6.627  -7.169  -6.478  1.00 32.79 ? 4   TRF B CZ2 1 
HETATM 1219 C  CH2 . TRF B 2 4   ? -7.349  -8.300  -6.774  1.00 33.57 ? 4   TRF B CH2 1 
HETATM 1220 C  CZ3 . TRF B 2 4   ? -7.336  -9.421  -5.926  1.00 27.66 ? 4   TRF B CZ3 1 
HETATM 1221 C  CE3 . TRF B 2 4   ? -6.584  -9.424  -4.752  1.00 26.99 ? 4   TRF B CE3 1 
HETATM 1222 C  CD2 . TRF B 2 4   ? -5.837  -8.285  -4.424  1.00 23.54 ? 4   TRF B CD2 1 
HETATM 1223 C  C   . TRF B 2 4   ? -3.499  -7.275  -0.560  1.00 12.73 ? 4   TRF B C   1 
HETATM 1224 C  C1  . TRF B 2 4   ? -4.722  -5.051  -5.359  0.95 19.16 ? 4   TRF B C1  1 
HETATM 1225 O  O1  . TRF B 2 4   ? -5.847  -4.402  -5.919  0.95 31.95 ? 4   TRF B O1  1 
HETATM 1226 O  O   . TRF B 2 4   ? -3.197  -6.132  -0.899  1.00 17.84 ? 4   TRF B O   1 
ATOM   1227 N  N   . GLN B 2 5   ? -4.039  -7.575  0.621   1.00 15.91 ? 5   GLN B N   1 
ATOM   1228 C  CA  . GLN B 2 5   ? -4.314  -6.556  1.624   1.00 20.15 ? 5   GLN B CA  1 
ATOM   1229 C  C   . GLN B 2 5   ? -3.019  -5.960  2.169   1.00 17.87 ? 5   GLN B C   1 
ATOM   1230 O  O   . GLN B 2 5   ? -2.900  -4.736  2.269   1.00 13.79 ? 5   GLN B O   1 
ATOM   1231 C  CB  . GLN B 2 5   ? -5.174  -7.123  2.761   1.00 20.38 ? 5   GLN B CB  1 
ATOM   1232 C  CG  . GLN B 2 5   ? -6.646  -7.367  2.401   1.00 28.49 ? 5   GLN B CG  1 
ATOM   1233 C  CD  . GLN B 2 5   ? -6.873  -8.631  1.580   1.00 27.44 ? 5   GLN B CD  1 
ATOM   1234 O  OE1 . GLN B 2 5   ? -6.014  -9.506  1.509   1.00 29.37 ? 5   GLN B OE1 1 
ATOM   1235 N  NE2 . GLN B 2 5   ? -8.043  -8.730  0.966   1.00 26.66 ? 5   GLN B NE2 1 
ATOM   1236 N  N   . LYS B 2 6   ? -2.056  -6.820  2.509   1.00 15.57 ? 6   LYS B N   1 
ATOM   1237 C  CA  . LYS B 2 6   ? -0.752  -6.377  3.023   1.00 17.23 ? 6   LYS B CA  1 
ATOM   1238 C  C   . LYS B 2 6   ? -0.141  -5.398  2.023   1.00 19.67 ? 6   LYS B C   1 
ATOM   1239 O  O   . LYS B 2 6   ? 0.315   -4.313  2.390   1.00 17.53 ? 6   LYS B O   1 
ATOM   1240 C  CB  . LYS B 2 6   ? 0.211   -7.559  3.183   1.00 22.51 ? 6   LYS B CB  1 
ATOM   1241 C  CG  . LYS B 2 6   ? 0.200   -8.280  4.530   1.00 29.45 ? 6   LYS B CG  1 
ATOM   1242 C  CD  . LYS B 2 6   ? -0.999  -9.184  4.697   1.00 36.87 ? 6   LYS B CD  1 
ATOM   1243 C  CE  . LYS B 2 6   ? -0.759  -10.249 5.758   1.00 44.02 ? 6   LYS B CE  1 
ATOM   1244 N  NZ  . LYS B 2 6   ? 0.174   -11.322 5.297   1.00 35.83 ? 6   LYS B NZ  1 
ATOM   1245 N  N   . THR B 2 7   ? -0.141  -5.805  0.753   1.00 16.04 ? 7   THR B N   1 
ATOM   1246 C  CA  . THR B 2 7   ? 0.380   -5.004  -0.348  1.00 13.88 ? 7   THR B CA  1 
ATOM   1247 C  C   . THR B 2 7   ? -0.382  -3.690  -0.437  1.00 11.51 ? 7   THR B C   1 
ATOM   1248 O  O   . THR B 2 7   ? 0.212   -2.633  -0.629  1.00 9.38  ? 7   THR B O   1 
ATOM   1249 C  CB  . THR B 2 7   ? 0.241   -5.764  -1.691  1.00 17.20 ? 7   THR B CB  1 
ATOM   1250 O  OG1 . THR B 2 7   ? 1.009   -6.971  -1.633  1.00 25.45 ? 7   THR B OG1 1 
ATOM   1251 C  CG2 . THR B 2 7   ? 0.734   -4.915  -2.860  1.00 19.88 ? 7   THR B CG2 1 
ATOM   1252 N  N   . GLY B 2 8   ? -1.700  -3.773  -0.263  1.00 12.95 ? 8   GLY B N   1 
ATOM   1253 C  CA  . GLY B 2 8   ? -2.545  -2.597  -0.327  1.00 8.54  ? 8   GLY B CA  1 
ATOM   1254 C  C   . GLY B 2 8   ? -2.245  -1.602  0.773   1.00 9.35  ? 8   GLY B C   1 
ATOM   1255 O  O   . GLY B 2 8   ? -2.308  -0.393  0.551   1.00 10.60 ? 8   GLY B O   1 
ATOM   1256 N  N   . HIS B 2 9   ? -1.924  -2.105  1.960   1.00 8.34  ? 9   HIS B N   1 
ATOM   1257 C  CA  . HIS B 2 9   ? -1.599  -1.241  3.090   1.00 10.38 ? 9   HIS B CA  1 
ATOM   1258 C  C   . HIS B 2 9   ? -0.382  -0.376  2.778   1.00 6.55  ? 9   HIS B C   1 
ATOM   1259 O  O   . HIS B 2 9   ? -0.338  0.790   3.158   1.00 12.72 ? 9   HIS B O   1 
ATOM   1260 C  CB  . HIS B 2 9   ? -1.312  -2.069  4.341   1.00 7.49  ? 9   HIS B CB  1 
ATOM   1261 C  CG  . HIS B 2 9   ? -2.472  -2.881  4.816   1.00 10.39 ? 9   HIS B CG  1 
ATOM   1262 N  ND1 . HIS B 2 9   ? -3.783  -2.531  4.559   1.00 10.17 ? 9   HIS B ND1 1 
ATOM   1263 C  CD2 . HIS B 2 9   ? -2.524  -4.018  5.549   1.00 12.56 ? 9   HIS B CD2 1 
ATOM   1264 C  CE1 . HIS B 2 9   ? -4.588  -3.419  5.119   1.00 14.40 ? 9   HIS B CE1 1 
ATOM   1265 N  NE2 . HIS B 2 9   ? -3.849  -4.327  5.724   1.00 16.33 ? 9   HIS B NE2 1 
ATOM   1266 N  N   . ALA B 2 10  ? 0.603   -0.954  2.094   1.00 12.07 ? 10  ALA B N   1 
ATOM   1267 C  CA  . ALA B 2 10  ? 1.826   -0.230  1.744   1.00 13.42 ? 10  ALA B CA  1 
ATOM   1268 C  C   . ALA B 2 10  ? 1.516   0.899   0.772   1.00 15.97 ? 10  ALA B C   1 
ATOM   1269 O  O   . ALA B 2 10  ? 1.911   2.051   0.989   1.00 9.91  ? 10  ALA B O   1 
ATOM   1270 C  CB  . ALA B 2 10  ? 2.851   -1.175  1.142   1.00 14.63 ? 10  ALA B CB  1 
ATOM   1271 N  N   . VAL B 2 11  ? 0.789   0.561   -0.290  1.00 16.73 ? 11  VAL B N   1 
ATOM   1272 C  CA  . VAL B 2 11  ? 0.397   1.531   -1.304  1.00 8.31  ? 11  VAL B CA  1 
ATOM   1273 C  C   . VAL B 2 11  ? -0.439  2.642   -0.666  1.00 8.17  ? 11  VAL B C   1 
ATOM   1274 O  O   . VAL B 2 11  ? -0.237  3.816   -0.962  1.00 9.51  ? 11  VAL B O   1 
ATOM   1275 C  CB  . VAL B 2 11  ? -0.406  0.850   -2.447  1.00 15.58 ? 11  VAL B CB  1 
ATOM   1276 C  CG1 . VAL B 2 11  ? -0.865  1.881   -3.452  1.00 11.39 ? 11  VAL B CG1 1 
ATOM   1277 C  CG2 . VAL B 2 11  ? 0.450   -0.202  -3.143  1.00 6.81  ? 11  VAL B CG2 1 
ATOM   1278 N  N   . ARG B 2 12  ? -1.345  2.268   0.239   1.00 4.78  ? 12  ARG B N   1 
ATOM   1279 C  CA  . ARG B 2 12  ? -2.191  3.242   0.918   1.00 6.49  ? 12  ARG B CA  1 
ATOM   1280 C  C   . ARG B 2 12  ? -1.381  4.164   1.825   1.00 12.14 ? 12  ARG B C   1 
ATOM   1281 O  O   . ARG B 2 12  ? -1.708  5.341   1.975   1.00 9.77  ? 12  ARG B O   1 
ATOM   1282 C  CB  . ARG B 2 12  ? -3.290  2.548   1.734   1.00 10.44 ? 12  ARG B CB  1 
ATOM   1283 C  CG  . ARG B 2 12  ? -4.417  1.931   0.898   1.00 19.08 ? 12  ARG B CG  1 
ATOM   1284 C  CD  . ARG B 2 12  ? -5.639  1.578   1.743   1.00 13.38 ? 12  ARG B CD  1 
ATOM   1285 N  NE  . ARG B 2 12  ? -5.349  0.597   2.791   1.00 19.78 ? 12  ARG B NE  1 
ATOM   1286 C  CZ  . ARG B 2 12  ? -5.516  0.821   4.095   1.00 16.09 ? 12  ARG B CZ  1 
ATOM   1287 N  NH1 . ARG B 2 12  ? -5.972  1.988   4.521   1.00 25.67 ? 12  ARG B NH1 1 
ATOM   1288 N  NH2 . ARG B 2 12  ? -5.215  -0.122  4.975   1.00 22.56 ? 12  ARG B NH2 1 
ATOM   1289 N  N   . ALA B 2 13  ? -0.331  3.621   2.438   1.00 11.78 ? 13  ALA B N   1 
ATOM   1290 C  CA  . ALA B 2 13  ? 0.523   4.409   3.322   1.00 9.75  ? 13  ALA B CA  1 
ATOM   1291 C  C   . ALA B 2 13  ? 1.168   5.535   2.523   1.00 6.52  ? 13  ALA B C   1 
ATOM   1292 O  O   . ALA B 2 13  ? 1.230   6.668   2.985   1.00 10.27 ? 13  ALA B O   1 
ATOM   1293 C  CB  . ALA B 2 13  ? 1.590   3.531   3.966   1.00 12.82 ? 13  ALA B CB  1 
ATOM   1294 N  N   . ILE B 2 14  ? 1.634   5.212   1.317   1.00 12.10 ? 14  ILE B N   1 
ATOM   1295 C  CA  . ILE B 2 14  ? 2.255   6.201   0.442   1.00 16.86 ? 14  ILE B CA  1 
ATOM   1296 C  C   . ILE B 2 14  ? 1.267   7.332   0.152   1.00 16.69 ? 14  ILE B C   1 
ATOM   1297 O  O   . ILE B 2 14  ? 1.623   8.508   0.238   1.00 15.99 ? 14  ILE B O   1 
ATOM   1298 C  CB  . ILE B 2 14  ? 2.726   5.560   -0.883  1.00 13.50 ? 14  ILE B CB  1 
ATOM   1299 C  CG1 . ILE B 2 14  ? 3.799   4.512   -0.591  1.00 23.14 ? 14  ILE B CG1 1 
ATOM   1300 C  CG2 . ILE B 2 14  ? 3.280   6.624   -1.819  1.00 16.71 ? 14  ILE B CG2 1 
ATOM   1301 C  CD1 . ILE B 2 14  ? 4.322   3.816   -1.817  1.00 24.60 ? 14  ILE B CD1 1 
ATOM   1302 N  N   . GLY B 2 15  ? 0.019   6.963   -0.152  1.00 19.38 ? 15  GLY B N   1 
ATOM   1303 C  CA  . GLY B 2 15  ? -1.011  7.949   -0.436  1.00 12.21 ? 15  GLY B CA  1 
ATOM   1304 C  C   . GLY B 2 15  ? -1.304  8.839   0.759   1.00 14.32 ? 15  GLY B C   1 
ATOM   1305 O  O   . GLY B 2 15  ? -1.565  10.032  0.606   1.00 18.06 ? 15  GLY B O   1 
ATOM   1306 N  N   . ARG B 2 16  ? -1.260  8.268   1.958   1.00 13.94 ? 16  ARG B N   1 
ATOM   1307 C  CA  . ARG B 2 16  ? -1.514  9.038   3.167   1.00 13.82 ? 16  ARG B CA  1 
ATOM   1308 C  C   . ARG B 2 16  ? -0.355  9.972   3.492   1.00 16.01 ? 16  ARG B C   1 
ATOM   1309 O  O   . ARG B 2 16  ? -0.560  11.043  4.064   1.00 25.39 ? 16  ARG B O   1 
ATOM   1310 C  CB  . ARG B 2 16  ? -1.812  8.109   4.346   1.00 11.55 ? 16  ARG B CB  1 
ATOM   1311 C  CG  . ARG B 2 16  ? -3.161  7.425   4.234   1.00 8.65  ? 16  ARG B CG  1 
ATOM   1312 C  CD  . ARG B 2 16  ? -3.422  6.515   5.411   1.00 14.91 ? 16  ARG B CD  1 
ATOM   1313 N  NE  . ARG B 2 16  ? -4.779  5.969   5.386   1.00 14.07 ? 16  ARG B NE  1 
ATOM   1314 C  CZ  . ARG B 2 16  ? -5.499  5.697   6.472   1.00 19.02 ? 16  ARG B CZ  1 
ATOM   1315 N  NH1 . ARG B 2 16  ? -5.004  5.919   7.680   1.00 16.54 ? 16  ARG B NH1 1 
ATOM   1316 N  NH2 . ARG B 2 16  ? -6.721  5.205   6.352   1.00 23.20 ? 16  ARG B NH2 1 
ATOM   1317 N  N   . LEU B 2 17  ? 0.860   9.558   3.145   1.00 16.69 ? 17  LEU B N   1 
ATOM   1318 C  CA  . LEU B 2 17  ? 2.047   10.372  3.380   1.00 18.77 ? 17  LEU B CA  1 
ATOM   1319 C  C   . LEU B 2 17  ? 2.122   11.526  2.388   1.00 27.61 ? 17  LEU B C   1 
ATOM   1320 O  O   . LEU B 2 17  ? 2.625   12.599  2.719   1.00 29.86 ? 17  LEU B O   1 
ATOM   1321 C  CB  . LEU B 2 17  ? 3.320   9.535   3.262   1.00 15.11 ? 17  LEU B CB  1 
ATOM   1322 C  CG  . LEU B 2 17  ? 3.641   8.614   4.431   1.00 21.35 ? 17  LEU B CG  1 
ATOM   1323 C  CD1 . LEU B 2 17  ? 4.926   7.852   4.147   1.00 19.77 ? 17  LEU B CD1 1 
ATOM   1324 C  CD2 . LEU B 2 17  ? 3.774   9.443   5.694   1.00 28.10 ? 17  LEU B CD2 1 
ATOM   1325 N  N   . SER B 2 18  ? 1.644   11.293  1.169   1.00 38.02 ? 18  SER B N   1 
ATOM   1326 C  CA  . SER B 2 18  ? 1.625   12.313  0.126   1.00 41.86 ? 18  SER B CA  1 
ATOM   1327 C  C   . SER B 2 18  ? 0.655   13.423  0.519   1.00 49.65 ? 18  SER B C   1 
ATOM   1328 O  O   . SER B 2 18  ? 0.777   14.560  0.050   1.00 55.47 ? 18  SER B O   1 
ATOM   1329 C  CB  . SER B 2 18  ? 1.181   11.705  -1.218  1.00 35.08 ? 18  SER B CB  1 
ATOM   1330 O  OG  . SER B 2 18  ? 2.099   10.724  -1.669  1.00 38.94 ? 18  SER B OG  1 
ATOM   1331 N  N   . SER B 2 19  ? -0.280  13.075  1.406   1.00 57.15 ? 19  SER B N   1 
ATOM   1332 C  CA  . SER B 2 19  ? -1.314  13.977  1.911   1.00 63.82 ? 19  SER B CA  1 
ATOM   1333 C  C   . SER B 2 19  ? -1.901  14.862  0.805   1.00 68.55 ? 19  SER B C   1 
ATOM   1334 O  O   . SER B 2 19  ? -1.808  16.095  0.845   1.00 69.79 ? 19  SER B O   1 
ATOM   1335 C  CB  . SER B 2 19  ? -0.778  14.821  3.086   1.00 61.09 ? 19  SER B CB  1 
ATOM   1336 O  OG  . SER B 2 19  ? 0.319   15.632  2.703   1.00 61.78 ? 19  SER B OG  1 
ATOM   1337 N  N   . SER B 2 20  ? -2.467  14.210  -0.208  1.00 75.80 ? 20  SER B N   1 
ATOM   1338 C  CA  . SER B 2 20  ? -3.087  14.878  -1.361  1.00 81.59 ? 20  SER B CA  1 
ATOM   1339 C  C   . SER B 2 20  ? -2.134  15.781  -2.173  1.00 80.22 ? 20  SER B C   1 
ATOM   1340 O  O   . SER B 2 20  ? -2.625  16.546  -3.027  1.00 77.78 ? 20  SER B O   1 
ATOM   1341 C  CB  . SER B 2 20  ? -4.351  15.658  -0.933  1.00 83.67 ? 20  SER B CB  1 
ATOM   1342 O  OG  . SER B 2 20  ? -4.043  16.765  -0.100  1.00 94.89 ? 20  SER B OG  1 
HETATM 1343 N  N   . NH2 B 2 21  ? -0.901  15.700  -1.969  1.00 76.02 ? 21  NH2 B N   1 
HETATM 1344 CA CA  . CA  C 3 .   ? 15.275  0.457   7.600   1.00 11.96 ? 151 CA  A CA  1 
HETATM 1345 CA CA  . CA  D 3 .   ? 10.594  8.935   13.993  1.00 7.63  ? 152 CA  A CA  1 
HETATM 1346 CA CA  . CA  E 3 .   ? -5.438  -2.594  -16.642 1.00 36.57 ? 153 CA  A CA  1 
HETATM 1347 CA CA  . CA  F 3 .   ? -14.613 -7.984  -12.456 1.00 33.33 ? 154 CA  A CA  1 
HETATM 1348 C  C   . ACT G 4 .   ? -6.941  5.184   2.834   0.96 25.11 ? 601 ACT B C   1 
HETATM 1349 O  O   . ACT G 4 .   ? -7.426  4.470   3.742   0.96 23.19 ? 601 ACT B O   1 
HETATM 1350 O  OXT . ACT G 4 .   ? -5.716  5.269   2.599   0.96 24.15 ? 601 ACT B OXT 1 
HETATM 1351 C  CH3 . ACT G 4 .   ? -7.901  5.998   1.964   0.96 29.28 ? 601 ACT B CH3 1 
HETATM 1352 O  O   . HOH H 5 .   ? 17.126  1.884   7.654   0.72 4.60  ? 201 HOH A O   1 
HETATM 1353 O  O   . HOH H 5 .   ? 11.212  6.714   14.835  1.00 13.26 ? 202 HOH A O   1 
HETATM 1354 O  O   . HOH H 5 .   ? -5.900  -4.830  -18.022 0.58 18.88 ? 203 HOH A O   1 
HETATM 1355 O  O   . HOH H 5 .   ? -14.595 -5.668  -13.590 1.00 32.86 ? 204 HOH A O   1 
HETATM 1356 O  O   . HOH H 5 .   ? 18.145  2.989   4.855   0.54 2.18  ? 209 HOH A O   1 
HETATM 1357 O  O   . HOH H 5 .   ? -3.325  -7.800  -18.435 0.77 61.55 ? 210 HOH A O   1 
HETATM 1358 O  O   . HOH H 5 .   ? 20.651  0.409   10.123  1.00 34.60 ? 213 HOH A O   1 
HETATM 1359 O  O   . HOH H 5 .   ? 8.315   6.018   18.672  1.00 27.70 ? 214 HOH A O   1 
HETATM 1360 O  O   . HOH H 5 .   ? -1.685  -4.388  -21.517 0.35 31.16 ? 217 HOH A O   1 
HETATM 1361 O  O   . HOH H 5 .   ? -19.059 -4.038  -12.815 0.48 48.42 ? 219 HOH A O   1 
HETATM 1362 O  O   . HOH H 5 .   ? 20.317  1.272   12.442  0.54 53.31 ? 225 HOH A O   1 
HETATM 1363 O  O   . HOH H 5 .   ? 15.208  4.617   15.621  0.23 35.00 ? 230 HOH A O   1 
HETATM 1364 O  O   . HOH H 5 .   ? 17.311  1.845   14.034  0.32 21.80 ? 231 HOH A O   1 
HETATM 1365 O  O   . HOH H 5 .   ? 16.886  6.920   12.616  0.76 25.76 ? 232 HOH A O   1 
HETATM 1366 O  O   . HOH H 5 .   ? -13.514 -6.303  -19.055 0.90 53.12 ? 233 HOH A O   1 
HETATM 1367 O  O   . HOH H 5 .   ? 11.197  -4.492  9.780   0.32 14.52 ? 234 HOH A O   1 
HETATM 1368 O  O   . HOH H 5 .   ? 11.738  14.969  10.586  0.90 15.75 ? 237 HOH A O   1 
HETATM 1369 O  O   . HOH H 5 .   ? 5.233   7.553   18.221  0.64 43.58 ? 238 HOH A O   1 
HETATM 1370 O  O   . HOH H 5 .   ? -19.201 -6.004  -7.359  0.93 58.71 ? 240 HOH A O   1 
HETATM 1371 O  O   . HOH H 5 .   ? 12.313  -6.590  5.932   0.52 23.11 ? 241 HOH A O   1 
HETATM 1372 O  O   . HOH H 5 .   ? 3.172   9.968   14.308  0.58 8.83  ? 242 HOH A O   1 
HETATM 1373 O  O   . HOH H 5 .   ? 4.744   14.771  14.620  0.61 39.06 ? 246 HOH A O   1 
HETATM 1374 O  O   . HOH H 5 .   ? -16.441 -13.297 -6.851  0.78 42.79 ? 248 HOH A O   1 
HETATM 1375 O  O   . HOH H 5 .   ? 11.428  -5.922  13.835  0.42 50.90 ? 249 HOH A O   1 
HETATM 1376 O  O   . HOH H 5 .   ? 15.734  16.954  10.690  1.00 70.00 ? 258 HOH A O   1 
HETATM 1377 O  O   . HOH H 5 .   ? 20.575  4.642   5.148   0.40 48.69 ? 262 HOH A O   1 
HETATM 1378 O  O   . HOH H 5 .   ? 13.047  2.559   16.049  0.42 35.68 ? 264 HOH A O   1 
HETATM 1379 O  O   . HOH H 5 .   ? -15.965 0.191   -13.159 0.34 57.41 ? 265 HOH A O   1 
HETATM 1380 O  O   . HOH H 5 .   ? 18.572  7.638   3.753   0.70 19.49 ? 266 HOH A O   1 
HETATM 1381 O  O   . HOH H 5 .   ? -3.145  -10.551 -17.168 0.49 8.59  ? 269 HOH A O   1 
HETATM 1382 O  O   . HOH H 5 .   ? -16.742 -0.651  -10.282 0.57 37.05 ? 270 HOH A O   1 
HETATM 1383 O  O   . HOH H 5 .   ? 9.933   0.291   14.769  0.79 7.48  ? 272 HOH A O   1 
HETATM 1384 O  O   . HOH H 5 .   ? -13.188 0.323   -12.796 0.83 24.41 ? 273 HOH A O   1 
HETATM 1385 O  O   . HOH H 5 .   ? -8.213  -14.165 -15.176 0.71 51.80 ? 275 HOH A O   1 
HETATM 1386 O  O   . HOH H 5 .   ? 15.878  8.902   6.531   0.77 10.01 ? 276 HOH A O   1 
HETATM 1387 O  O   . HOH H 5 .   ? 9.793   -2.570  14.383  0.63 21.24 ? 281 HOH A O   1 
HETATM 1388 O  O   . HOH H 5 .   ? 14.963  0.682   15.043  0.70 36.63 ? 283 HOH A O   1 
HETATM 1389 O  O   . HOH H 5 .   ? 18.547  8.763   8.038   0.67 41.60 ? 288 HOH A O   1 
HETATM 1390 O  O   . HOH H 5 .   ? 9.426   -3.599  -1.037  1.00 70.75 ? 290 HOH A O   1 
HETATM 1391 O  O   . HOH H 5 .   ? 2.230   12.954  14.206  0.83 38.66 ? 293 HOH A O   1 
HETATM 1392 O  O   . HOH H 5 .   ? -14.298 -12.676 -2.391  0.36 33.53 ? 297 HOH A O   1 
HETATM 1393 O  O   . HOH H 5 .   ? 10.953  -2.341  -3.402  0.59 12.84 ? 298 HOH A O   1 
HETATM 1394 O  O   . HOH H 5 .   ? -3.362  9.748   15.343  0.68 62.58 ? 309 HOH A O   1 
HETATM 1395 O  O   . HOH H 5 .   ? 5.292   -1.325  -10.308 1.00 52.85 ? 310 HOH A O   1 
HETATM 1396 O  O   . HOH H 5 .   ? -4.225  7.303   15.186  1.00 58.42 ? 312 HOH A O   1 
HETATM 1397 O  O   . HOH H 5 .   ? 14.011  0.504   -7.017  0.81 46.72 ? 321 HOH A O   1 
HETATM 1398 O  O   . HOH H 5 .   ? -3.649  8.759   17.987  0.76 35.21 ? 322 HOH A O   1 
HETATM 1399 O  O   . HOH H 5 .   ? -7.625  -12.392 19.605  0.52 60.47 ? 323 HOH A O   1 
HETATM 1400 O  O   . HOH H 5 .   ? -5.839  -10.890 20.823  0.88 49.15 ? 326 HOH A O   1 
HETATM 1401 O  O   . HOH H 5 .   ? -3.765  -11.142 21.690  0.36 22.19 ? 329 HOH A O   1 
HETATM 1402 O  O   . HOH H 5 .   ? 10.538  7.112   19.577  0.59 10.51 ? 330 HOH A O   1 
HETATM 1403 O  O   . HOH H 5 .   ? 0.416   5.815   21.665  0.55 35.71 ? 401 HOH A O   1 
HETATM 1404 O  O   . HOH H 5 .   ? 1.471   4.250   17.815  0.77 30.34 ? 402 HOH A O   1 
HETATM 1405 O  O   . HOH H 5 .   ? -2.521  3.204   16.704  0.75 57.09 ? 403 HOH A O   1 
HETATM 1406 O  O   . HOH H 5 .   ? -3.246  2.686   19.443  0.21 29.04 ? 404 HOH A O   1 
HETATM 1407 O  O   . HOH H 5 .   ? -5.391  3.278   21.072  0.38 50.22 ? 406 HOH A O   1 
HETATM 1408 O  O   . HOH H 5 .   ? -7.641  9.598   13.462  0.39 11.98 ? 407 HOH A O   1 
HETATM 1409 O  O   . HOH H 5 .   ? -4.014  0.520   17.212  0.81 63.10 ? 408 HOH A O   1 
HETATM 1410 O  O   . HOH H 5 .   ? -10.466 6.456   6.849   1.00 44.79 ? 418 HOH A O   1 
HETATM 1411 O  O   . HOH H 5 .   ? -5.749  1.644   7.403   0.70 21.41 ? 419 HOH A O   1 
HETATM 1412 O  O   . HOH H 5 .   ? -6.099  -3.968  8.970   1.00 55.01 ? 420 HOH A O   1 
HETATM 1413 O  O   . HOH H 5 .   ? -7.900  -4.071  4.904   0.87 32.51 ? 421 HOH A O   1 
HETATM 1414 O  O   . HOH H 5 .   ? -5.238  -2.233  1.922   0.85 8.00  ? 422 HOH A O   1 
HETATM 1415 O  O   . HOH H 5 .   ? -3.828  6.186   -1.940  0.47 5.71  ? 424 HOH A O   1 
HETATM 1416 O  O   . HOH H 5 .   ? -0.012  7.581   -4.593  0.71 24.12 ? 426 HOH A O   1 
HETATM 1417 O  O   . HOH H 5 .   ? -0.657  9.031   -7.286  0.70 38.93 ? 427 HOH A O   1 
HETATM 1418 O  O   . HOH H 5 .   ? 6.459   13.177  -5.115  1.00 45.90 ? 428 HOH A O   1 
HETATM 1419 O  O   . HOH H 5 .   ? 11.418  19.033  -4.507  0.97 36.29 ? 429 HOH A O   1 
HETATM 1420 O  O   . HOH H 5 .   ? 15.477  17.683  -3.228  0.94 14.80 ? 430 HOH A O   1 
HETATM 1421 O  O   . HOH H 5 .   ? 12.765  21.141  2.223   0.78 68.44 ? 431 HOH A O   1 
HETATM 1422 O  O   . HOH H 5 .   ? 16.386  18.338  1.056   0.73 33.68 ? 432 HOH A O   1 
HETATM 1423 O  O   . HOH H 5 .   ? 18.591  18.584  3.469   0.63 51.54 ? 433 HOH A O   1 
HETATM 1424 O  O   . HOH H 5 .   ? 18.038  11.426  3.697   0.54 9.77  ? 434 HOH A O   1 
HETATM 1425 O  O   . HOH H 5 .   ? -2.292  -11.779 19.755  0.59 29.55 ? 436 HOH A O   1 
HETATM 1426 O  O   . HOH H 5 .   ? -6.786  -8.523  19.541  0.63 58.23 ? 437 HOH A O   1 
HETATM 1427 O  O   . HOH H 5 .   ? 20.081  -3.711  10.818  1.00 36.26 ? 438 HOH A O   1 
HETATM 1428 O  O   . HOH H 5 .   ? 20.065  -3.590  13.692  1.00 67.81 ? 439 HOH A O   1 
HETATM 1429 O  O   . HOH H 5 .   ? -7.891  1.486   23.099  0.78 57.35 ? 440 HOH A O   1 
HETATM 1430 O  O   . HOH H 5 .   ? 10.980  -8.914  15.531  0.43 38.13 ? 441 HOH A O   1 
HETATM 1431 O  O   . HOH H 5 .   ? 9.009   -9.678  10.484  0.49 61.08 ? 442 HOH A O   1 
HETATM 1432 O  O   . HOH H 5 .   ? 7.142   -8.770  9.033   0.42 2.48  ? 443 HOH A O   1 
HETATM 1433 O  O   . HOH H 5 .   ? 6.134   -8.632  3.952   0.68 35.81 ? 444 HOH A O   1 
HETATM 1434 O  O   . HOH H 5 .   ? 2.776   -9.036  2.194   0.76 42.23 ? 445 HOH A O   1 
HETATM 1435 O  O   . HOH H 5 .   ? -4.926  -20.678 -9.769  0.30 3.73  ? 449 HOH A O   1 
HETATM 1436 O  O   . HOH H 5 .   ? -7.229  -18.363 -15.092 0.89 48.97 ? 450 HOH A O   1 
HETATM 1437 O  O   . HOH H 5 .   ? -17.092 -2.222  -14.532 0.33 53.22 ? 451 HOH A O   1 
HETATM 1438 O  O   . HOH H 5 .   ? -13.403 -5.461  15.487  0.62 64.35 ? 452 HOH A O   1 
HETATM 1439 O  O   . HOH H 5 .   ? -13.166 -0.756  16.126  0.27 60.44 ? 453 HOH A O   1 
HETATM 1440 O  O   . HOH H 5 .   ? -12.707 0.772   -18.235 0.61 49.01 ? 454 HOH A O   1 
HETATM 1441 O  O   . HOH H 5 .   ? -12.394 17.087  2.039   0.42 59.48 ? 457 HOH A O   1 
HETATM 1442 O  O   . HOH H 5 .   ? -12.676 -21.981 -8.904  0.74 57.08 ? 461 HOH A O   1 
HETATM 1443 O  O   . HOH H 5 .   ? -10.599 15.179  -5.981  0.67 51.61 ? 462 HOH A O   1 
HETATM 1444 O  O   . HOH H 5 .   ? 1.203   16.364  10.508  0.72 40.96 ? 464 HOH A O   1 
HETATM 1445 O  O   . HOH H 5 .   ? 17.056  13.974  13.723  0.90 43.44 ? 465 HOH A O   1 
HETATM 1446 O  O   . HOH H 5 .   ? 12.460  2.537   -11.710 0.60 24.97 ? 466 HOH A O   1 
HETATM 1447 O  O   . HOH H 5 .   ? 18.288  10.726  10.647  0.70 32.27 ? 467 HOH A O   1 
HETATM 1448 O  O   . HOH H 5 .   ? 15.383  -9.204  5.970   0.39 41.58 ? 468 HOH A O   1 
HETATM 1449 O  O   . HOH H 5 .   ? 6.182   -2.692  17.844  1.00 56.92 ? 469 HOH A O   1 
HETATM 1450 O  O   . HOH H 5 .   ? 8.221   -0.954  17.263  0.47 19.58 ? 470 HOH A O   1 
HETATM 1451 O  O   . HOH H 5 .   ? 12.729  -11.593 2.000   0.73 63.02 ? 471 HOH A O   1 
HETATM 1452 O  O   . HOH H 5 .   ? 13.019  -7.492  -2.233  0.88 56.06 ? 473 HOH A O   1 
HETATM 1453 O  O   . HOH H 5 .   ? 12.636  1.131   -9.481  0.30 30.07 ? 474 HOH A O   1 
HETATM 1454 O  O   . HOH H 5 .   ? 9.645   1.311   -11.831 0.24 24.16 ? 475 HOH A O   1 
HETATM 1455 O  O   . HOH H 5 .   ? 6.872   -0.390  -12.581 1.00 52.20 ? 476 HOH A O   1 
HETATM 1456 O  O   . HOH H 5 .   ? 10.699  5.841   -11.242 0.68 35.89 ? 477 HOH A O   1 
HETATM 1457 O  O   . HOH H 5 .   ? -7.204  9.775   16.384  0.25 2.00  ? 478 HOH A O   1 
HETATM 1458 O  O   . HOH H 5 .   ? 8.488   19.568  6.557   0.52 52.37 ? 479 HOH A O   1 
HETATM 1459 O  O   . HOH H 5 .   ? 11.119  -10.252 0.661   0.63 52.78 ? 480 HOH A O   1 
HETATM 1460 O  O   . HOH H 5 .   ? 0.362   -7.719  17.033  0.71 33.20 ? 481 HOH A O   1 
HETATM 1461 O  O   . HOH H 5 .   ? -4.471  -10.927 9.540   1.00 41.85 ? 482 HOH A O   1 
HETATM 1462 O  O   . HOH H 5 .   ? -21.784 -14.933 -9.831  0.57 49.95 ? 484 HOH A O   1 
HETATM 1463 O  O   . HOH H 5 .   ? 1.041   -16.135 -16.700 0.63 37.40 ? 485 HOH A O   1 
HETATM 1464 O  O   . HOH H 5 .   ? 9.720   -19.187 -5.231  0.61 40.49 ? 486 HOH A O   1 
HETATM 1465 O  O   . HOH H 5 .   ? 6.115   18.150  5.152   0.48 8.27  ? 487 HOH A O   1 
HETATM 1466 O  O   . HOH H 5 .   ? 4.899   18.167  7.527   0.86 46.68 ? 491 HOH A O   1 
HETATM 1467 O  O   . HOH H 5 .   ? 21.472  0.617   2.159   0.77 54.92 ? 492 HOH A O   1 
HETATM 1468 O  O   . HOH H 5 .   ? -4.239  0.672   -22.321 1.00 59.52 ? 493 HOH A O   1 
HETATM 1469 O  O   . HOH H 5 .   ? 16.285  14.733  9.175   0.50 60.62 ? 494 HOH A O   1 
HETATM 1470 O  O   . HOH H 5 .   ? 17.870  16.463  6.641   0.82 58.46 ? 495 HOH A O   1 
HETATM 1471 O  O   . HOH H 5 .   ? -3.988  -16.813 -3.227  0.76 44.51 ? 497 HOH A O   1 
HETATM 1472 O  O   . HOH H 5 .   ? 6.085   -1.156  -15.199 0.32 63.42 ? 499 HOH A O   1 
HETATM 1473 O  O   . HOH H 5 .   ? 9.986   -2.049  -12.992 0.25 72.23 ? 500 HOH A O   1 
HETATM 1474 O  O   . HOH H 5 .   ? 12.145  -0.928  -11.331 0.54 69.44 ? 501 HOH A O   1 
HETATM 1475 O  O   . HOH H 5 .   ? -9.440  -10.878 0.076   0.63 59.31 ? 502 HOH A O   1 
HETATM 1476 O  O   . HOH H 5 .   ? 20.177  2.609   7.677   0.52 16.63 ? 503 HOH A O   1 
HETATM 1477 O  O   . HOH H 5 .   ? 12.825  5.239   13.641  1.00 49.12 ? 504 HOH A O   1 
HETATM 1478 O  O   . HOH H 5 .   ? 17.597  -0.362  3.409   0.50 19.35 ? 505 HOH A O   1 
HETATM 1479 O  O   . HOH H 5 .   ? 7.411   8.394   17.434  1.00 19.54 ? 506 HOH A O   1 
HETATM 1480 O  O   . HOH I 5 .   ? -8.237  -0.499  9.104   0.27 54.58 ? 409 HOH B O   1 
HETATM 1481 O  O   . HOH I 5 .   ? -7.453  -1.428  6.592   0.95 53.52 ? 410 HOH B O   1 
HETATM 1482 O  O   . HOH I 5 .   ? -10.354 -0.239  6.867   0.96 67.29 ? 413 HOH B O   1 
HETATM 1483 O  O   . HOH I 5 .   ? -9.386  2.861   6.872   0.81 61.94 ? 416 HOH B O   1 
HETATM 1484 O  O   . HOH I 5 .   ? -10.283 4.989   4.211   0.63 26.99 ? 417 HOH B O   1 
HETATM 1485 O  O   . HOH I 5 .   ? -4.182  6.560   0.854   1.00 16.52 ? 423 HOH B O   1 
HETATM 1486 O  O   . HOH I 5 .   ? -1.148  5.712   -3.281  0.49 3.15  ? 425 HOH B O   1 
HETATM 1487 O  O   . HOH I 5 .   ? 1.831   -11.922 3.114   1.00 53.81 ? 446 HOH B O   1 
HETATM 1488 O  O   . HOH I 5 .   ? -0.638  -16.758 0.522   0.92 70.23 ? 447 HOH B O   1 
HETATM 1489 O  O   . HOH I 5 .   ? -5.592  -19.925 2.048   0.57 71.29 ? 448 HOH B O   1 
HETATM 1490 O  O   . HOH I 5 .   ? 0.365   12.263  6.859   0.70 38.72 ? 463 HOH B O   1 
HETATM 1491 O  O   . HOH I 5 .   ? -2.240  -16.217 -1.777  1.00 70.91 ? 496 HOH B O   1 
HETATM 1492 O  O   . HOH I 5 .   ? -1.088  -18.584 1.231   0.74 74.51 ? 498 HOH B O   1 
# 
